data_9MYU
#
_entry.id   9MYU
#
_cell.length_a   51.897
_cell.length_b   119.079
_cell.length_c   165.256
_cell.angle_alpha   90.00
_cell.angle_beta   90.06
_cell.angle_gamma   90.00
#
_symmetry.space_group_name_H-M   'P 1 21 1'
#
loop_
_entity.id
_entity.type
_entity.pdbx_description
1 polymer 'Nitric oxide synthase, brain'
2 non-polymer 'PROTOPORPHYRIN IX CONTAINING FE'
3 non-polymer 5,6,7,8-TETRAHYDROBIOPTERIN
4 non-polymer (7P)-7-[3-(aminomethyl)phenyl]-6-fluoro-4-methylquinolin-2-amine
5 non-polymer GLYCEROL
6 non-polymer 'ZINC ION'
7 water water
#
_entity_poly.entity_id   1
_entity_poly.type   'polypeptide(L)'
_entity_poly.pdbx_seq_one_letter_code
;CPRFLKVKNWETEVVLTDTLHLKSTLETGCTEYICMGSIMHPSQHARRPEDVATKDQLFPLAKEFIDQYYSSIKRFGSKA
HMERLEEVNKEIDTTSTYQLKDTELIYGAKHAWRNASRCVGRIQWSKLQVFDARDCTTAHGMFNYICNHVKYATNKGNLR
SAITIFPQRTDGKHDFRVWNSQLIRYAGYKQPDGSTLGDPANVQFTEICIQQGWKPPRGRFDVLPLLLQANGNDPELFQI
PPELVLEVPIRHPKFEWFKDLGLKWYGLPAVSNMLLEIGGLEFSACPFSGWYMGTEIGVRDYCDNSRYNILEEVAKKMNL
DMRKTSSLWKDQALVEINIAVLYSFQSDKVTIVDHHSATESFIKHMENEYRCRGGCPADWVWIVPPMSGSITPVFHQEML
NYRLTPSFEYQPDPWNTHVWKLV
;
_entity_poly.pdbx_strand_id   A,B,C,D
#
loop_
_chem_comp.id
_chem_comp.type
_chem_comp.name
_chem_comp.formula
A1BUD non-polymer (7P)-7-[3-(aminomethyl)phenyl]-6-fluoro-4-methylquinolin-2-amine 'C17 H16 F N3'
GOL non-polymer GLYCEROL 'C3 H8 O3'
H4B non-polymer 5,6,7,8-TETRAHYDROBIOPTERIN 'C9 H15 N5 O3'
HEM non-polymer 'PROTOPORPHYRIN IX CONTAINING FE' 'C34 H32 Fe N4 O4'
ZN non-polymer 'ZINC ION' 'Zn 2'
#
# COMPACT_ATOMS: atom_id res chain seq x y z
N ARG A 3 20.82 18.29 -1.36
CA ARG A 3 22.13 18.80 -1.75
C ARG A 3 22.30 18.81 -3.27
N PHE A 4 22.90 19.88 -3.81
CA PHE A 4 23.29 19.92 -5.21
C PHE A 4 24.28 18.80 -5.50
N LEU A 5 24.30 18.35 -6.75
CA LEU A 5 25.25 17.36 -7.23
C LEU A 5 25.76 17.77 -8.60
N LYS A 6 27.06 17.57 -8.84
CA LYS A 6 27.70 18.08 -10.05
C LYS A 6 28.10 16.94 -10.96
N VAL A 7 27.92 17.13 -12.26
CA VAL A 7 28.35 16.16 -13.26
C VAL A 7 29.28 16.87 -14.21
N LYS A 8 30.30 16.16 -14.68
CA LYS A 8 31.34 16.77 -15.48
C LYS A 8 31.50 15.99 -16.77
N ASN A 9 31.77 16.71 -17.85
CA ASN A 9 32.18 16.12 -19.12
C ASN A 9 33.69 16.25 -19.25
N TRP A 10 34.39 15.10 -19.29
CA TRP A 10 35.85 15.11 -19.25
C TRP A 10 36.49 15.45 -20.58
N GLU A 11 35.70 15.60 -21.64
CA GLU A 11 36.22 16.08 -22.92
C GLU A 11 36.12 17.59 -23.07
N THR A 12 35.20 18.24 -22.35
CA THR A 12 34.99 19.67 -22.48
C THR A 12 35.11 20.41 -21.16
N GLU A 13 35.05 19.72 -20.03
CA GLU A 13 35.15 20.25 -18.68
C GLU A 13 33.93 21.06 -18.30
N VAL A 14 32.88 21.04 -19.13
CA VAL A 14 31.61 21.61 -18.72
C VAL A 14 31.09 20.82 -17.52
N VAL A 15 30.73 21.54 -16.48
CA VAL A 15 30.12 20.97 -15.28
C VAL A 15 28.66 21.40 -15.26
N LEU A 16 27.79 20.49 -14.84
CA LEU A 16 26.39 20.78 -14.63
C LEU A 16 26.03 20.46 -13.18
N THR A 17 25.08 21.21 -12.65
CA THR A 17 24.67 21.09 -11.25
C THR A 17 23.25 20.57 -11.22
N ASP A 18 23.03 19.50 -10.44
CA ASP A 18 21.78 18.78 -10.43
C ASP A 18 21.06 19.01 -9.12
N THR A 19 19.88 19.64 -9.20
CA THR A 19 18.92 19.73 -8.10
C THR A 19 17.69 18.86 -8.33
N LEU A 20 17.39 18.52 -9.59
CA LEU A 20 16.18 17.76 -9.89
C LEU A 20 16.10 16.46 -9.10
N HIS A 21 17.25 15.80 -8.88
CA HIS A 21 17.25 14.53 -8.15
C HIS A 21 16.56 14.64 -6.79
N LEU A 22 16.40 15.84 -6.23
CA LEU A 22 15.70 15.95 -4.95
C LEU A 22 14.25 15.54 -5.05
N LYS A 23 13.68 15.54 -6.25
CA LYS A 23 12.30 15.12 -6.48
C LYS A 23 12.17 13.63 -6.71
N SER A 24 13.26 12.91 -6.83
CA SER A 24 13.18 11.50 -7.16
C SER A 24 12.34 10.76 -6.12
N THR A 25 11.64 9.72 -6.57
CA THR A 25 10.65 9.03 -5.75
C THR A 25 11.05 7.60 -5.41
N LEU A 26 11.39 6.79 -6.40
CA LEU A 26 11.62 5.36 -6.19
C LEU A 26 13.10 5.05 -6.00
N GLU A 27 13.36 3.99 -5.24
CA GLU A 27 14.72 3.52 -5.06
C GLU A 27 15.31 3.10 -6.40
N THR A 28 16.63 3.28 -6.53
CA THR A 28 17.38 2.83 -7.70
C THR A 28 17.89 1.40 -7.53
N GLY A 29 17.89 0.88 -6.31
CA GLY A 29 18.49 -0.38 -6.00
C GLY A 29 19.85 -0.24 -5.33
N CYS A 30 20.49 0.90 -5.50
CA CYS A 30 21.82 1.12 -4.94
C CYS A 30 21.73 1.40 -3.44
N THR A 31 22.88 1.30 -2.78
CA THR A 31 23.05 1.80 -1.42
C THR A 31 24.40 2.51 -1.37
N GLU A 32 24.71 3.14 -0.24
CA GLU A 32 26.02 3.73 -0.12
C GLU A 32 27.12 2.67 -0.14
N TYR A 33 26.79 1.40 0.12
CA TYR A 33 27.77 0.33 0.07
C TYR A 33 27.72 -0.50 -1.21
N ILE A 34 26.71 -0.35 -2.05
CA ILE A 34 26.64 -1.21 -3.23
C ILE A 34 25.98 -0.48 -4.38
N CYS A 35 26.59 -0.56 -5.55
CA CYS A 35 26.03 0.03 -6.75
C CYS A 35 25.48 -1.07 -7.63
N MET A 36 24.24 -0.89 -8.10
CA MET A 36 23.60 -1.87 -8.96
C MET A 36 23.31 -1.34 -10.35
N GLY A 37 24.08 -0.34 -10.80
CA GLY A 37 23.82 0.35 -12.05
C GLY A 37 23.96 -0.46 -13.32
N SER A 38 24.26 -1.75 -13.23
CA SER A 38 24.30 -2.62 -14.40
C SER A 38 23.37 -3.81 -14.24
N ILE A 39 22.57 -3.83 -13.18
CA ILE A 39 21.46 -4.75 -13.04
C ILE A 39 20.32 -4.31 -13.95
N MET A 40 19.76 -5.24 -14.74
CA MET A 40 18.73 -4.87 -15.70
C MET A 40 17.46 -4.34 -14.99
N HIS A 41 17.00 -5.03 -13.95
CA HIS A 41 15.86 -4.60 -13.12
C HIS A 41 16.30 -4.54 -11.66
N PRO A 42 17.02 -3.49 -11.25
CA PRO A 42 17.58 -3.48 -9.88
C PRO A 42 16.52 -3.49 -8.79
N SER A 43 15.47 -2.69 -8.95
CA SER A 43 14.53 -2.43 -7.88
C SER A 43 13.17 -3.07 -8.19
N GLN A 44 12.38 -3.25 -7.14
CA GLN A 44 10.98 -3.60 -7.29
C GLN A 44 10.07 -2.63 -6.55
N HIS A 45 10.63 -1.49 -6.10
CA HIS A 45 9.90 -0.43 -5.42
C HIS A 45 8.78 0.11 -6.29
N ALA A 46 7.60 -0.54 -6.24
CA ALA A 46 6.39 0.01 -6.85
C ALA A 46 5.87 1.13 -5.97
N ARG A 47 4.67 1.62 -6.25
CA ARG A 47 4.11 2.71 -5.48
C ARG A 47 2.80 2.37 -4.78
N ARG A 48 2.23 1.19 -5.04
CA ARG A 48 1.06 0.72 -4.31
C ARG A 48 1.02 -0.79 -4.44
N PRO A 49 0.20 -1.47 -3.63
CA PRO A 49 -0.07 -2.89 -3.90
C PRO A 49 -0.56 -3.08 -5.33
N GLU A 50 -0.08 -4.17 -5.95
CA GLU A 50 -0.22 -4.40 -7.40
C GLU A 50 -1.63 -4.12 -7.91
N ASP A 51 -2.64 -4.57 -7.18
CA ASP A 51 -4.02 -4.29 -7.52
C ASP A 51 -4.60 -3.31 -6.50
N VAL A 52 -5.89 -2.98 -6.69
CA VAL A 52 -6.57 -1.84 -6.07
C VAL A 52 -6.06 -1.52 -4.68
N ALA A 53 -5.42 -0.35 -4.54
CA ALA A 53 -4.98 0.14 -3.26
C ALA A 53 -6.18 0.63 -2.45
N THR A 54 -5.91 1.14 -1.25
CA THR A 54 -6.92 1.84 -0.50
C THR A 54 -6.87 3.33 -0.82
N LYS A 55 -7.83 4.08 -0.29
CA LYS A 55 -7.91 5.50 -0.58
C LYS A 55 -6.66 6.25 -0.08
N ASP A 56 -6.18 5.91 1.12
CA ASP A 56 -4.98 6.55 1.66
C ASP A 56 -3.70 6.09 0.96
N GLN A 57 -3.78 5.06 0.11
CA GLN A 57 -2.63 4.65 -0.68
C GLN A 57 -2.64 5.27 -2.07
N LEU A 58 -3.82 5.39 -2.69
CA LEU A 58 -3.86 5.92 -4.05
C LEU A 58 -3.90 7.44 -4.07
N PHE A 59 -4.69 8.05 -3.19
CA PHE A 59 -4.85 9.49 -3.26
C PHE A 59 -3.55 10.26 -3.14
N PRO A 60 -2.63 9.93 -2.21
CA PRO A 60 -1.36 10.69 -2.17
C PRO A 60 -0.62 10.73 -3.48
N LEU A 61 -0.58 9.61 -4.20
CA LEU A 61 0.11 9.58 -5.49
C LEU A 61 -0.59 10.46 -6.51
N ALA A 62 -1.93 10.47 -6.50
CA ALA A 62 -2.69 11.31 -7.42
C ALA A 62 -2.49 12.79 -7.09
N LYS A 63 -2.61 13.15 -5.81
CA LYS A 63 -2.39 14.53 -5.40
C LYS A 63 -1.00 15.00 -5.79
N GLU A 64 -0.01 14.10 -5.73
CA GLU A 64 1.31 14.41 -6.26
C GLU A 64 1.25 14.80 -7.74
N PHE A 65 0.64 13.95 -8.56
CA PHE A 65 0.68 14.21 -10.01
C PHE A 65 -0.12 15.45 -10.38
N ILE A 66 -1.34 15.56 -9.85
CA ILE A 66 -2.15 16.74 -10.15
C ILE A 66 -1.40 18.01 -9.76
N ASP A 67 -0.82 18.02 -8.55
CA ASP A 67 -0.04 19.17 -8.07
C ASP A 67 1.05 19.54 -9.06
N GLN A 68 1.82 18.53 -9.51
CA GLN A 68 2.86 18.74 -10.51
C GLN A 68 2.30 19.28 -11.83
N TYR A 69 1.17 18.74 -12.29
CA TYR A 69 0.63 19.19 -13.59
C TYR A 69 0.18 20.64 -13.53
N TYR A 70 -0.51 21.02 -12.44
CA TYR A 70 -0.93 22.41 -12.33
C TYR A 70 0.24 23.33 -12.03
N SER A 71 1.25 22.83 -11.31
CA SER A 71 2.50 23.58 -11.18
C SER A 71 3.15 23.78 -12.54
N SER A 72 3.08 22.77 -13.39
CA SER A 72 3.67 22.88 -14.73
C SER A 72 3.04 24.04 -15.50
N ILE A 73 1.72 24.21 -15.40
CA ILE A 73 0.98 25.18 -16.21
C ILE A 73 0.78 26.52 -15.50
N LYS A 74 1.62 26.84 -14.52
CA LYS A 74 1.57 28.14 -13.81
C LYS A 74 0.17 28.39 -13.22
N ARG A 75 -0.34 27.38 -12.49
CA ARG A 75 -1.68 27.48 -11.93
C ARG A 75 -1.79 26.78 -10.58
N PHE A 76 -0.69 26.69 -9.84
CA PHE A 76 -0.73 26.00 -8.55
C PHE A 76 -1.68 26.71 -7.60
N GLY A 77 -2.55 25.95 -6.94
CA GLY A 77 -3.48 26.50 -5.97
C GLY A 77 -4.67 27.23 -6.56
N SER A 78 -4.85 27.17 -7.88
CA SER A 78 -5.86 27.95 -8.57
C SER A 78 -7.23 27.31 -8.38
N LYS A 79 -8.22 27.84 -9.09
CA LYS A 79 -9.56 27.28 -9.00
C LYS A 79 -9.60 25.86 -9.55
N ALA A 80 -9.14 25.67 -10.78
CA ALA A 80 -9.17 24.35 -11.38
C ALA A 80 -8.42 23.33 -10.52
N HIS A 81 -7.27 23.74 -9.97
CA HIS A 81 -6.43 22.81 -9.21
C HIS A 81 -7.15 22.32 -7.96
N MET A 82 -7.67 23.24 -7.14
CA MET A 82 -8.38 22.84 -5.93
C MET A 82 -9.59 21.97 -6.25
N GLU A 83 -10.36 22.34 -7.28
CA GLU A 83 -11.52 21.54 -7.63
C GLU A 83 -11.12 20.17 -8.11
N ARG A 84 -10.03 20.08 -8.88
CA ARG A 84 -9.60 18.79 -9.40
C ARG A 84 -9.25 17.85 -8.26
N LEU A 85 -8.57 18.36 -7.23
CA LEU A 85 -8.28 17.54 -6.07
C LEU A 85 -9.56 16.94 -5.49
N GLU A 86 -10.56 17.79 -5.21
CA GLU A 86 -11.84 17.32 -4.71
C GLU A 86 -12.46 16.34 -5.67
N GLU A 87 -12.31 16.60 -6.97
CA GLU A 87 -12.88 15.70 -7.97
C GLU A 87 -12.25 14.33 -7.88
N VAL A 88 -10.91 14.29 -7.74
CA VAL A 88 -10.23 13.00 -7.65
C VAL A 88 -10.53 12.33 -6.31
N ASN A 89 -10.69 13.11 -5.24
CA ASN A 89 -11.19 12.54 -3.99
C ASN A 89 -12.50 11.79 -4.20
N LYS A 90 -13.50 12.46 -4.81
CA LYS A 90 -14.82 11.85 -4.94
C LYS A 90 -14.79 10.64 -5.86
N GLU A 91 -14.00 10.70 -6.93
CA GLU A 91 -13.85 9.54 -7.80
C GLU A 91 -13.28 8.36 -7.04
N ILE A 92 -12.20 8.59 -6.28
CA ILE A 92 -11.56 7.53 -5.50
C ILE A 92 -12.52 6.98 -4.46
N ASP A 93 -13.21 7.87 -3.75
CA ASP A 93 -14.25 7.44 -2.81
C ASP A 93 -15.29 6.55 -3.48
N THR A 94 -15.68 6.88 -4.71
CA THR A 94 -16.81 6.20 -5.31
C THR A 94 -16.42 5.04 -6.23
N THR A 95 -15.21 5.01 -6.76
CA THR A 95 -14.81 3.92 -7.65
C THR A 95 -13.48 3.28 -7.30
N SER A 96 -12.82 3.72 -6.23
CA SER A 96 -11.50 3.24 -5.81
C SER A 96 -10.42 3.64 -6.82
N THR A 97 -10.79 4.33 -7.91
CA THR A 97 -9.78 4.82 -8.84
C THR A 97 -10.12 6.27 -9.22
N TYR A 98 -9.49 6.80 -10.27
CA TYR A 98 -9.91 8.08 -10.82
C TYR A 98 -9.45 8.17 -12.28
N GLN A 99 -9.92 9.18 -12.98
CA GLN A 99 -9.71 9.28 -14.41
C GLN A 99 -8.96 10.54 -14.76
N LEU A 100 -8.05 10.43 -15.74
CA LEU A 100 -7.25 11.57 -16.15
C LEU A 100 -8.00 12.40 -17.19
N LYS A 101 -7.94 13.73 -17.04
CA LYS A 101 -8.29 14.62 -18.14
C LYS A 101 -7.38 14.37 -19.34
N ASP A 102 -7.88 14.72 -20.53
CA ASP A 102 -7.10 14.53 -21.74
C ASP A 102 -5.79 15.32 -21.71
N THR A 103 -5.83 16.56 -21.20
CA THR A 103 -4.60 17.34 -21.05
C THR A 103 -3.62 16.66 -20.11
N GLU A 104 -4.11 16.21 -18.95
CA GLU A 104 -3.23 15.54 -17.99
C GLU A 104 -2.65 14.27 -18.58
N LEU A 105 -3.44 13.54 -19.37
CA LEU A 105 -2.94 12.33 -20.01
C LEU A 105 -1.76 12.65 -20.92
N ILE A 106 -1.80 13.79 -21.58
CA ILE A 106 -0.78 14.08 -22.57
C ILE A 106 0.50 14.55 -21.90
N TYR A 107 0.35 15.46 -20.94
CA TYR A 107 1.44 15.83 -20.04
C TYR A 107 2.10 14.58 -19.45
N GLY A 108 1.29 13.68 -18.91
CA GLY A 108 1.82 12.48 -18.30
C GLY A 108 2.60 11.64 -19.28
N ALA A 109 2.01 11.33 -20.43
CA ALA A 109 2.75 10.54 -21.40
C ALA A 109 4.07 11.22 -21.77
N LYS A 110 4.03 12.52 -22.05
CA LYS A 110 5.22 13.20 -22.51
C LYS A 110 6.28 13.23 -21.41
N HIS A 111 5.86 13.24 -20.15
CA HIS A 111 6.84 13.33 -19.09
C HIS A 111 7.40 11.98 -18.71
N ALA A 112 6.64 10.90 -18.90
CA ALA A 112 7.23 9.56 -18.80
C ALA A 112 8.40 9.41 -19.77
N TRP A 113 8.20 9.79 -21.03
CA TRP A 113 9.31 9.77 -21.99
C TRP A 113 10.46 10.66 -21.49
N ARG A 114 10.16 11.90 -21.14
CA ARG A 114 11.19 12.82 -20.68
C ARG A 114 11.95 12.26 -19.49
N ASN A 115 11.30 11.45 -18.67
CA ASN A 115 11.92 10.87 -17.50
C ASN A 115 12.64 9.55 -17.77
N ALA A 116 12.68 9.08 -19.01
CA ALA A 116 13.15 7.71 -19.27
C ALA A 116 14.67 7.73 -19.34
N SER A 117 15.31 7.37 -18.22
CA SER A 117 16.74 7.63 -18.08
CA SER A 117 16.75 7.57 -18.03
C SER A 117 17.56 6.83 -19.09
N ARG A 118 17.04 5.73 -19.62
CA ARG A 118 17.79 4.89 -20.55
C ARG A 118 17.69 5.31 -22.00
N CYS A 119 16.93 6.37 -22.31
CA CYS A 119 16.54 6.68 -23.68
C CYS A 119 17.45 7.77 -24.23
N VAL A 120 18.25 7.42 -25.23
CA VAL A 120 19.13 8.41 -25.84
C VAL A 120 18.36 9.40 -26.70
N GLY A 121 17.09 9.10 -27.03
CA GLY A 121 16.35 9.89 -27.98
C GLY A 121 15.51 11.00 -27.39
N ARG A 122 15.56 11.23 -26.10
CA ARG A 122 14.59 12.12 -25.45
C ARG A 122 14.68 13.59 -25.89
N ILE A 123 15.50 14.05 -26.83
CA ILE A 123 15.47 15.45 -27.17
C ILE A 123 14.12 15.78 -27.81
N GLN A 124 13.44 14.75 -28.30
CA GLN A 124 12.17 14.82 -29.01
C GLN A 124 10.96 14.76 -28.08
N TRP A 125 11.16 14.66 -26.76
CA TRP A 125 10.10 14.24 -25.84
C TRP A 125 8.79 15.03 -26.01
N SER A 126 8.87 16.35 -26.20
CA SER A 126 7.63 17.13 -26.25
C SER A 126 6.89 17.01 -27.60
N LYS A 127 7.46 16.32 -28.59
CA LYS A 127 6.85 16.12 -29.90
C LYS A 127 6.06 14.80 -30.00
N LEU A 128 5.62 14.24 -28.88
CA LEU A 128 4.94 12.94 -28.92
C LEU A 128 3.46 13.12 -29.27
N GLN A 129 2.96 12.29 -30.18
CA GLN A 129 1.55 12.29 -30.54
C GLN A 129 0.85 11.23 -29.70
N VAL A 130 -0.13 11.64 -28.89
CA VAL A 130 -0.82 10.74 -27.98
C VAL A 130 -2.19 10.40 -28.55
N PHE A 131 -2.45 9.11 -28.71
CA PHE A 131 -3.76 8.61 -29.10
C PHE A 131 -4.46 8.01 -27.88
N ASP A 132 -5.58 8.63 -27.48
CA ASP A 132 -6.38 8.17 -26.35
C ASP A 132 -7.26 7.01 -26.79
N ALA A 133 -6.97 5.82 -26.26
CA ALA A 133 -7.77 4.63 -26.54
C ALA A 133 -8.46 4.12 -25.30
N ARG A 134 -8.77 5.03 -24.38
CA ARG A 134 -9.29 4.59 -23.09
C ARG A 134 -10.74 4.13 -23.17
N ASP A 135 -11.37 4.29 -24.33
CA ASP A 135 -12.73 3.85 -24.58
C ASP A 135 -12.77 2.44 -25.14
N CYS A 136 -11.61 1.87 -25.43
CA CYS A 136 -11.55 0.57 -26.07
C CYS A 136 -12.07 -0.51 -25.12
N THR A 137 -12.76 -1.51 -25.66
CA THR A 137 -13.32 -2.57 -24.83
C THR A 137 -13.02 -3.99 -25.29
N THR A 138 -12.46 -4.19 -26.49
CA THR A 138 -12.26 -5.55 -26.98
C THR A 138 -10.95 -5.63 -27.75
N ALA A 139 -10.43 -6.86 -27.86
CA ALA A 139 -9.23 -7.10 -28.65
C ALA A 139 -9.37 -6.55 -30.07
N HIS A 140 -10.54 -6.74 -30.69
CA HIS A 140 -10.82 -6.20 -32.02
C HIS A 140 -10.64 -4.68 -32.05
N GLY A 141 -11.22 -3.97 -31.07
CA GLY A 141 -10.96 -2.54 -30.97
C GLY A 141 -9.50 -2.23 -30.71
N MET A 142 -8.84 -3.03 -29.87
CA MET A 142 -7.39 -2.84 -29.67
C MET A 142 -6.64 -2.94 -30.98
N PHE A 143 -7.05 -3.88 -31.84
CA PHE A 143 -6.35 -4.07 -33.11
C PHE A 143 -6.56 -2.87 -34.03
N ASN A 144 -7.75 -2.29 -34.00
CA ASN A 144 -8.04 -1.11 -34.82
C ASN A 144 -7.19 0.06 -34.39
N TYR A 145 -7.14 0.33 -33.08
CA TYR A 145 -6.30 1.41 -32.56
C TYR A 145 -4.83 1.20 -32.93
N ILE A 146 -4.34 -0.05 -32.88
CA ILE A 146 -2.92 -0.30 -33.17
C ILE A 146 -2.64 -0.08 -34.66
N CYS A 147 -3.50 -0.61 -35.54
CA CYS A 147 -3.34 -0.39 -36.97
C CYS A 147 -3.26 1.08 -37.31
N ASN A 148 -4.11 1.90 -36.68
CA ASN A 148 -4.04 3.33 -36.91
C ASN A 148 -2.74 3.92 -36.36
N HIS A 149 -2.33 3.51 -35.16
CA HIS A 149 -1.02 3.90 -34.64
C HIS A 149 0.08 3.62 -35.67
N VAL A 150 0.16 2.38 -36.12
CA VAL A 150 1.19 2.00 -37.08
C VAL A 150 1.13 2.90 -38.31
N LYS A 151 -0.07 3.13 -38.85
CA LYS A 151 -0.17 3.89 -40.09
C LYS A 151 0.27 5.33 -39.89
N TYR A 152 -0.22 5.96 -38.83
CA TYR A 152 0.20 7.32 -38.48
C TYR A 152 1.72 7.42 -38.27
N ALA A 153 2.28 6.50 -37.46
CA ALA A 153 3.68 6.62 -37.04
C ALA A 153 4.65 6.28 -38.17
N THR A 154 4.27 5.34 -39.03
CA THR A 154 5.08 5.02 -40.20
C THR A 154 5.09 6.17 -41.18
N ASN A 155 3.91 6.73 -41.50
CA ASN A 155 3.78 7.94 -42.32
C ASN A 155 4.62 7.86 -43.61
N LYS A 156 4.65 6.68 -44.23
CA LYS A 156 5.39 6.43 -45.47
C LYS A 156 6.92 6.55 -45.32
N GLY A 157 7.46 6.37 -44.11
CA GLY A 157 8.88 6.39 -43.89
C GLY A 157 9.38 7.61 -43.16
N ASN A 158 8.67 8.74 -43.25
CA ASN A 158 8.99 9.93 -42.46
C ASN A 158 8.35 9.75 -41.09
N LEU A 159 9.02 8.98 -40.23
CA LEU A 159 8.39 8.44 -39.03
C LEU A 159 8.09 9.54 -38.00
N ARG A 160 7.08 9.28 -37.17
CA ARG A 160 6.57 10.22 -36.18
C ARG A 160 6.37 9.49 -34.87
N SER A 161 6.83 10.08 -33.77
CA SER A 161 6.67 9.43 -32.47
CA SER A 161 6.67 9.42 -32.46
C SER A 161 5.21 9.43 -32.04
N ALA A 162 4.76 8.29 -31.47
CA ALA A 162 3.38 8.19 -31.02
C ALA A 162 3.28 7.16 -29.92
N ILE A 163 2.27 7.33 -29.09
CA ILE A 163 1.89 6.37 -28.06
C ILE A 163 0.37 6.24 -28.11
N THR A 164 -0.12 5.01 -27.97
CA THR A 164 -1.55 4.75 -27.88
C THR A 164 -1.83 4.18 -26.49
N ILE A 165 -2.78 4.79 -25.77
CA ILE A 165 -2.98 4.47 -24.35
C ILE A 165 -4.37 3.85 -24.14
N PHE A 166 -4.37 2.56 -23.81
CA PHE A 166 -5.55 1.76 -23.56
C PHE A 166 -5.96 1.90 -22.11
N PRO A 167 -7.15 1.38 -21.73
CA PRO A 167 -7.67 1.64 -20.38
C PRO A 167 -6.72 1.19 -19.27
N GLN A 168 -6.70 1.97 -18.20
CA GLN A 168 -5.83 1.69 -17.08
C GLN A 168 -6.25 0.42 -16.35
N ARG A 169 -5.28 -0.17 -15.67
CA ARG A 169 -5.54 -1.30 -14.78
C ARG A 169 -6.52 -0.88 -13.69
N THR A 170 -7.36 -1.80 -13.25
CA THR A 170 -8.37 -1.49 -12.24
C THR A 170 -8.24 -2.39 -11.03
N ASP A 171 -8.45 -3.69 -11.20
CA ASP A 171 -8.26 -4.65 -10.12
C ASP A 171 -7.24 -5.72 -10.46
N GLY A 172 -6.62 -5.68 -11.64
CA GLY A 172 -5.65 -6.67 -12.07
C GLY A 172 -6.23 -7.85 -12.80
N LYS A 173 -7.48 -8.23 -12.49
CA LYS A 173 -8.16 -9.27 -13.24
C LYS A 173 -8.61 -8.80 -14.61
N HIS A 174 -8.67 -7.48 -14.84
CA HIS A 174 -9.24 -6.93 -16.06
C HIS A 174 -8.20 -6.14 -16.84
N ASP A 175 -7.01 -6.70 -17.01
CA ASP A 175 -5.90 -5.99 -17.62
C ASP A 175 -6.01 -5.97 -19.14
N PHE A 176 -5.73 -4.83 -19.74
CA PHE A 176 -5.44 -4.76 -21.17
C PHE A 176 -3.94 -5.02 -21.38
N ARG A 177 -3.62 -5.94 -22.29
CA ARG A 177 -2.22 -6.24 -22.58
C ARG A 177 -1.98 -6.46 -24.06
N VAL A 178 -0.94 -5.84 -24.59
CA VAL A 178 -0.34 -6.33 -25.83
C VAL A 178 0.66 -7.41 -25.43
N TRP A 179 0.43 -8.64 -25.87
CA TRP A 179 1.33 -9.71 -25.49
C TRP A 179 2.63 -9.66 -26.28
N ASN A 180 2.63 -9.14 -27.50
CA ASN A 180 3.89 -8.96 -28.20
C ASN A 180 4.75 -7.97 -27.46
N SER A 181 6.07 -8.17 -27.57
CA SER A 181 7.01 -7.25 -26.91
C SER A 181 7.18 -5.98 -27.73
N GLN A 182 7.22 -6.10 -29.04
CA GLN A 182 7.03 -4.98 -29.96
C GLN A 182 5.89 -5.29 -30.93
N LEU A 183 5.26 -4.23 -31.47
CA LEU A 183 4.16 -4.43 -32.40
C LEU A 183 4.62 -5.21 -33.63
N ILE A 184 5.81 -4.94 -34.11
CA ILE A 184 6.37 -5.63 -35.26
C ILE A 184 7.66 -6.30 -34.81
N ARG A 185 7.69 -7.64 -34.81
CA ARG A 185 8.90 -8.42 -34.60
C ARG A 185 8.84 -9.64 -35.50
N TYR A 186 10.01 -10.21 -35.79
CA TYR A 186 10.06 -11.44 -36.57
C TYR A 186 9.99 -12.67 -35.67
N ALA A 187 9.57 -13.78 -36.26
CA ALA A 187 9.36 -15.03 -35.56
C ALA A 187 10.66 -15.81 -35.41
N GLY A 188 10.73 -16.61 -34.36
CA GLY A 188 11.84 -17.52 -34.18
C GLY A 188 11.38 -18.96 -34.04
N TYR A 189 12.01 -19.86 -34.79
CA TYR A 189 11.56 -21.24 -34.89
C TYR A 189 12.64 -22.18 -34.36
N LYS A 190 12.25 -23.02 -33.40
CA LYS A 190 13.13 -24.07 -32.88
C LYS A 190 13.29 -25.18 -33.91
N GLN A 191 14.52 -25.53 -34.21
CA GLN A 191 14.79 -26.43 -35.33
C GLN A 191 14.86 -27.88 -34.87
N PRO A 192 14.72 -28.82 -35.82
CA PRO A 192 14.86 -30.24 -35.43
C PRO A 192 16.25 -30.57 -34.91
N ASP A 193 17.28 -30.08 -35.58
CA ASP A 193 18.66 -30.29 -35.17
C ASP A 193 19.05 -29.53 -33.91
N GLY A 194 18.14 -28.72 -33.36
CA GLY A 194 18.37 -28.00 -32.13
C GLY A 194 18.76 -26.55 -32.29
N SER A 195 19.08 -26.11 -33.52
CA SER A 195 19.40 -24.70 -33.73
C SER A 195 18.11 -23.90 -33.90
N THR A 196 18.20 -22.70 -34.46
CA THR A 196 17.05 -21.80 -34.46
C THR A 196 16.98 -21.04 -35.78
N LEU A 197 15.76 -20.88 -36.29
CA LEU A 197 15.49 -20.12 -37.50
C LEU A 197 14.67 -18.88 -37.17
N GLY A 198 14.98 -17.77 -37.83
CA GLY A 198 14.26 -16.52 -37.60
C GLY A 198 14.98 -15.63 -36.59
N ASP A 199 14.29 -15.32 -35.49
CA ASP A 199 14.85 -14.46 -34.44
C ASP A 199 14.72 -15.20 -33.11
N PRO A 200 15.84 -15.59 -32.49
CA PRO A 200 15.77 -16.39 -31.24
C PRO A 200 15.12 -15.67 -30.07
N ALA A 201 15.13 -14.34 -30.04
CA ALA A 201 14.48 -13.62 -28.94
C ALA A 201 13.01 -13.97 -28.85
N ASN A 202 12.41 -14.36 -29.95
CA ASN A 202 10.97 -14.50 -30.03
C ASN A 202 10.54 -15.95 -30.14
N VAL A 203 11.46 -16.90 -29.94
CA VAL A 203 11.10 -18.31 -30.02
C VAL A 203 9.91 -18.61 -29.11
N GLN A 204 9.99 -18.17 -27.86
CA GLN A 204 8.93 -18.50 -26.92
C GLN A 204 7.61 -17.86 -27.34
N PHE A 205 7.63 -16.57 -27.69
CA PHE A 205 6.41 -15.92 -28.16
C PHE A 205 5.92 -16.56 -29.45
N THR A 206 6.84 -16.77 -30.40
CA THR A 206 6.50 -17.45 -31.65
C THR A 206 5.81 -18.77 -31.38
N GLU A 207 6.24 -19.50 -30.35
CA GLU A 207 5.61 -20.78 -30.08
C GLU A 207 4.25 -20.62 -29.42
N ILE A 208 4.07 -19.59 -28.59
CA ILE A 208 2.74 -19.28 -28.07
C ILE A 208 1.80 -18.99 -29.23
N CYS A 209 2.27 -18.25 -30.24
CA CYS A 209 1.41 -17.92 -31.38
C CYS A 209 0.98 -19.19 -32.12
N ILE A 210 1.93 -20.08 -32.43
CA ILE A 210 1.58 -21.35 -33.07
C ILE A 210 0.62 -22.13 -32.20
N GLN A 211 0.94 -22.23 -30.91
CA GLN A 211 0.06 -22.85 -29.93
C GLN A 211 -1.31 -22.17 -29.86
N GLN A 212 -1.42 -20.92 -30.29
CA GLN A 212 -2.70 -20.23 -30.30
C GLN A 212 -3.44 -20.37 -31.60
N GLY A 213 -2.86 -21.05 -32.59
CA GLY A 213 -3.50 -21.26 -33.87
C GLY A 213 -2.85 -20.53 -35.03
N TRP A 214 -1.73 -19.85 -34.81
CA TRP A 214 -1.04 -19.19 -35.90
C TRP A 214 -0.44 -20.24 -36.84
N LYS A 215 -0.70 -20.09 -38.12
CA LYS A 215 -0.06 -20.93 -39.12
C LYS A 215 1.25 -20.28 -39.57
N PRO A 216 2.38 -20.73 -39.06
CA PRO A 216 3.63 -20.04 -39.35
C PRO A 216 4.10 -20.35 -40.76
N PRO A 217 4.39 -19.32 -41.56
CA PRO A 217 5.07 -19.57 -42.85
C PRO A 217 6.50 -20.10 -42.68
N ARG A 218 7.06 -20.03 -41.48
CA ARG A 218 8.32 -20.70 -41.11
C ARG A 218 9.48 -20.23 -41.99
N GLY A 219 9.69 -18.92 -42.01
CA GLY A 219 10.82 -18.33 -42.68
C GLY A 219 11.78 -17.66 -41.73
N ARG A 220 12.65 -16.83 -42.29
CA ARG A 220 13.60 -16.09 -41.45
C ARG A 220 13.04 -14.76 -40.99
N PHE A 221 12.17 -14.13 -41.78
CA PHE A 221 11.60 -12.83 -41.46
C PHE A 221 10.07 -12.88 -41.56
N ASP A 222 9.47 -13.70 -40.68
CA ASP A 222 8.02 -13.86 -40.59
C ASP A 222 7.48 -12.87 -39.58
N VAL A 223 6.80 -11.81 -40.06
CA VAL A 223 6.17 -10.86 -39.15
C VAL A 223 5.18 -11.59 -38.27
N LEU A 224 5.33 -11.44 -36.98
CA LEU A 224 4.49 -12.15 -36.02
C LEU A 224 3.09 -11.55 -35.98
N PRO A 225 2.08 -12.33 -35.62
CA PRO A 225 0.76 -11.74 -35.42
C PRO A 225 0.73 -10.95 -34.14
N LEU A 226 -0.29 -10.11 -34.03
CA LEU A 226 -0.58 -9.42 -32.78
C LEU A 226 -1.38 -10.35 -31.87
N LEU A 227 -1.06 -10.34 -30.58
CA LEU A 227 -1.75 -11.15 -29.58
C LEU A 227 -2.28 -10.19 -28.54
N LEU A 228 -3.58 -9.89 -28.61
CA LEU A 228 -4.17 -8.76 -27.89
C LEU A 228 -5.14 -9.24 -26.83
N GLN A 229 -5.04 -8.65 -25.65
CA GLN A 229 -5.87 -8.97 -24.49
C GLN A 229 -6.58 -7.72 -24.01
N ALA A 230 -7.90 -7.80 -23.93
CA ALA A 230 -8.77 -6.69 -23.53
C ALA A 230 -9.52 -7.10 -22.27
N ASN A 231 -9.48 -6.24 -21.26
CA ASN A 231 -10.32 -6.40 -20.07
C ASN A 231 -10.15 -7.76 -19.40
N GLY A 232 -8.96 -8.35 -19.48
CA GLY A 232 -8.68 -9.58 -18.77
C GLY A 232 -9.06 -10.87 -19.49
N ASN A 233 -9.58 -10.78 -20.71
CA ASN A 233 -9.92 -11.99 -21.44
C ASN A 233 -8.67 -12.65 -22.01
N ASP A 234 -8.83 -13.90 -22.43
CA ASP A 234 -7.84 -14.59 -23.24
C ASP A 234 -7.42 -13.71 -24.42
N PRO A 235 -6.16 -13.78 -24.85
CA PRO A 235 -5.74 -12.96 -25.98
C PRO A 235 -6.21 -13.54 -27.30
N GLU A 236 -6.12 -12.73 -28.35
CA GLU A 236 -6.65 -13.08 -29.66
C GLU A 236 -5.65 -12.73 -30.75
N LEU A 237 -5.51 -13.60 -31.75
CA LEU A 237 -4.59 -13.35 -32.85
C LEU A 237 -5.19 -12.38 -33.88
N PHE A 238 -4.33 -11.54 -34.44
CA PHE A 238 -4.65 -10.62 -35.53
C PHE A 238 -3.41 -10.47 -36.39
N GLN A 239 -3.56 -10.58 -37.70
CA GLN A 239 -2.45 -10.35 -38.62
C GLN A 239 -2.46 -8.89 -39.03
N ILE A 240 -1.37 -8.19 -38.75
CA ILE A 240 -1.27 -6.79 -39.18
C ILE A 240 -1.28 -6.76 -40.71
N PRO A 241 -2.12 -5.93 -41.33
CA PRO A 241 -2.11 -5.80 -42.78
C PRO A 241 -0.72 -5.49 -43.30
N PRO A 242 -0.17 -6.37 -44.14
CA PRO A 242 1.20 -6.18 -44.66
C PRO A 242 1.51 -4.79 -45.17
N GLU A 243 0.59 -4.18 -45.92
CA GLU A 243 0.84 -2.86 -46.48
C GLU A 243 1.17 -1.84 -45.40
N LEU A 244 0.83 -2.13 -44.15
CA LEU A 244 1.13 -1.22 -43.05
C LEU A 244 2.50 -1.44 -42.45
N VAL A 245 3.20 -2.53 -42.80
CA VAL A 245 4.51 -2.87 -42.22
C VAL A 245 5.60 -2.47 -43.22
N LEU A 246 6.24 -1.33 -42.97
CA LEU A 246 7.30 -0.85 -43.83
C LEU A 246 8.58 -1.62 -43.53
N GLU A 247 9.29 -2.02 -44.57
CA GLU A 247 10.48 -2.84 -44.41
C GLU A 247 11.59 -2.36 -45.34
N VAL A 248 12.82 -2.49 -44.87
CA VAL A 248 13.99 -1.98 -45.57
C VAL A 248 14.90 -3.14 -45.91
N PRO A 249 15.16 -3.42 -47.18
CA PRO A 249 16.17 -4.43 -47.53
C PRO A 249 17.57 -3.88 -47.31
N ILE A 250 18.44 -4.69 -46.70
CA ILE A 250 19.79 -4.26 -46.35
C ILE A 250 20.73 -4.55 -47.51
N ARG A 251 21.21 -3.49 -48.15
CA ARG A 251 22.32 -3.55 -49.09
C ARG A 251 23.48 -2.71 -48.57
N HIS A 252 24.62 -2.80 -49.24
CA HIS A 252 25.85 -2.13 -48.81
C HIS A 252 26.38 -1.20 -49.90
N PRO A 253 26.75 0.05 -49.57
CA PRO A 253 27.15 0.99 -50.62
C PRO A 253 28.34 0.55 -51.43
N LYS A 254 29.08 -0.46 -50.99
CA LYS A 254 30.34 -0.82 -51.62
C LYS A 254 30.31 -2.28 -52.04
N PHE A 255 30.10 -3.16 -51.07
CA PHE A 255 30.01 -4.60 -51.31
C PHE A 255 28.69 -4.92 -52.00
N GLU A 256 28.76 -5.28 -53.27
CA GLU A 256 27.54 -5.68 -53.96
C GLU A 256 27.03 -7.04 -53.51
N TRP A 257 27.88 -7.88 -52.92
CA TRP A 257 27.44 -9.19 -52.48
C TRP A 257 26.57 -9.12 -51.24
N PHE A 258 26.47 -7.95 -50.63
CA PHE A 258 25.78 -7.85 -49.35
C PHE A 258 24.28 -8.05 -49.52
N LYS A 259 23.68 -7.46 -50.55
CA LYS A 259 22.25 -7.64 -50.78
C LYS A 259 21.90 -9.12 -50.94
N ASP A 260 22.87 -9.94 -51.35
CA ASP A 260 22.67 -11.37 -51.54
C ASP A 260 22.60 -12.16 -50.23
N LEU A 261 22.92 -11.54 -49.09
CA LEU A 261 22.70 -12.17 -47.78
C LEU A 261 21.23 -12.28 -47.41
N GLY A 262 20.35 -11.61 -48.16
CA GLY A 262 18.92 -11.77 -47.99
C GLY A 262 18.35 -11.22 -46.71
N LEU A 263 18.89 -10.12 -46.22
CA LEU A 263 18.47 -9.56 -44.95
C LEU A 263 17.59 -8.33 -45.18
N LYS A 264 16.62 -8.15 -44.29
CA LYS A 264 15.81 -6.96 -44.19
C LYS A 264 15.46 -6.73 -42.73
N TRP A 265 14.96 -5.54 -42.42
CA TRP A 265 14.45 -5.27 -41.09
C TRP A 265 13.31 -4.29 -41.26
N TYR A 266 12.44 -4.24 -40.25
CA TYR A 266 11.29 -3.37 -40.34
C TYR A 266 11.69 -1.95 -39.92
N GLY A 267 10.86 -0.98 -40.31
CA GLY A 267 11.23 0.40 -40.15
C GLY A 267 10.78 1.04 -38.86
N LEU A 268 9.87 0.39 -38.14
CA LEU A 268 9.17 1.03 -37.02
C LEU A 268 9.44 0.29 -35.71
N PRO A 269 10.24 0.86 -34.78
CA PRO A 269 10.35 0.22 -33.45
C PRO A 269 9.21 0.68 -32.57
N ALA A 270 8.49 -0.26 -31.97
CA ALA A 270 7.26 0.07 -31.26
C ALA A 270 7.11 -0.82 -30.04
N VAL A 271 7.63 -0.37 -28.91
CA VAL A 271 7.65 -1.21 -27.72
C VAL A 271 6.25 -1.30 -27.13
N SER A 272 5.78 -2.52 -26.89
CA SER A 272 4.39 -2.73 -26.48
C SER A 272 4.23 -3.53 -25.20
N ASN A 273 5.31 -3.84 -24.49
CA ASN A 273 5.22 -4.65 -23.28
C ASN A 273 5.49 -3.88 -22.01
N MET A 274 5.70 -2.58 -22.10
CA MET A 274 6.00 -1.78 -20.92
C MET A 274 4.74 -1.15 -20.36
N LEU A 275 4.86 -0.59 -19.17
CA LEU A 275 3.76 -0.08 -18.39
C LEU A 275 4.02 1.39 -18.10
N LEU A 276 2.99 2.21 -18.27
CA LEU A 276 3.09 3.65 -18.08
C LEU A 276 2.38 4.03 -16.79
N GLU A 277 3.02 4.83 -15.96
CA GLU A 277 2.55 5.09 -14.60
C GLU A 277 2.36 6.59 -14.43
N ILE A 278 1.11 7.00 -14.12
CA ILE A 278 0.78 8.41 -13.94
C ILE A 278 -0.10 8.57 -12.71
N GLY A 279 0.32 9.40 -11.78
CA GLY A 279 -0.35 9.62 -10.51
C GLY A 279 -1.03 8.41 -9.90
N GLY A 280 -0.30 7.32 -9.75
CA GLY A 280 -0.84 6.10 -9.17
C GLY A 280 -1.57 5.21 -10.15
N LEU A 281 -1.92 5.70 -11.33
CA LEU A 281 -2.62 4.90 -12.32
C LEU A 281 -1.62 4.16 -13.18
N GLU A 282 -1.92 2.90 -13.50
CA GLU A 282 -1.03 2.06 -14.27
C GLU A 282 -1.70 1.70 -15.60
N PHE A 283 -1.11 2.13 -16.70
CA PHE A 283 -1.59 1.78 -18.03
C PHE A 283 -0.75 0.63 -18.57
N SER A 284 -1.28 -0.60 -18.41
CA SER A 284 -0.58 -1.82 -18.77
C SER A 284 -0.43 -2.05 -20.25
N ALA A 285 -1.17 -1.31 -21.08
CA ALA A 285 -1.05 -1.41 -22.54
C ALA A 285 -0.87 -0.01 -23.07
N CYS A 286 0.29 0.26 -23.64
CA CYS A 286 0.57 1.61 -24.09
C CYS A 286 1.66 1.55 -25.15
N PRO A 287 1.41 0.88 -26.27
CA PRO A 287 2.44 0.79 -27.31
C PRO A 287 2.95 2.17 -27.73
N PHE A 288 4.28 2.34 -27.73
CA PHE A 288 4.87 3.61 -28.13
C PHE A 288 6.00 3.35 -29.11
N SER A 289 6.25 4.31 -29.98
CA SER A 289 7.06 4.04 -31.14
C SER A 289 7.78 5.30 -31.56
N GLY A 290 8.94 5.10 -32.18
CA GLY A 290 9.76 6.20 -32.64
C GLY A 290 10.44 5.86 -33.95
N TRP A 291 11.76 6.07 -34.02
CA TRP A 291 12.56 5.61 -35.14
C TRP A 291 13.88 5.06 -34.58
N TYR A 292 14.45 4.13 -35.32
CA TYR A 292 15.64 3.41 -34.88
C TYR A 292 16.88 4.29 -34.84
N MET A 293 17.72 4.03 -33.84
CA MET A 293 19.15 4.26 -34.00
C MET A 293 19.73 3.05 -34.73
N GLY A 294 20.60 3.30 -35.69
CA GLY A 294 21.10 2.22 -36.52
C GLY A 294 21.70 1.05 -35.74
N THR A 295 22.38 1.34 -34.62
CA THR A 295 23.04 0.29 -33.85
C THR A 295 22.05 -0.71 -33.27
N GLU A 296 20.81 -0.26 -33.00
CA GLU A 296 19.78 -1.16 -32.47
C GLU A 296 19.53 -2.34 -33.41
N ILE A 297 19.60 -2.10 -34.71
CA ILE A 297 19.48 -3.19 -35.66
C ILE A 297 20.80 -3.88 -35.92
N GLY A 298 21.82 -3.11 -36.33
CA GLY A 298 23.05 -3.67 -36.84
C GLY A 298 24.01 -4.18 -35.79
N VAL A 299 23.94 -3.66 -34.57
CA VAL A 299 24.77 -4.17 -33.50
C VAL A 299 24.06 -5.25 -32.70
N ARG A 300 22.87 -4.94 -32.18
CA ARG A 300 22.20 -5.83 -31.24
C ARG A 300 21.35 -6.88 -31.93
N ASP A 301 20.47 -6.46 -32.87
CA ASP A 301 19.54 -7.39 -33.49
C ASP A 301 20.25 -8.37 -34.40
N TYR A 302 21.29 -7.92 -35.10
CA TYR A 302 21.96 -8.75 -36.08
C TYR A 302 23.15 -9.52 -35.52
N CYS A 303 23.80 -9.00 -34.49
CA CYS A 303 25.11 -9.49 -34.08
C CYS A 303 25.18 -10.09 -32.69
N ASP A 304 24.23 -9.80 -31.79
CA ASP A 304 24.19 -10.52 -30.52
C ASP A 304 24.29 -12.02 -30.78
N ASN A 305 24.82 -12.77 -29.80
CA ASN A 305 25.01 -14.20 -30.00
C ASN A 305 23.69 -14.95 -29.93
N SER A 306 22.80 -14.57 -29.01
CA SER A 306 21.48 -15.17 -28.90
C SER A 306 20.44 -14.46 -29.76
N ARG A 307 20.87 -13.80 -30.84
CA ARG A 307 19.99 -13.18 -31.81
C ARG A 307 20.30 -13.71 -33.21
N TYR A 308 20.55 -12.81 -34.18
CA TYR A 308 20.68 -13.27 -35.57
C TYR A 308 22.06 -13.84 -35.88
N ASN A 309 23.12 -13.30 -35.24
CA ASN A 309 24.45 -13.92 -35.26
C ASN A 309 25.05 -13.98 -36.67
N ILE A 310 24.93 -12.89 -37.42
CA ILE A 310 25.35 -12.88 -38.82
C ILE A 310 26.78 -12.37 -39.02
N LEU A 311 27.47 -11.92 -37.94
CA LEU A 311 28.90 -11.64 -38.00
C LEU A 311 29.64 -12.80 -38.65
N GLU A 312 29.40 -14.00 -38.13
CA GLU A 312 29.81 -15.28 -38.70
C GLU A 312 29.95 -15.19 -40.22
N GLU A 313 28.85 -14.89 -40.94
CA GLU A 313 28.89 -14.97 -42.39
C GLU A 313 29.53 -13.73 -43.00
N VAL A 314 29.14 -12.54 -42.52
CA VAL A 314 29.67 -11.31 -43.09
C VAL A 314 31.18 -11.29 -43.08
N ALA A 315 31.79 -11.93 -42.08
CA ALA A 315 33.24 -12.04 -42.09
C ALA A 315 33.71 -12.94 -43.23
N LYS A 316 33.05 -14.08 -43.43
CA LYS A 316 33.46 -14.99 -44.51
C LYS A 316 33.46 -14.29 -45.85
N LYS A 317 32.32 -13.70 -46.24
CA LYS A 317 32.22 -12.98 -47.50
C LYS A 317 33.19 -11.81 -47.59
N MET A 318 33.78 -11.38 -46.47
CA MET A 318 34.74 -10.29 -46.47
C MET A 318 36.18 -10.74 -46.61
N ASN A 319 36.45 -12.04 -46.58
CA ASN A 319 37.81 -12.58 -46.64
C ASN A 319 38.64 -12.10 -45.45
N LEU A 320 38.20 -12.50 -44.26
CA LEU A 320 38.82 -12.09 -43.02
C LEU A 320 39.44 -13.29 -42.31
N ASP A 321 40.53 -13.02 -41.59
CA ASP A 321 41.20 -14.04 -40.80
C ASP A 321 40.35 -14.37 -39.56
N MET A 322 39.48 -15.38 -39.66
CA MET A 322 38.65 -15.77 -38.52
C MET A 322 39.36 -16.76 -37.59
N ARG A 323 40.69 -16.88 -37.71
CA ARG A 323 41.46 -17.84 -36.91
C ARG A 323 41.54 -17.43 -35.44
N LYS A 324 41.85 -16.15 -35.16
CA LYS A 324 42.05 -15.65 -33.81
C LYS A 324 41.28 -14.36 -33.61
N THR A 325 40.92 -14.05 -32.36
CA THR A 325 40.21 -12.80 -32.10
C THR A 325 41.05 -11.57 -32.47
N SER A 326 42.38 -11.66 -32.33
CA SER A 326 43.20 -10.46 -32.44
C SER A 326 43.19 -9.86 -33.84
N SER A 327 42.77 -10.60 -34.86
CA SER A 327 42.55 -9.96 -36.16
C SER A 327 41.43 -8.94 -36.10
N LEU A 328 40.62 -8.95 -35.04
CA LEU A 328 39.49 -8.05 -34.88
C LEU A 328 38.48 -8.22 -36.02
N TRP A 329 38.32 -9.46 -36.51
CA TRP A 329 37.39 -9.71 -37.60
C TRP A 329 35.95 -9.41 -37.18
N LYS A 330 35.59 -9.69 -35.93
CA LYS A 330 34.27 -9.31 -35.46
C LYS A 330 34.07 -7.80 -35.56
N ASP A 331 35.02 -7.02 -35.04
CA ASP A 331 34.91 -5.57 -35.07
C ASP A 331 34.77 -5.04 -36.49
N GLN A 332 35.47 -5.66 -37.45
CA GLN A 332 35.49 -5.14 -38.80
C GLN A 332 34.18 -5.42 -39.52
N ALA A 333 33.66 -6.64 -39.40
CA ALA A 333 32.35 -6.95 -39.97
C ALA A 333 31.27 -6.10 -39.31
N LEU A 334 31.39 -5.90 -38.00
CA LEU A 334 30.36 -5.18 -37.27
C LEU A 334 30.21 -3.76 -37.80
N VAL A 335 31.31 -3.13 -38.22
CA VAL A 335 31.20 -1.77 -38.74
C VAL A 335 30.54 -1.76 -40.12
N GLU A 336 30.99 -2.64 -41.03
CA GLU A 336 30.39 -2.77 -42.35
C GLU A 336 28.88 -3.00 -42.27
N ILE A 337 28.43 -3.89 -41.39
CA ILE A 337 27.01 -4.18 -41.27
C ILE A 337 26.24 -2.93 -40.89
N ASN A 338 26.77 -2.16 -39.94
CA ASN A 338 26.09 -0.95 -39.52
C ASN A 338 26.14 0.13 -40.58
N ILE A 339 27.22 0.19 -41.36
CA ILE A 339 27.24 1.08 -42.51
C ILE A 339 26.07 0.75 -43.44
N ALA A 340 25.80 -0.55 -43.62
CA ALA A 340 24.80 -0.99 -44.57
C ALA A 340 23.39 -0.62 -44.11
N VAL A 341 23.05 -0.94 -42.85
CA VAL A 341 21.76 -0.59 -42.28
C VAL A 341 21.48 0.90 -42.47
N LEU A 342 22.43 1.76 -42.11
CA LEU A 342 22.25 3.20 -42.29
C LEU A 342 22.03 3.55 -43.75
N TYR A 343 22.83 2.96 -44.64
CA TYR A 343 22.72 3.31 -46.05
C TYR A 343 21.40 2.81 -46.64
N SER A 344 20.94 1.64 -46.19
CA SER A 344 19.69 1.12 -46.72
C SER A 344 18.51 1.97 -46.27
N PHE A 345 18.41 2.24 -44.97
CA PHE A 345 17.33 3.09 -44.46
C PHE A 345 17.35 4.47 -45.10
N GLN A 346 18.53 5.08 -45.25
CA GLN A 346 18.57 6.42 -45.84
C GLN A 346 18.20 6.40 -47.30
N SER A 347 18.60 5.34 -48.01
CA SER A 347 18.28 5.24 -49.44
C SER A 347 16.77 5.19 -49.65
N ASP A 348 16.06 4.44 -48.80
CA ASP A 348 14.62 4.33 -48.90
C ASP A 348 13.89 5.46 -48.16
N LYS A 349 14.59 6.55 -47.86
CA LYS A 349 14.03 7.69 -47.14
C LYS A 349 13.18 7.24 -45.96
N VAL A 350 13.66 6.27 -45.21
CA VAL A 350 13.06 5.85 -43.95
C VAL A 350 13.88 6.44 -42.81
N THR A 351 13.21 7.16 -41.91
CA THR A 351 13.88 7.85 -40.82
C THR A 351 14.81 6.88 -40.06
N ILE A 352 16.02 7.35 -39.78
CA ILE A 352 16.96 6.59 -38.96
C ILE A 352 18.02 7.58 -38.51
N VAL A 353 18.64 7.30 -37.36
CA VAL A 353 19.66 8.18 -36.77
C VAL A 353 20.89 7.34 -36.43
N ASP A 354 22.07 7.85 -36.77
CA ASP A 354 23.27 7.12 -36.39
C ASP A 354 23.65 7.45 -34.94
N HIS A 355 24.51 6.60 -34.38
CA HIS A 355 24.86 6.77 -32.98
C HIS A 355 25.71 8.02 -32.74
N HIS A 356 26.37 8.58 -33.76
CA HIS A 356 27.10 9.83 -33.55
C HIS A 356 26.13 11.02 -33.43
N SER A 357 25.19 11.13 -34.37
CA SER A 357 24.18 12.19 -34.29
CA SER A 357 24.17 12.18 -34.31
C SER A 357 23.32 12.04 -33.04
N ALA A 358 22.86 10.82 -32.76
CA ALA A 358 21.97 10.60 -31.61
C ALA A 358 22.65 10.97 -30.29
N THR A 359 23.91 10.54 -30.10
CA THR A 359 24.60 10.85 -28.85
C THR A 359 24.89 12.35 -28.74
N GLU A 360 25.34 12.96 -29.83
CA GLU A 360 25.49 14.42 -29.86
C GLU A 360 24.19 15.12 -29.46
N SER A 361 23.06 14.70 -30.05
CA SER A 361 21.78 15.28 -29.69
C SER A 361 21.51 15.15 -28.20
N PHE A 362 21.81 13.99 -27.62
CA PHE A 362 21.49 13.76 -26.22
C PHE A 362 22.29 14.67 -25.29
N ILE A 363 23.54 14.99 -25.65
CA ILE A 363 24.33 15.92 -24.84
C ILE A 363 23.72 17.31 -24.89
N LYS A 364 23.36 17.78 -26.10
CA LYS A 364 22.57 18.99 -26.24
C LYS A 364 21.29 18.92 -25.38
N HIS A 365 20.58 17.79 -25.46
CA HIS A 365 19.37 17.64 -24.64
C HIS A 365 19.69 17.76 -23.17
N MET A 366 20.80 17.12 -22.75
CA MET A 366 21.22 17.16 -21.35
C MET A 366 21.46 18.58 -20.88
N GLU A 367 22.17 19.38 -21.68
CA GLU A 367 22.37 20.77 -21.32
C GLU A 367 21.04 21.49 -21.15
N ASN A 368 20.21 21.44 -22.19
CA ASN A 368 18.85 21.98 -22.15
C ASN A 368 18.14 21.71 -20.82
N GLU A 369 18.15 20.45 -20.39
CA GLU A 369 17.40 20.06 -19.20
C GLU A 369 18.01 20.68 -17.95
N TYR A 370 19.33 20.57 -17.79
CA TYR A 370 19.99 21.19 -16.63
C TYR A 370 19.73 22.70 -16.60
N ARG A 371 19.68 23.32 -17.78
CA ARG A 371 19.44 24.76 -17.87
C ARG A 371 18.03 25.12 -17.38
N CYS A 372 17.00 24.42 -17.86
CA CYS A 372 15.65 24.83 -17.49
C CYS A 372 15.04 23.99 -16.37
N ARG A 373 15.53 22.78 -16.11
CA ARG A 373 14.85 21.87 -15.20
C ARG A 373 15.62 21.56 -13.93
N GLY A 374 16.93 21.87 -13.89
CA GLY A 374 17.75 21.54 -12.75
C GLY A 374 18.31 20.12 -12.75
N GLY A 375 18.14 19.37 -13.83
CA GLY A 375 18.72 18.05 -13.92
C GLY A 375 18.12 17.27 -15.07
N CYS A 376 18.61 16.04 -15.20
CA CYS A 376 18.15 15.14 -16.25
C CYS A 376 18.62 13.72 -15.95
N PRO A 377 17.72 12.84 -15.52
CA PRO A 377 18.11 11.45 -15.25
C PRO A 377 18.66 10.76 -16.49
N ALA A 378 19.86 10.20 -16.38
CA ALA A 378 20.42 9.48 -17.51
C ALA A 378 21.24 8.30 -17.01
N ASP A 379 21.16 7.20 -17.76
CA ASP A 379 21.73 5.92 -17.37
C ASP A 379 22.91 5.63 -18.33
N TRP A 380 24.13 5.94 -17.88
CA TRP A 380 25.30 5.82 -18.75
C TRP A 380 25.37 4.46 -19.43
N VAL A 381 25.03 3.40 -18.69
CA VAL A 381 25.17 2.02 -19.16
C VAL A 381 24.34 1.77 -20.41
N TRP A 382 23.20 2.47 -20.56
CA TRP A 382 22.29 2.30 -21.70
C TRP A 382 22.43 3.39 -22.76
N ILE A 383 22.84 4.59 -22.36
CA ILE A 383 22.98 5.72 -23.28
C ILE A 383 24.18 5.51 -24.21
N VAL A 384 25.29 4.98 -23.68
CA VAL A 384 26.49 4.77 -24.49
C VAL A 384 26.23 3.69 -25.53
N PRO A 385 26.41 3.98 -26.82
CA PRO A 385 26.06 3.01 -27.85
C PRO A 385 26.90 1.76 -27.72
N PRO A 386 26.36 0.61 -28.15
CA PRO A 386 27.09 -0.66 -28.05
C PRO A 386 28.21 -0.88 -29.05
N MET A 387 28.57 0.12 -29.84
CA MET A 387 29.80 0.07 -30.62
C MET A 387 30.41 1.46 -30.62
N SER A 388 31.75 1.52 -30.71
CA SER A 388 32.48 2.80 -30.76
C SER A 388 32.11 3.71 -29.59
N GLY A 389 31.97 3.11 -28.41
CA GLY A 389 31.59 3.90 -27.24
C GLY A 389 32.43 5.14 -27.03
N SER A 390 33.76 4.99 -26.96
CA SER A 390 34.56 6.11 -26.50
C SER A 390 34.72 7.21 -27.55
N ILE A 391 34.41 6.96 -28.82
CA ILE A 391 34.47 8.05 -29.78
C ILE A 391 33.07 8.62 -29.99
N THR A 392 32.20 8.52 -28.98
CA THR A 392 30.98 9.31 -28.99
C THR A 392 30.99 10.24 -27.79
N PRO A 393 30.31 11.38 -27.85
CA PRO A 393 30.47 12.37 -26.77
C PRO A 393 29.86 11.96 -25.45
N VAL A 394 28.96 10.98 -25.43
CA VAL A 394 28.36 10.60 -24.15
C VAL A 394 29.33 9.78 -23.31
N PHE A 395 30.30 9.10 -23.94
CA PHE A 395 31.21 8.24 -23.19
C PHE A 395 31.95 9.02 -22.11
N HIS A 396 32.41 10.23 -22.43
CA HIS A 396 33.15 11.05 -21.49
C HIS A 396 32.24 11.99 -20.69
N GLN A 397 30.94 11.70 -20.65
CA GLN A 397 29.96 12.52 -19.92
C GLN A 397 29.51 11.79 -18.66
N GLU A 398 29.82 12.34 -17.49
CA GLU A 398 29.24 11.85 -16.26
C GLU A 398 27.73 12.03 -16.27
N MET A 399 27.02 11.08 -15.65
CA MET A 399 25.57 11.09 -15.60
C MET A 399 25.07 10.67 -14.22
N LEU A 400 24.00 11.33 -13.76
CA LEU A 400 23.24 10.94 -12.58
C LEU A 400 21.99 10.16 -13.01
N ASN A 401 21.79 9.00 -12.40
CA ASN A 401 20.60 8.22 -12.66
C ASN A 401 19.69 8.31 -11.45
N TYR A 402 18.40 8.55 -11.71
CA TYR A 402 17.40 8.57 -10.64
C TYR A 402 16.01 8.48 -11.27
N ARG A 403 15.03 8.19 -10.43
CA ARG A 403 13.71 7.75 -10.88
C ARG A 403 12.70 8.85 -10.59
N LEU A 404 12.15 9.42 -11.67
CA LEU A 404 11.09 10.41 -11.61
C LEU A 404 9.77 9.82 -12.09
N THR A 405 8.63 10.33 -11.54
CA THR A 405 7.31 9.97 -12.03
CA THR A 405 7.33 9.96 -12.07
C THR A 405 6.66 11.17 -12.71
N PRO A 406 5.83 10.95 -13.77
CA PRO A 406 5.45 9.72 -14.47
C PRO A 406 6.61 8.97 -15.12
N SER A 407 6.44 7.68 -15.35
CA SER A 407 7.50 6.85 -15.89
C SER A 407 6.94 5.65 -16.62
N PHE A 408 7.77 5.11 -17.51
CA PHE A 408 7.59 3.77 -18.04
C PHE A 408 8.26 2.77 -17.11
N GLU A 409 7.62 1.63 -16.92
CA GLU A 409 8.09 0.59 -16.00
C GLU A 409 7.98 -0.75 -16.69
N TYR A 410 8.79 -1.69 -16.22
CA TYR A 410 8.66 -3.04 -16.74
C TYR A 410 7.51 -3.75 -16.06
N GLN A 411 7.07 -4.83 -16.69
CA GLN A 411 5.98 -5.62 -16.15
C GLN A 411 6.21 -7.07 -16.59
N PRO A 412 5.75 -8.03 -15.81
CA PRO A 412 5.96 -9.43 -16.18
C PRO A 412 5.22 -9.77 -17.45
N ASP A 413 5.79 -10.71 -18.21
CA ASP A 413 5.13 -11.22 -19.40
C ASP A 413 3.76 -11.78 -19.02
N PRO A 414 2.70 -11.44 -19.76
CA PRO A 414 1.35 -11.79 -19.31
C PRO A 414 1.10 -13.28 -19.23
N TRP A 415 1.83 -14.10 -19.99
CA TRP A 415 1.57 -15.53 -19.92
C TRP A 415 2.12 -16.17 -18.65
N ASN A 416 3.05 -15.51 -17.94
CA ASN A 416 3.45 -16.03 -16.63
C ASN A 416 2.34 -15.91 -15.60
N THR A 417 1.42 -14.97 -15.80
CA THR A 417 0.43 -14.62 -14.81
C THR A 417 -1.02 -14.74 -15.28
N HIS A 418 -1.27 -15.23 -16.49
CA HIS A 418 -2.62 -15.21 -17.05
C HIS A 418 -3.41 -16.45 -16.63
N VAL A 419 -4.58 -16.23 -16.04
CA VAL A 419 -5.47 -17.31 -15.65
C VAL A 419 -6.46 -17.52 -16.80
N TRP A 420 -6.25 -18.59 -17.56
CA TRP A 420 -6.92 -18.78 -18.84
C TRP A 420 -8.40 -19.09 -18.68
N LYS A 421 -9.12 -19.03 -19.80
CA LYS A 421 -10.56 -19.30 -19.82
C LYS A 421 -10.86 -20.57 -20.62
N ARG B 3 21.82 -12.33 4.02
CA ARG B 3 21.40 -11.63 2.81
C ARG B 3 22.27 -12.03 1.62
N PHE B 4 21.63 -12.51 0.56
CA PHE B 4 22.30 -12.84 -0.69
C PHE B 4 21.95 -11.77 -1.73
N LEU B 5 22.57 -11.88 -2.90
CA LEU B 5 22.33 -10.94 -3.99
C LEU B 5 22.72 -11.64 -5.28
N LYS B 6 21.91 -11.49 -6.31
CA LYS B 6 22.12 -12.26 -7.52
C LYS B 6 22.41 -11.35 -8.70
N VAL B 7 23.19 -11.88 -9.63
CA VAL B 7 23.50 -11.24 -10.89
C VAL B 7 23.29 -12.29 -11.97
N LYS B 8 22.85 -11.83 -13.13
CA LYS B 8 22.47 -12.69 -14.24
C LYS B 8 23.29 -12.28 -15.46
N ASN B 9 23.66 -13.27 -16.27
CA ASN B 9 24.20 -13.02 -17.60
C ASN B 9 23.06 -13.22 -18.59
N TRP B 10 22.77 -12.19 -19.37
CA TRP B 10 21.58 -12.22 -20.21
C TRP B 10 21.83 -12.86 -21.56
N GLU B 11 23.07 -13.21 -21.87
CA GLU B 11 23.44 -13.97 -23.04
C GLU B 11 23.41 -15.48 -22.78
N THR B 12 23.76 -15.89 -21.55
CA THR B 12 23.93 -17.30 -21.20
C THR B 12 23.00 -17.76 -20.10
N GLU B 13 22.33 -16.86 -19.39
CA GLU B 13 21.40 -17.13 -18.30
C GLU B 13 22.07 -17.68 -17.05
N VAL B 14 23.41 -17.75 -17.01
CA VAL B 14 24.11 -18.08 -15.78
C VAL B 14 23.73 -17.08 -14.70
N VAL B 15 23.44 -17.58 -13.50
CA VAL B 15 23.07 -16.73 -12.37
C VAL B 15 23.99 -17.03 -11.20
N LEU B 16 24.70 -16.01 -10.73
CA LEU B 16 25.67 -16.10 -9.65
C LEU B 16 25.12 -15.38 -8.42
N THR B 17 25.61 -15.79 -7.26
CA THR B 17 25.06 -15.31 -5.99
C THR B 17 26.15 -14.65 -5.17
N ASP B 18 25.99 -13.37 -4.91
CA ASP B 18 27.02 -12.57 -4.27
C ASP B 18 26.74 -12.48 -2.78
N THR B 19 27.57 -13.15 -1.99
CA THR B 19 27.59 -12.94 -0.54
C THR B 19 28.73 -12.03 -0.11
N LEU B 20 29.77 -11.90 -0.94
CA LEU B 20 30.96 -11.16 -0.53
C LEU B 20 30.66 -9.70 -0.25
N HIS B 21 29.60 -9.15 -0.84
CA HIS B 21 29.27 -7.73 -0.71
C HIS B 21 28.99 -7.33 0.72
N LEU B 22 28.68 -8.29 1.60
CA LEU B 22 28.47 -7.96 3.01
C LEU B 22 29.76 -7.54 3.69
N LYS B 23 30.90 -7.90 3.12
CA LYS B 23 32.21 -7.57 3.69
C LYS B 23 32.64 -6.15 3.40
N SER B 24 31.93 -5.39 2.57
CA SER B 24 32.37 -4.04 2.27
C SER B 24 31.98 -3.11 3.41
N THR B 25 32.82 -2.10 3.65
CA THR B 25 32.41 -1.02 4.54
C THR B 25 32.96 0.31 4.06
N LEU B 26 33.15 0.44 2.76
CA LEU B 26 33.55 1.70 2.16
C LEU B 26 32.44 2.17 1.23
N GLU B 27 32.14 3.46 1.28
CA GLU B 27 31.01 4.00 0.52
C GLU B 27 31.29 4.02 -0.99
N THR B 28 30.21 3.97 -1.79
CA THR B 28 30.30 4.05 -3.25
C THR B 28 29.91 5.42 -3.80
N GLY B 29 29.28 6.27 -3.00
CA GLY B 29 28.77 7.52 -3.51
C GLY B 29 27.35 7.43 -4.01
N CYS B 30 26.92 6.26 -4.47
CA CYS B 30 25.50 6.04 -4.70
C CYS B 30 24.73 6.17 -3.39
N THR B 31 23.48 6.58 -3.50
CA THR B 31 22.55 6.56 -2.38
C THR B 31 21.39 5.65 -2.75
N GLU B 32 20.45 5.48 -1.81
CA GLU B 32 19.30 4.66 -2.11
C GLU B 32 18.46 5.25 -3.24
N TYR B 33 18.55 6.56 -3.49
CA TYR B 33 17.69 7.23 -4.46
C TYR B 33 18.43 7.86 -5.62
N ILE B 34 19.77 7.81 -5.65
CA ILE B 34 20.54 8.29 -6.80
C ILE B 34 21.65 7.29 -7.04
N CYS B 35 22.00 7.07 -8.32
CA CYS B 35 23.13 6.22 -8.67
C CYS B 35 24.20 7.07 -9.34
N MET B 36 25.45 6.86 -8.92
CA MET B 36 26.58 7.66 -9.40
C MET B 36 27.62 6.77 -10.07
N GLY B 37 27.17 5.67 -10.65
CA GLY B 37 28.04 4.66 -11.25
C GLY B 37 28.85 5.13 -12.44
N SER B 38 28.63 6.35 -12.95
CA SER B 38 29.43 6.89 -14.04
C SER B 38 30.25 8.11 -13.62
N ILE B 39 30.19 8.49 -12.34
CA ILE B 39 31.06 9.55 -11.83
C ILE B 39 32.49 9.03 -11.75
N MET B 40 33.42 9.80 -12.30
CA MET B 40 34.83 9.40 -12.32
C MET B 40 35.37 9.22 -10.90
N HIS B 41 35.22 10.23 -10.05
CA HIS B 41 35.69 10.17 -8.66
C HIS B 41 34.56 10.61 -7.73
N PRO B 42 33.81 9.67 -7.15
CA PRO B 42 32.86 10.05 -6.08
C PRO B 42 33.58 10.16 -4.74
N SER B 43 32.83 10.09 -3.64
CA SER B 43 33.45 10.10 -2.32
C SER B 43 32.96 8.94 -1.45
N VAL B 52 45.87 12.55 8.36
CA VAL B 52 46.06 11.10 8.40
C VAL B 52 45.60 10.51 9.73
N ALA B 53 45.37 9.20 9.74
CA ALA B 53 44.55 8.57 10.77
C ALA B 53 45.23 8.63 12.14
N THR B 54 44.42 8.89 13.17
CA THR B 54 44.90 8.85 14.54
C THR B 54 44.94 7.42 15.05
N LYS B 55 45.46 7.25 16.27
CA LYS B 55 45.54 5.93 16.87
C LYS B 55 44.17 5.25 16.90
N ASP B 56 43.16 5.95 17.45
CA ASP B 56 41.83 5.37 17.61
C ASP B 56 41.27 4.81 16.30
N GLN B 57 41.42 5.55 15.21
CA GLN B 57 40.94 5.06 13.93
C GLN B 57 41.70 3.84 13.45
N LEU B 58 42.95 3.66 13.89
CA LEU B 58 43.85 2.74 13.21
C LEU B 58 43.71 1.29 13.68
N PHE B 59 43.62 1.00 14.99
CA PHE B 59 43.50 -0.40 15.42
C PHE B 59 42.40 -1.16 14.68
N PRO B 60 41.16 -0.67 14.60
CA PRO B 60 40.12 -1.49 13.96
C PRO B 60 40.44 -1.80 12.51
N LEU B 61 40.99 -0.82 11.78
CA LEU B 61 41.41 -1.08 10.40
C LEU B 61 42.49 -2.15 10.37
N ALA B 62 43.47 -2.05 11.27
CA ALA B 62 44.51 -3.06 11.33
C ALA B 62 43.95 -4.41 11.75
N LYS B 63 43.15 -4.43 12.82
CA LYS B 63 42.51 -5.69 13.23
C LYS B 63 41.78 -6.32 12.07
N GLU B 64 41.04 -5.50 11.32
CA GLU B 64 40.32 -6.00 10.15
C GLU B 64 41.26 -6.70 9.19
N PHE B 65 42.36 -6.03 8.82
CA PHE B 65 43.24 -6.64 7.85
C PHE B 65 43.93 -7.87 8.42
N ILE B 66 44.37 -7.82 9.67
CA ILE B 66 45.07 -8.97 10.24
C ILE B 66 44.15 -10.17 10.33
N ASP B 67 42.93 -9.99 10.87
CA ASP B 67 41.95 -11.07 10.90
C ASP B 67 41.72 -11.65 9.51
N GLN B 68 41.60 -10.78 8.51
CA GLN B 68 41.42 -11.25 7.14
C GLN B 68 42.61 -12.09 6.69
N TYR B 69 43.82 -11.62 6.99
CA TYR B 69 45.02 -12.35 6.57
C TYR B 69 45.11 -13.72 7.24
N TYR B 70 44.87 -13.77 8.55
CA TYR B 70 44.99 -15.06 9.19
C TYR B 70 43.84 -15.98 8.80
N SER B 71 42.70 -15.41 8.40
CA SER B 71 41.63 -16.22 7.85
C SER B 71 42.07 -16.85 6.54
N SER B 72 42.72 -16.06 5.67
CA SER B 72 43.10 -16.54 4.34
C SER B 72 44.05 -17.73 4.41
N ILE B 73 44.82 -17.85 5.48
CA ILE B 73 45.80 -18.93 5.61
C ILE B 73 45.35 -19.99 6.61
N LYS B 74 44.05 -20.06 6.91
CA LYS B 74 43.47 -21.04 7.83
C LYS B 74 44.25 -21.07 9.14
N ARG B 75 44.37 -19.89 9.76
CA ARG B 75 45.08 -19.70 11.02
C ARG B 75 44.32 -18.76 11.94
N PHE B 76 43.03 -18.56 11.69
CA PHE B 76 42.22 -17.62 12.45
C PHE B 76 42.07 -18.10 13.88
N GLY B 77 42.17 -17.17 14.83
CA GLY B 77 42.15 -17.53 16.24
C GLY B 77 43.37 -18.28 16.74
N SER B 78 44.38 -18.51 15.90
CA SER B 78 45.55 -19.26 16.34
C SER B 78 46.41 -18.46 17.31
N LYS B 79 47.38 -19.14 17.89
CA LYS B 79 48.38 -18.49 18.73
C LYS B 79 49.12 -17.39 17.96
N ALA B 80 49.63 -17.72 16.77
CA ALA B 80 50.31 -16.72 15.96
C ALA B 80 49.37 -15.60 15.51
N HIS B 81 48.06 -15.85 15.44
CA HIS B 81 47.13 -14.77 15.10
C HIS B 81 46.98 -13.80 16.26
N MET B 82 46.77 -14.31 17.47
CA MET B 82 46.56 -13.44 18.62
C MET B 82 47.82 -12.67 18.95
N GLU B 83 48.99 -13.28 18.75
CA GLU B 83 50.24 -12.58 19.02
C GLU B 83 50.43 -11.41 18.06
N ARG B 84 50.13 -11.63 16.77
CA ARG B 84 50.27 -10.56 15.80
C ARG B 84 49.35 -9.40 16.13
N LEU B 85 48.12 -9.69 16.55
CA LEU B 85 47.19 -8.64 16.93
C LEU B 85 47.76 -7.79 18.06
N GLU B 86 48.23 -8.44 19.12
CA GLU B 86 48.77 -7.71 20.26
C GLU B 86 50.04 -6.97 19.87
N GLU B 87 50.89 -7.59 19.05
CA GLU B 87 52.08 -6.91 18.55
C GLU B 87 51.70 -5.66 17.76
N VAL B 88 50.64 -5.73 16.95
CA VAL B 88 50.20 -4.57 16.20
C VAL B 88 49.70 -3.48 17.14
N ASN B 89 48.89 -3.85 18.12
CA ASN B 89 48.39 -2.87 19.09
C ASN B 89 49.54 -2.14 19.77
N LYS B 90 50.54 -2.89 20.25
CA LYS B 90 51.69 -2.27 20.90
C LYS B 90 52.26 -1.16 20.05
N GLU B 91 52.42 -1.44 18.74
CA GLU B 91 53.03 -0.46 17.84
C GLU B 91 52.15 0.78 17.69
N ILE B 92 50.85 0.60 17.52
CA ILE B 92 50.01 1.79 17.34
C ILE B 92 50.02 2.63 18.61
N ASP B 93 50.14 2.01 19.78
CA ASP B 93 50.31 2.80 21.00
C ASP B 93 51.69 3.45 21.06
N THR B 94 52.75 2.64 20.97
CA THR B 94 54.10 3.18 21.14
C THR B 94 54.44 4.18 20.04
N THR B 95 53.98 3.94 18.81
CA THR B 95 54.49 4.68 17.66
C THR B 95 53.42 5.39 16.84
N SER B 96 52.14 5.22 17.17
CA SER B 96 51.02 5.77 16.41
C SER B 96 50.88 5.17 15.03
N THR B 97 51.68 4.14 14.72
CA THR B 97 51.54 3.43 13.46
C THR B 97 51.99 1.99 13.69
N TYR B 98 52.18 1.25 12.59
CA TYR B 98 52.73 -0.09 12.69
C TYR B 98 53.27 -0.49 11.32
N GLN B 99 53.98 -1.61 11.33
CA GLN B 99 54.72 -2.09 10.18
C GLN B 99 54.19 -3.44 9.74
N LEU B 100 53.99 -3.60 8.45
CA LEU B 100 53.52 -4.86 7.92
C LEU B 100 54.66 -5.86 7.81
N LYS B 101 54.36 -7.13 8.09
CA LYS B 101 55.28 -8.22 7.80
C LYS B 101 55.40 -8.36 6.29
N ASP B 102 56.45 -9.07 5.88
CA ASP B 102 56.65 -9.25 4.45
C ASP B 102 55.54 -10.08 3.84
N THR B 103 55.08 -11.11 4.58
CA THR B 103 53.97 -11.92 4.08
C THR B 103 52.70 -11.08 3.97
N GLU B 104 52.42 -10.29 5.01
CA GLU B 104 51.24 -9.43 5.02
C GLU B 104 51.27 -8.46 3.85
N LEU B 105 52.46 -7.92 3.56
CA LEU B 105 52.59 -6.93 2.49
C LEU B 105 52.29 -7.55 1.13
N ILE B 106 52.86 -8.72 0.85
CA ILE B 106 52.58 -9.41 -0.41
C ILE B 106 51.10 -9.68 -0.55
N TYR B 107 50.49 -10.24 0.51
CA TYR B 107 49.06 -10.55 0.51
C TYR B 107 48.23 -9.30 0.24
N GLY B 108 48.49 -8.23 1.00
CA GLY B 108 47.78 -6.98 0.79
C GLY B 108 47.92 -6.47 -0.64
N ALA B 109 49.16 -6.45 -1.15
CA ALA B 109 49.35 -5.96 -2.51
C ALA B 109 48.52 -6.76 -3.50
N LYS B 110 48.51 -8.09 -3.36
CA LYS B 110 47.79 -8.91 -4.33
C LYS B 110 46.28 -8.73 -4.19
N HIS B 111 45.78 -8.54 -2.97
CA HIS B 111 44.34 -8.41 -2.82
C HIS B 111 43.85 -7.05 -3.27
N ALA B 112 44.67 -6.00 -3.14
CA ALA B 112 44.28 -4.73 -3.74
C ALA B 112 44.02 -4.88 -5.23
N TRP B 113 44.87 -5.61 -5.93
CA TRP B 113 44.61 -5.89 -7.34
C TRP B 113 43.32 -6.67 -7.49
N ARG B 114 43.15 -7.71 -6.67
CA ARG B 114 41.98 -8.57 -6.74
C ARG B 114 40.71 -7.77 -6.54
N ASN B 115 40.80 -6.72 -5.74
CA ASN B 115 39.66 -5.93 -5.34
C ASN B 115 39.43 -4.72 -6.24
N ALA B 116 40.28 -4.50 -7.26
CA ALA B 116 40.15 -3.31 -8.12
C ALA B 116 38.99 -3.53 -9.09
N SER B 117 37.84 -2.95 -8.76
CA SER B 117 36.64 -3.28 -9.52
CA SER B 117 36.61 -3.24 -9.51
C SER B 117 36.69 -2.77 -10.97
N ARG B 118 37.53 -1.79 -11.29
CA ARG B 118 37.64 -1.29 -12.66
C ARG B 118 38.61 -2.05 -13.53
N CYS B 119 39.23 -3.13 -13.04
CA CYS B 119 40.31 -3.80 -13.76
C CYS B 119 39.82 -5.10 -14.36
N VAL B 120 39.94 -5.22 -15.67
CA VAL B 120 39.48 -6.39 -16.41
C VAL B 120 40.53 -7.47 -16.47
N GLY B 121 41.76 -7.17 -16.05
CA GLY B 121 42.82 -8.15 -16.15
C GLY B 121 43.10 -8.93 -14.87
N ARG B 122 42.13 -8.95 -13.94
CA ARG B 122 42.37 -9.53 -12.61
C ARG B 122 42.42 -11.04 -12.58
N ILE B 123 42.28 -11.74 -13.71
CA ILE B 123 42.45 -13.17 -13.64
C ILE B 123 43.91 -13.50 -13.31
N GLN B 124 44.81 -12.55 -13.51
CA GLN B 124 46.23 -12.68 -13.24
C GLN B 124 46.63 -12.28 -11.83
N TRP B 125 45.67 -12.01 -10.94
CA TRP B 125 46.00 -11.28 -9.71
C TRP B 125 46.97 -12.03 -8.82
N SER B 126 46.82 -13.35 -8.75
CA SER B 126 47.65 -14.06 -7.79
C SER B 126 49.09 -14.19 -8.25
N LYS B 127 49.43 -13.85 -9.50
CA LYS B 127 50.80 -13.97 -9.98
C LYS B 127 51.59 -12.66 -9.91
N LEU B 128 51.24 -11.76 -8.99
CA LEU B 128 51.90 -10.46 -8.89
C LEU B 128 53.26 -10.57 -8.20
N GLN B 129 54.29 -9.99 -8.80
CA GLN B 129 55.61 -10.02 -8.20
C GLN B 129 55.80 -8.76 -7.35
N VAL B 130 55.98 -8.92 -6.04
CA VAL B 130 55.98 -7.79 -5.12
C VAL B 130 57.41 -7.43 -4.73
N PHE B 131 57.83 -6.20 -5.02
CA PHE B 131 59.12 -5.70 -4.61
C PHE B 131 58.95 -4.79 -3.39
N ASP B 132 59.55 -5.18 -2.26
CA ASP B 132 59.51 -4.41 -1.02
C ASP B 132 60.59 -3.34 -1.08
N ALA B 133 60.19 -2.08 -1.23
CA ALA B 133 61.13 -0.98 -1.24
C ALA B 133 60.93 -0.08 -0.02
N ARG B 134 60.51 -0.68 1.09
CA ARG B 134 60.24 0.10 2.30
C ARG B 134 61.49 0.55 3.03
N ASP B 135 62.69 0.09 2.64
CA ASP B 135 63.95 0.58 3.19
C ASP B 135 64.48 1.80 2.45
N CYS B 136 63.79 2.25 1.40
CA CYS B 136 64.25 3.39 0.62
C CYS B 136 64.22 4.67 1.46
N THR B 137 65.20 5.55 1.23
CA THR B 137 65.22 6.82 1.94
C THR B 137 65.36 8.03 1.04
N THR B 138 65.79 7.87 -0.21
CA THR B 138 66.08 9.04 -1.04
C THR B 138 65.58 8.80 -2.46
N ALA B 139 65.52 9.89 -3.23
CA ALA B 139 65.07 9.81 -4.60
C ALA B 139 65.95 8.90 -5.44
N HIS B 140 67.28 8.99 -5.21
CA HIS B 140 68.21 8.09 -5.91
C HIS B 140 67.93 6.64 -5.59
N GLY B 141 67.64 6.33 -4.34
CA GLY B 141 67.16 5.00 -4.00
C GLY B 141 65.94 4.63 -4.81
N MET B 142 64.97 5.55 -4.89
CA MET B 142 63.73 5.29 -5.64
C MET B 142 64.03 4.99 -7.10
N PHE B 143 64.91 5.78 -7.72
CA PHE B 143 65.25 5.57 -9.13
C PHE B 143 65.81 4.17 -9.35
N ASN B 144 66.68 3.71 -8.44
CA ASN B 144 67.24 2.37 -8.54
C ASN B 144 66.14 1.30 -8.51
N TYR B 145 65.25 1.39 -7.52
CA TYR B 145 64.15 0.46 -7.39
C TYR B 145 63.26 0.45 -8.64
N ILE B 146 62.97 1.63 -9.18
CA ILE B 146 62.09 1.72 -10.35
C ILE B 146 62.76 1.14 -11.58
N CYS B 147 64.05 1.46 -11.77
CA CYS B 147 64.82 0.89 -12.86
C CYS B 147 64.76 -0.63 -12.83
N ASN B 148 64.99 -1.21 -11.65
CA ASN B 148 64.90 -2.67 -11.52
C ASN B 148 63.46 -3.17 -11.62
N HIS B 149 62.47 -2.33 -11.36
CA HIS B 149 61.09 -2.72 -11.69
C HIS B 149 60.93 -2.82 -13.20
N VAL B 150 61.32 -1.77 -13.92
CA VAL B 150 61.09 -1.71 -15.36
C VAL B 150 61.73 -2.90 -16.06
N LYS B 151 63.06 -3.00 -15.95
CA LYS B 151 63.74 -4.25 -16.22
C LYS B 151 63.18 -5.22 -15.22
N TYR B 152 62.98 -6.46 -15.62
CA TYR B 152 62.20 -7.47 -14.89
C TYR B 152 60.77 -7.53 -15.40
N ALA B 153 59.98 -6.47 -15.17
CA ALA B 153 58.61 -6.46 -15.71
C ALA B 153 58.63 -6.53 -17.24
N THR B 154 59.56 -5.79 -17.88
CA THR B 154 59.65 -5.80 -19.33
C THR B 154 60.14 -7.14 -19.86
N ASN B 155 61.17 -7.74 -19.24
CA ASN B 155 61.62 -9.11 -19.53
C ASN B 155 61.80 -9.35 -21.03
N LYS B 156 62.39 -8.37 -21.72
CA LYS B 156 62.62 -8.46 -23.17
C LYS B 156 61.33 -8.75 -23.95
N GLY B 157 60.22 -8.22 -23.48
CA GLY B 157 58.95 -8.33 -24.18
C GLY B 157 58.03 -9.39 -23.64
N ASN B 158 58.50 -10.26 -22.76
CA ASN B 158 57.65 -11.28 -22.16
C ASN B 158 57.19 -10.74 -20.80
N LEU B 159 56.22 -9.82 -20.84
CA LEU B 159 55.97 -8.95 -19.69
C LEU B 159 55.43 -9.71 -18.49
N ARG B 160 55.76 -9.21 -17.30
CA ARG B 160 55.43 -9.84 -16.03
C ARG B 160 54.91 -8.78 -15.08
N SER B 161 53.85 -9.11 -14.35
CA SER B 161 53.23 -8.16 -13.45
C SER B 161 54.11 -7.95 -12.22
N ALA B 162 54.13 -6.71 -11.75
CA ALA B 162 55.00 -6.38 -10.63
C ALA B 162 54.57 -5.06 -10.05
N ILE B 163 54.81 -4.93 -8.75
CA ILE B 163 54.58 -3.71 -7.99
C ILE B 163 55.78 -3.49 -7.09
N THR B 164 56.14 -2.23 -6.87
CA THR B 164 57.23 -1.83 -6.00
C THR B 164 56.66 -0.88 -4.96
N ILE B 165 56.85 -1.19 -3.67
CA ILE B 165 56.15 -0.50 -2.60
C ILE B 165 57.14 0.27 -1.74
N PHE B 166 56.90 1.57 -1.61
CA PHE B 166 57.82 2.48 -0.94
C PHE B 166 57.33 2.77 0.47
N PRO B 167 58.14 3.45 1.32
CA PRO B 167 57.97 3.29 2.78
C PRO B 167 56.59 3.30 3.40
N GLN B 168 55.67 4.19 2.99
CA GLN B 168 54.32 4.35 3.54
C GLN B 168 54.22 5.67 4.28
N ARG B 169 53.02 6.22 4.30
CA ARG B 169 52.79 7.52 4.88
C ARG B 169 52.99 7.45 6.39
N THR B 170 53.56 8.51 6.98
CA THR B 170 53.61 8.60 8.43
C THR B 170 52.74 9.75 8.90
N ASP B 171 53.27 10.97 8.86
CA ASP B 171 52.55 12.14 9.34
C ASP B 171 52.05 13.02 8.20
N GLY B 172 52.05 12.52 6.97
CA GLY B 172 51.60 13.29 5.84
C GLY B 172 52.68 14.23 5.32
N LYS B 173 53.66 14.52 6.17
CA LYS B 173 54.73 15.44 5.88
C LYS B 173 55.91 14.80 5.16
N HIS B 174 56.08 13.49 5.28
CA HIS B 174 57.23 12.80 4.68
C HIS B 174 56.77 11.73 3.71
N ASP B 175 55.94 12.13 2.75
CA ASP B 175 55.39 11.19 1.79
C ASP B 175 56.41 10.89 0.71
N PHE B 176 56.45 9.64 0.29
CA PHE B 176 57.08 9.25 -0.96
C PHE B 176 56.04 9.36 -2.08
N ARG B 177 56.43 9.96 -3.21
CA ARG B 177 55.55 10.07 -4.36
C ARG B 177 56.34 9.92 -5.65
N VAL B 178 55.81 9.13 -6.59
CA VAL B 178 56.17 9.29 -8.00
C VAL B 178 55.27 10.34 -8.60
N TRP B 179 55.85 11.44 -9.08
CA TRP B 179 55.02 12.48 -9.68
C TRP B 179 54.49 12.07 -11.06
N ASN B 180 55.23 11.25 -11.79
CA ASN B 180 54.73 10.71 -13.05
C ASN B 180 53.45 9.94 -12.84
N SER B 181 52.56 10.01 -13.84
CA SER B 181 51.31 9.26 -13.73
C SER B 181 51.51 7.82 -14.14
N GLN B 182 52.31 7.56 -15.18
CA GLN B 182 52.87 6.25 -15.46
C GLN B 182 54.40 6.36 -15.45
N LEU B 183 55.10 5.21 -15.37
CA LEU B 183 56.56 5.26 -15.32
C LEU B 183 57.15 5.58 -16.68
N ILE B 184 56.51 5.16 -17.75
CA ILE B 184 56.89 5.50 -19.11
C ILE B 184 55.69 6.16 -19.77
N ARG B 185 55.79 7.47 -20.06
CA ARG B 185 54.85 8.25 -20.86
C ARG B 185 55.63 9.12 -21.83
N TYR B 186 54.96 9.54 -22.91
CA TYR B 186 55.58 10.49 -23.83
C TYR B 186 55.23 11.92 -23.43
N ALA B 187 56.20 12.81 -23.62
CA ALA B 187 56.01 14.22 -23.31
C ALA B 187 54.97 14.84 -24.24
N GLY B 188 54.47 16.00 -23.83
CA GLY B 188 53.59 16.79 -24.66
C GLY B 188 53.97 18.25 -24.60
N TYR B 189 54.14 18.89 -25.76
CA TYR B 189 54.48 20.31 -25.83
C TYR B 189 53.35 21.04 -26.55
N LYS B 190 52.67 21.93 -25.84
CA LYS B 190 51.77 22.87 -26.49
C LYS B 190 52.60 23.84 -27.32
N GLN B 191 52.08 24.21 -28.49
CA GLN B 191 52.77 25.14 -29.39
C GLN B 191 52.19 26.53 -29.26
N PRO B 192 52.94 27.57 -29.63
CA PRO B 192 52.38 28.92 -29.60
C PRO B 192 51.11 29.08 -30.45
N ASP B 193 50.93 28.24 -31.47
CA ASP B 193 49.82 28.35 -32.39
C ASP B 193 48.62 27.53 -31.94
N GLY B 194 48.67 26.97 -30.73
CA GLY B 194 47.59 26.20 -30.18
C GLY B 194 47.69 24.70 -30.40
N SER B 195 48.50 24.25 -31.35
CA SER B 195 48.61 22.82 -31.58
C SER B 195 49.47 22.16 -30.50
N THR B 196 49.59 20.83 -30.58
CA THR B 196 50.31 20.07 -29.56
C THR B 196 51.25 19.07 -30.22
N LEU B 197 52.44 18.93 -29.65
CA LEU B 197 53.43 17.99 -30.14
C LEU B 197 53.54 16.84 -29.13
N GLY B 198 53.45 15.62 -29.64
CA GLY B 198 53.45 14.46 -28.76
C GLY B 198 52.09 14.19 -28.11
N ASP B 199 52.11 13.86 -26.83
CA ASP B 199 50.92 13.35 -26.19
C ASP B 199 50.23 14.49 -25.45
N PRO B 200 49.06 14.95 -25.92
CA PRO B 200 48.37 16.04 -25.20
C PRO B 200 48.05 15.71 -23.77
N ALA B 201 48.03 14.43 -23.41
CA ALA B 201 47.61 14.05 -22.06
C ALA B 201 48.61 14.48 -21.00
N ASN B 202 49.86 14.71 -21.38
CA ASN B 202 50.93 14.88 -20.41
C ASN B 202 51.51 16.28 -20.46
N VAL B 203 50.79 17.22 -21.08
CA VAL B 203 51.32 18.56 -21.28
C VAL B 203 51.69 19.21 -19.96
N GLN B 204 50.80 19.13 -18.96
CA GLN B 204 51.08 19.79 -17.70
C GLN B 204 52.31 19.19 -17.04
N PHE B 205 52.41 17.86 -17.03
CA PHE B 205 53.55 17.23 -16.39
C PHE B 205 54.85 17.55 -17.14
N THR B 206 54.78 17.63 -18.48
CA THR B 206 55.91 18.10 -19.26
C THR B 206 56.36 19.48 -18.82
N GLU B 207 55.42 20.42 -18.66
CA GLU B 207 55.76 21.75 -18.17
C GLU B 207 56.47 21.66 -16.83
N ILE B 208 55.93 20.84 -15.93
CA ILE B 208 56.54 20.71 -14.59
C ILE B 208 57.98 20.25 -14.71
N CYS B 209 58.22 19.21 -15.52
CA CYS B 209 59.58 18.70 -15.70
C CYS B 209 60.49 19.78 -16.27
N ILE B 210 60.03 20.49 -17.30
CA ILE B 210 60.89 21.49 -17.93
C ILE B 210 61.29 22.54 -16.91
N GLN B 211 60.33 22.97 -16.09
CA GLN B 211 60.59 23.96 -15.06
C GLN B 211 61.56 23.46 -14.00
N GLN B 212 61.59 22.16 -13.76
CA GLN B 212 62.52 21.56 -12.82
C GLN B 212 63.91 21.36 -13.41
N GLY B 213 64.08 21.58 -14.71
CA GLY B 213 65.41 21.55 -15.28
C GLY B 213 65.57 20.64 -16.46
N TRP B 214 64.59 19.78 -16.70
CA TRP B 214 64.65 18.87 -17.84
C TRP B 214 64.78 19.67 -19.14
N LYS B 215 65.70 19.24 -19.99
CA LYS B 215 65.91 19.86 -21.30
C LYS B 215 65.27 18.96 -22.34
N PRO B 216 64.08 19.29 -22.83
CA PRO B 216 63.35 18.34 -23.68
C PRO B 216 63.90 18.32 -25.10
N PRO B 217 63.92 17.16 -25.74
CA PRO B 217 64.19 17.12 -27.19
C PRO B 217 63.07 17.71 -28.06
N ARG B 218 61.91 18.05 -27.50
CA ARG B 218 60.81 18.67 -28.24
C ARG B 218 60.53 17.90 -29.52
N GLY B 219 60.18 16.63 -29.35
CA GLY B 219 59.83 15.75 -30.45
C GLY B 219 58.53 15.02 -30.17
N ARG B 220 58.18 14.07 -31.02
CA ARG B 220 56.86 13.46 -30.89
C ARG B 220 56.82 12.37 -29.82
N PHE B 221 57.94 11.73 -29.53
CA PHE B 221 57.90 10.55 -28.67
C PHE B 221 59.04 10.57 -27.68
N ASP B 222 59.20 11.69 -26.99
CA ASP B 222 60.18 11.82 -25.93
C ASP B 222 59.69 11.08 -24.69
N VAL B 223 60.47 10.12 -24.20
CA VAL B 223 60.12 9.49 -22.94
C VAL B 223 60.35 10.48 -21.82
N LEU B 224 59.30 10.76 -21.04
CA LEU B 224 59.47 11.77 -20.00
C LEU B 224 60.47 11.28 -18.96
N PRO B 225 61.06 12.18 -18.19
CA PRO B 225 61.91 11.77 -17.08
C PRO B 225 61.09 11.47 -15.84
N LEU B 226 61.61 10.58 -15.02
CA LEU B 226 61.00 10.32 -13.72
C LEU B 226 61.23 11.50 -12.80
N LEU B 227 60.20 11.81 -12.01
CA LEU B 227 60.22 12.88 -11.02
C LEU B 227 59.90 12.24 -9.69
N LEU B 228 60.91 12.09 -8.84
CA LEU B 228 60.81 11.20 -7.70
C LEU B 228 60.94 11.99 -6.40
N GLN B 229 59.96 11.81 -5.52
CA GLN B 229 59.92 12.47 -4.23
C GLN B 229 60.08 11.42 -3.13
N ALA B 230 61.07 11.61 -2.26
CA ALA B 230 61.28 10.75 -1.11
C ALA B 230 61.24 11.58 0.18
N ASN B 231 60.57 11.03 1.20
CA ASN B 231 60.53 11.61 2.54
C ASN B 231 60.01 13.05 2.54
N GLY B 232 59.10 13.38 1.63
CA GLY B 232 58.55 14.72 1.63
C GLY B 232 59.49 15.80 1.17
N ASN B 233 60.64 15.43 0.60
CA ASN B 233 61.55 16.40 0.03
C ASN B 233 61.11 16.78 -1.39
N ASP B 234 61.73 17.84 -1.91
CA ASP B 234 61.42 18.25 -3.27
C ASP B 234 61.73 17.10 -4.23
N PRO B 235 60.93 16.90 -5.27
CA PRO B 235 61.19 15.79 -6.18
C PRO B 235 62.38 16.09 -7.08
N GLU B 236 62.97 15.01 -7.61
CA GLU B 236 64.20 15.10 -8.39
C GLU B 236 64.05 14.40 -9.73
N LEU B 237 64.72 14.94 -10.75
CA LEU B 237 64.70 14.38 -12.09
C LEU B 237 65.75 13.27 -12.26
N PHE B 238 65.38 12.27 -13.07
CA PHE B 238 66.22 11.12 -13.42
C PHE B 238 65.77 10.61 -14.78
N GLN B 239 66.71 10.41 -15.68
CA GLN B 239 66.41 9.86 -17.01
C GLN B 239 66.44 8.33 -16.95
N ILE B 240 65.29 7.70 -17.20
CA ILE B 240 65.26 6.24 -17.37
C ILE B 240 66.25 5.84 -18.46
N PRO B 241 67.14 4.88 -18.22
CA PRO B 241 68.10 4.51 -19.26
C PRO B 241 67.40 4.01 -20.51
N PRO B 242 67.68 4.63 -21.66
CA PRO B 242 66.91 4.34 -22.87
C PRO B 242 66.78 2.87 -23.19
N GLU B 243 67.82 2.09 -22.86
CA GLU B 243 67.80 0.66 -23.18
C GLU B 243 66.83 -0.13 -22.34
N LEU B 244 66.22 0.48 -21.31
CA LEU B 244 65.23 -0.24 -20.52
C LEU B 244 63.80 0.06 -20.96
N VAL B 245 63.61 0.91 -21.96
CA VAL B 245 62.28 1.33 -22.40
C VAL B 245 61.98 0.57 -23.68
N LEU B 246 61.20 -0.49 -23.57
CA LEU B 246 60.84 -1.27 -24.75
C LEU B 246 59.73 -0.55 -25.51
N GLU B 247 59.89 -0.42 -26.83
CA GLU B 247 58.97 0.32 -27.67
C GLU B 247 58.62 -0.49 -28.92
N VAL B 248 57.42 -0.27 -29.45
CA VAL B 248 56.89 -1.01 -30.58
C VAL B 248 56.51 -0.03 -31.69
N PRO B 249 57.15 -0.10 -32.85
CA PRO B 249 56.72 0.74 -33.97
C PRO B 249 55.43 0.17 -34.54
N ILE B 250 54.42 1.03 -34.73
CA ILE B 250 53.10 0.58 -35.13
C ILE B 250 53.01 0.55 -36.66
N ARG B 251 52.85 -0.64 -37.20
CA ARG B 251 52.56 -0.82 -38.61
C ARG B 251 51.28 -1.65 -38.73
N HIS B 252 50.80 -1.78 -39.96
CA HIS B 252 49.52 -2.43 -40.22
C HIS B 252 49.71 -3.56 -41.23
N PRO B 253 49.08 -4.71 -41.03
CA PRO B 253 49.36 -5.87 -41.89
C PRO B 253 48.88 -5.70 -43.33
N LYS B 254 47.88 -4.87 -43.59
CA LYS B 254 47.42 -4.66 -44.95
C LYS B 254 47.89 -3.32 -45.52
N PHE B 255 47.82 -2.25 -44.73
CA PHE B 255 48.07 -0.91 -45.25
C PHE B 255 49.56 -0.62 -45.12
N GLU B 256 50.28 -0.80 -46.24
CA GLU B 256 51.71 -0.55 -46.25
C GLU B 256 52.02 0.90 -45.89
N TRP B 257 51.09 1.82 -46.10
CA TRP B 257 51.28 3.22 -45.77
C TRP B 257 51.17 3.51 -44.28
N PHE B 258 50.75 2.55 -43.47
CA PHE B 258 50.48 2.87 -42.08
C PHE B 258 51.76 3.24 -41.35
N LYS B 259 52.85 2.53 -41.65
CA LYS B 259 54.13 2.83 -41.02
C LYS B 259 54.54 4.29 -41.22
N ASP B 260 54.12 4.89 -42.33
CA ASP B 260 54.44 6.28 -42.61
C ASP B 260 53.81 7.26 -41.64
N LEU B 261 52.95 6.81 -40.73
CA LEU B 261 52.47 7.71 -39.71
C LEU B 261 53.52 7.96 -38.63
N GLY B 262 54.59 7.16 -38.61
CA GLY B 262 55.64 7.32 -37.63
C GLY B 262 55.21 7.04 -36.22
N LEU B 263 54.25 6.15 -36.04
CA LEU B 263 53.66 5.92 -34.73
C LEU B 263 54.35 4.77 -34.03
N LYS B 264 54.51 4.92 -32.71
CA LYS B 264 55.01 3.85 -31.88
C LYS B 264 54.43 4.04 -30.49
N TRP B 265 54.44 2.97 -29.71
CA TRP B 265 54.06 3.08 -28.30
C TRP B 265 55.06 2.30 -27.46
N TYR B 266 55.03 2.52 -26.15
CA TYR B 266 55.86 1.78 -25.24
C TYR B 266 55.17 0.50 -24.80
N GLY B 267 55.95 -0.53 -24.54
CA GLY B 267 55.37 -1.83 -24.25
C GLY B 267 54.84 -2.00 -22.84
N LEU B 268 55.33 -1.23 -21.87
CA LEU B 268 55.11 -1.53 -20.46
C LEU B 268 54.18 -0.51 -19.83
N PRO B 269 52.90 -0.83 -19.62
CA PRO B 269 52.00 0.10 -18.92
C PRO B 269 52.20 -0.04 -17.42
N ALA B 270 52.50 1.08 -16.75
CA ALA B 270 53.04 1.03 -15.40
C ALA B 270 52.58 2.28 -14.65
N VAL B 271 51.50 2.15 -13.88
CA VAL B 271 50.78 3.27 -13.31
C VAL B 271 51.32 3.55 -11.91
N SER B 272 51.56 4.82 -11.62
CA SER B 272 52.43 5.18 -10.52
C SER B 272 51.87 6.30 -9.66
N ASN B 273 50.66 6.77 -9.91
CA ASN B 273 50.11 7.91 -9.19
C ASN B 273 49.02 7.51 -8.20
N MET B 274 48.80 6.22 -7.99
CA MET B 274 47.72 5.80 -7.11
C MET B 274 48.27 5.47 -5.72
N LEU B 275 47.37 5.15 -4.82
CA LEU B 275 47.72 4.92 -3.43
C LEU B 275 47.25 3.53 -3.02
N LEU B 276 48.12 2.79 -2.36
CA LEU B 276 47.82 1.44 -1.93
C LEU B 276 47.50 1.47 -0.44
N GLU B 277 46.31 1.01 -0.08
CA GLU B 277 45.86 1.01 1.31
C GLU B 277 45.75 -0.42 1.79
N ILE B 278 46.55 -0.75 2.80
CA ILE B 278 46.50 -2.06 3.45
C ILE B 278 46.40 -1.83 4.95
N GLY B 279 45.30 -2.30 5.54
CA GLY B 279 45.13 -2.27 6.98
C GLY B 279 45.20 -0.90 7.60
N GLY B 280 44.72 0.13 6.90
CA GLY B 280 44.84 1.49 7.37
C GLY B 280 46.16 2.16 7.02
N LEU B 281 47.14 1.41 6.54
CA LEU B 281 48.41 2.00 6.15
C LEU B 281 48.30 2.50 4.71
N GLU B 282 48.90 3.66 4.44
CA GLU B 282 48.82 4.29 3.13
C GLU B 282 50.18 4.30 2.46
N PHE B 283 50.29 3.58 1.35
CA PHE B 283 51.49 3.52 0.52
C PHE B 283 51.31 4.45 -0.66
N SER B 284 51.65 5.73 -0.46
CA SER B 284 51.42 6.77 -1.44
C SER B 284 52.29 6.66 -2.69
N ALA B 285 53.29 5.79 -2.70
CA ALA B 285 54.06 5.51 -3.90
C ALA B 285 54.15 4.00 -4.05
N CYS B 286 53.63 3.48 -5.17
CA CYS B 286 53.49 2.05 -5.31
C CYS B 286 53.35 1.67 -6.78
N PRO B 287 54.24 2.13 -7.65
CA PRO B 287 54.05 1.89 -9.08
C PRO B 287 53.86 0.40 -9.37
N PHE B 288 52.89 0.09 -10.23
CA PHE B 288 52.59 -1.28 -10.59
C PHE B 288 52.35 -1.38 -12.09
N SER B 289 52.52 -2.58 -12.62
CA SER B 289 52.59 -2.69 -14.05
C SER B 289 52.10 -4.06 -14.46
N GLY B 290 51.64 -4.16 -15.71
CA GLY B 290 51.24 -5.43 -16.28
C GLY B 290 51.56 -5.44 -17.75
N TRP B 291 50.58 -5.76 -18.58
CA TRP B 291 50.71 -5.61 -20.02
C TRP B 291 49.42 -4.99 -20.55
N TYR B 292 49.46 -4.53 -21.79
CA TYR B 292 48.35 -3.77 -22.36
C TYR B 292 47.23 -4.65 -22.90
N MET B 293 46.00 -4.18 -22.70
CA MET B 293 44.93 -4.48 -23.63
C MET B 293 45.01 -3.53 -24.82
N GLY B 294 44.86 -4.07 -26.04
CA GLY B 294 45.08 -3.27 -27.24
C GLY B 294 44.32 -1.96 -27.26
N THR B 295 43.03 -1.98 -26.89
CA THR B 295 42.21 -0.78 -26.99
C THR B 295 42.72 0.36 -26.13
N GLU B 296 43.48 0.08 -25.08
CA GLU B 296 44.05 1.16 -24.28
C GLU B 296 44.95 2.04 -25.12
N ILE B 297 45.68 1.44 -26.07
CA ILE B 297 46.52 2.21 -26.98
C ILE B 297 45.74 2.62 -28.22
N GLY B 298 45.05 1.66 -28.84
CA GLY B 298 44.44 1.90 -30.14
C GLY B 298 43.21 2.78 -30.12
N VAL B 299 42.43 2.74 -29.04
CA VAL B 299 41.18 3.48 -28.95
C VAL B 299 41.35 4.77 -28.16
N ARG B 300 41.94 4.69 -26.97
CA ARG B 300 42.02 5.84 -26.08
C ARG B 300 43.29 6.66 -26.27
N ASP B 301 44.42 6.03 -26.64
CA ASP B 301 45.67 6.77 -26.79
C ASP B 301 45.73 7.52 -28.13
N TYR B 302 45.34 6.87 -29.22
CA TYR B 302 45.47 7.44 -30.55
C TYR B 302 44.18 8.05 -31.10
N CYS B 303 43.03 7.79 -30.49
CA CYS B 303 41.76 8.23 -31.06
C CYS B 303 40.94 9.16 -30.18
N ASP B 304 41.14 9.16 -28.86
CA ASP B 304 40.57 10.19 -28.01
C ASP B 304 40.87 11.57 -28.58
N ASN B 305 39.82 12.38 -28.75
CA ASN B 305 39.97 13.72 -29.32
C ASN B 305 40.99 14.55 -28.54
N SER B 306 41.01 14.40 -27.23
CA SER B 306 41.99 15.06 -26.37
C SER B 306 43.35 14.34 -26.33
N ARG B 307 43.60 13.40 -27.25
CA ARG B 307 44.87 12.67 -27.30
C ARG B 307 45.53 12.81 -28.67
N TYR B 308 46.11 11.72 -29.19
CA TYR B 308 46.92 11.82 -30.40
C TYR B 308 46.07 12.05 -31.64
N ASN B 309 44.78 11.69 -31.60
CA ASN B 309 43.74 12.10 -32.57
C ASN B 309 44.16 11.87 -34.03
N ILE B 310 44.48 10.62 -34.35
CA ILE B 310 44.91 10.24 -35.70
C ILE B 310 43.76 9.65 -36.50
N LEU B 311 42.54 9.70 -35.96
CA LEU B 311 41.37 9.23 -36.70
C LEU B 311 41.23 10.00 -38.01
N GLU B 312 41.27 11.34 -37.96
CA GLU B 312 41.17 12.10 -39.19
C GLU B 312 42.22 11.68 -40.19
N GLU B 313 43.46 11.50 -39.75
CA GLU B 313 44.53 11.19 -40.70
C GLU B 313 44.36 9.79 -41.28
N VAL B 314 43.96 8.83 -40.46
CA VAL B 314 43.83 7.46 -40.96
C VAL B 314 42.68 7.35 -41.94
N ALA B 315 41.55 8.01 -41.64
CA ALA B 315 40.40 7.97 -42.55
C ALA B 315 40.73 8.63 -43.87
N LYS B 316 41.49 9.73 -43.85
CA LYS B 316 41.99 10.32 -45.09
C LYS B 316 42.66 9.26 -45.95
N LYS B 317 43.71 8.63 -45.42
CA LYS B 317 44.52 7.67 -46.17
C LYS B 317 43.73 6.41 -46.51
N MET B 318 42.50 6.31 -46.02
CA MET B 318 41.63 5.22 -46.40
C MET B 318 40.59 5.61 -47.45
N ASN B 319 40.58 6.86 -47.89
CA ASN B 319 39.62 7.41 -48.87
C ASN B 319 38.18 7.41 -48.37
N LEU B 320 37.95 7.12 -47.10
CA LEU B 320 36.59 7.08 -46.57
C LEU B 320 35.86 8.41 -46.78
N ASP B 321 34.54 8.34 -46.84
CA ASP B 321 33.72 9.53 -46.97
C ASP B 321 33.57 10.17 -45.60
N MET B 322 34.29 11.27 -45.38
CA MET B 322 34.30 11.97 -44.12
C MET B 322 33.31 13.13 -44.08
N ARG B 323 32.48 13.27 -45.11
CA ARG B 323 31.47 14.33 -45.13
C ARG B 323 30.37 14.06 -44.10
N LYS B 324 29.77 12.87 -44.13
CA LYS B 324 28.66 12.56 -43.23
C LYS B 324 29.06 11.48 -42.23
N THR B 325 28.71 11.70 -40.96
CA THR B 325 29.02 10.73 -39.90
C THR B 325 28.48 9.34 -40.23
N SER B 326 27.31 9.28 -40.88
CA SER B 326 26.64 8.01 -41.10
C SER B 326 27.41 7.11 -42.06
N SER B 327 28.40 7.64 -42.77
CA SER B 327 29.35 6.74 -43.41
C SER B 327 30.06 5.84 -42.40
N LEU B 328 30.08 6.26 -41.13
CA LEU B 328 30.82 5.57 -40.06
C LEU B 328 32.31 5.49 -40.34
N TRP B 329 32.87 6.49 -41.01
CA TRP B 329 34.31 6.53 -41.23
C TRP B 329 35.07 6.46 -39.90
N LYS B 330 34.63 7.24 -38.90
CA LYS B 330 35.27 7.20 -37.58
C LYS B 330 35.34 5.77 -37.04
N ASP B 331 34.20 5.09 -37.04
CA ASP B 331 34.16 3.70 -36.61
C ASP B 331 35.12 2.85 -37.42
N GLN B 332 35.13 3.06 -38.74
CA GLN B 332 35.93 2.19 -39.60
C GLN B 332 37.42 2.42 -39.39
N ALA B 333 37.82 3.68 -39.18
CA ALA B 333 39.24 3.99 -39.00
C ALA B 333 39.72 3.54 -37.63
N LEU B 334 38.81 3.48 -36.67
CA LEU B 334 39.15 3.02 -35.33
C LEU B 334 39.56 1.54 -35.35
N VAL B 335 38.79 0.72 -36.05
CA VAL B 335 39.10 -0.71 -36.07
C VAL B 335 40.50 -0.92 -36.60
N GLU B 336 40.86 -0.22 -37.68
CA GLU B 336 42.13 -0.46 -38.36
C GLU B 336 43.33 -0.08 -37.49
N ILE B 337 43.23 1.05 -36.80
CA ILE B 337 44.25 1.41 -35.83
C ILE B 337 44.42 0.31 -34.81
N ASN B 338 43.32 -0.23 -34.29
CA ASN B 338 43.41 -1.24 -33.26
C ASN B 338 43.95 -2.57 -33.80
N ILE B 339 43.69 -2.87 -35.08
CA ILE B 339 44.34 -4.02 -35.70
C ILE B 339 45.84 -3.81 -35.76
N ALA B 340 46.25 -2.62 -36.20
CA ALA B 340 47.67 -2.32 -36.36
C ALA B 340 48.40 -2.41 -35.03
N VAL B 341 47.74 -2.00 -33.95
CA VAL B 341 48.33 -2.08 -32.62
C VAL B 341 48.57 -3.53 -32.24
N LEU B 342 47.55 -4.39 -32.37
CA LEU B 342 47.75 -5.78 -32.01
C LEU B 342 48.80 -6.45 -32.89
N TYR B 343 48.77 -6.19 -34.19
CA TYR B 343 49.72 -6.84 -35.09
C TYR B 343 51.14 -6.41 -34.80
N SER B 344 51.31 -5.14 -34.49
CA SER B 344 52.64 -4.64 -34.22
C SER B 344 53.24 -5.31 -32.99
N PHE B 345 52.45 -5.42 -31.92
CA PHE B 345 52.98 -6.02 -30.70
C PHE B 345 53.24 -7.50 -30.88
N GLN B 346 52.32 -8.21 -31.53
CA GLN B 346 52.49 -9.65 -31.69
C GLN B 346 53.70 -9.97 -32.55
N SER B 347 54.01 -9.13 -33.55
CA SER B 347 55.16 -9.37 -34.39
C SER B 347 56.45 -9.12 -33.62
N ASP B 348 56.51 -8.03 -32.86
CA ASP B 348 57.71 -7.78 -32.05
C ASP B 348 57.76 -8.65 -30.79
N LYS B 349 56.86 -9.62 -30.68
CA LYS B 349 56.73 -10.50 -29.51
C LYS B 349 56.78 -9.72 -28.19
N VAL B 350 55.95 -8.69 -28.09
CA VAL B 350 55.71 -7.97 -26.85
C VAL B 350 54.30 -8.31 -26.38
N THR B 351 54.18 -8.71 -25.13
CA THR B 351 52.90 -9.19 -24.61
C THR B 351 51.81 -8.14 -24.82
N ILE B 352 50.66 -8.62 -25.28
CA ILE B 352 49.47 -7.77 -25.37
C ILE B 352 48.26 -8.69 -25.43
N VAL B 353 47.12 -8.18 -24.98
CA VAL B 353 45.85 -8.91 -25.05
C VAL B 353 44.83 -8.05 -25.78
N ASP B 354 44.07 -8.68 -26.69
CA ASP B 354 42.99 -7.98 -27.35
C ASP B 354 41.75 -7.97 -26.44
N HIS B 355 40.82 -7.07 -26.75
CA HIS B 355 39.70 -6.86 -25.83
C HIS B 355 38.74 -8.06 -25.79
N HIS B 356 38.64 -8.81 -26.87
CA HIS B 356 37.83 -10.02 -26.85
C HIS B 356 38.40 -11.03 -25.88
N SER B 357 39.66 -11.44 -26.10
CA SER B 357 40.29 -12.41 -25.22
C SER B 357 40.23 -11.96 -23.78
N ALA B 358 40.54 -10.68 -23.53
CA ALA B 358 40.55 -10.17 -22.16
C ALA B 358 39.16 -10.22 -21.53
N THR B 359 38.11 -9.88 -22.28
CA THR B 359 36.78 -9.90 -21.66
C THR B 359 36.34 -11.33 -21.40
N GLU B 360 36.64 -12.24 -22.33
CA GLU B 360 36.39 -13.65 -22.09
C GLU B 360 37.10 -14.13 -20.82
N SER B 361 38.37 -13.76 -20.64
CA SER B 361 39.09 -14.20 -19.45
CA SER B 361 39.09 -14.19 -19.45
C SER B 361 38.45 -13.64 -18.19
N PHE B 362 38.12 -12.34 -18.19
CA PHE B 362 37.50 -11.76 -17.01
C PHE B 362 36.19 -12.47 -16.62
N ILE B 363 35.42 -12.96 -17.62
CA ILE B 363 34.17 -13.66 -17.28
C ILE B 363 34.46 -14.97 -16.57
N LYS B 364 35.38 -15.77 -17.13
CA LYS B 364 35.87 -16.94 -16.40
C LYS B 364 36.32 -16.56 -15.00
N HIS B 365 37.12 -15.49 -14.89
CA HIS B 365 37.63 -15.09 -13.59
C HIS B 365 36.49 -14.78 -12.63
N MET B 366 35.49 -14.03 -13.10
CA MET B 366 34.36 -13.65 -12.26
C MET B 366 33.61 -14.87 -11.76
N GLU B 367 33.30 -15.82 -12.66
CA GLU B 367 32.61 -17.02 -12.22
C GLU B 367 33.42 -17.74 -11.14
N ASN B 368 34.71 -17.96 -11.39
CA ASN B 368 35.56 -18.60 -10.40
C ASN B 368 35.52 -17.86 -9.06
N GLU B 369 35.68 -16.52 -9.09
CA GLU B 369 35.64 -15.74 -7.86
C GLU B 369 34.29 -15.81 -7.17
N TYR B 370 33.17 -15.90 -7.90
CA TYR B 370 31.94 -16.15 -7.17
C TYR B 370 32.00 -17.52 -6.49
N ARG B 371 32.47 -18.54 -7.21
CA ARG B 371 32.52 -19.89 -6.68
C ARG B 371 33.36 -19.95 -5.41
N CYS B 372 34.62 -19.51 -5.48
CA CYS B 372 35.53 -19.74 -4.36
C CYS B 372 35.51 -18.62 -3.33
N ARG B 373 35.11 -17.41 -3.71
CA ARG B 373 35.18 -16.27 -2.82
C ARG B 373 33.82 -15.70 -2.41
N GLY B 374 32.74 -16.03 -3.11
CA GLY B 374 31.46 -15.47 -2.75
C GLY B 374 31.13 -14.15 -3.41
N GLY B 375 31.93 -13.72 -4.38
CA GLY B 375 31.58 -12.56 -5.17
C GLY B 375 32.82 -12.00 -5.85
N CYS B 376 32.59 -10.93 -6.60
CA CYS B 376 33.68 -10.27 -7.30
C CYS B 376 33.27 -8.87 -7.75
N PRO B 377 33.63 -7.84 -7.01
CA PRO B 377 33.18 -6.49 -7.35
C PRO B 377 33.71 -6.06 -8.70
N ALA B 378 32.84 -5.47 -9.51
CA ALA B 378 33.19 -5.14 -10.88
C ALA B 378 32.45 -3.88 -11.32
N ASP B 379 33.12 -3.06 -12.10
CA ASP B 379 32.60 -1.77 -12.52
C ASP B 379 32.29 -1.90 -14.02
N TRP B 380 31.02 -2.17 -14.33
CA TRP B 380 30.62 -2.42 -15.70
C TRP B 380 31.06 -1.27 -16.62
N VAL B 381 30.91 -0.03 -16.16
CA VAL B 381 31.29 1.14 -16.94
C VAL B 381 32.76 1.11 -17.35
N TRP B 382 33.62 0.47 -16.55
CA TRP B 382 35.03 0.35 -16.90
C TRP B 382 35.41 -1.00 -17.48
N ILE B 383 34.73 -2.09 -17.10
CA ILE B 383 35.08 -3.40 -17.62
C ILE B 383 34.75 -3.51 -19.11
N VAL B 384 33.63 -2.93 -19.55
CA VAL B 384 33.23 -3.06 -20.95
C VAL B 384 34.23 -2.30 -21.83
N PRO B 385 34.83 -2.95 -22.82
CA PRO B 385 35.83 -2.27 -23.64
C PRO B 385 35.27 -1.00 -24.25
N PRO B 386 36.12 -0.01 -24.55
CA PRO B 386 35.62 1.24 -25.14
C PRO B 386 35.28 1.16 -26.62
N MET B 387 35.34 -0.01 -27.23
CA MET B 387 34.85 -0.19 -28.59
C MET B 387 34.21 -1.57 -28.67
N SER B 388 33.28 -1.73 -29.61
CA SER B 388 32.66 -3.04 -29.88
C SER B 388 32.06 -3.67 -28.62
N GLY B 389 31.57 -2.85 -27.71
CA GLY B 389 31.07 -3.33 -26.44
C GLY B 389 30.15 -4.54 -26.48
N SER B 390 29.03 -4.47 -27.22
CA SER B 390 27.99 -5.49 -27.12
C SER B 390 28.42 -6.86 -27.63
N ILE B 391 29.50 -6.94 -28.41
CA ILE B 391 29.97 -8.20 -28.95
C ILE B 391 31.08 -8.81 -28.10
N THR B 392 31.31 -8.27 -26.89
CA THR B 392 32.13 -8.95 -25.91
C THR B 392 31.22 -9.46 -24.80
N PRO B 393 31.54 -10.59 -24.17
CA PRO B 393 30.59 -11.20 -23.23
C PRO B 393 30.33 -10.38 -21.98
N VAL B 394 31.23 -9.48 -21.57
CA VAL B 394 30.95 -8.75 -20.34
C VAL B 394 29.78 -7.78 -20.51
N PHE B 395 29.48 -7.38 -21.75
CA PHE B 395 28.46 -6.37 -21.96
C PHE B 395 27.11 -6.87 -21.44
N HIS B 396 26.85 -8.16 -21.61
CA HIS B 396 25.62 -8.81 -21.17
C HIS B 396 25.71 -9.36 -19.75
N GLN B 397 26.81 -9.13 -19.07
CA GLN B 397 27.02 -9.67 -17.73
C GLN B 397 26.62 -8.63 -16.70
N GLU B 398 25.63 -8.95 -15.87
CA GLU B 398 25.34 -8.09 -14.73
C GLU B 398 26.47 -8.16 -13.71
N MET B 399 26.78 -7.01 -13.11
CA MET B 399 27.88 -6.85 -12.16
C MET B 399 27.46 -5.99 -10.97
N LEU B 400 27.91 -6.39 -9.80
CA LEU B 400 27.75 -5.62 -8.57
C LEU B 400 29.06 -4.95 -8.22
N ASN B 401 28.97 -3.70 -7.80
CA ASN B 401 30.15 -2.89 -7.54
C ASN B 401 30.14 -2.45 -6.08
N TYR B 402 31.27 -2.65 -5.40
CA TYR B 402 31.45 -2.33 -3.99
C TYR B 402 32.95 -2.34 -3.69
N ARG B 403 33.31 -1.73 -2.56
CA ARG B 403 34.70 -1.39 -2.27
C ARG B 403 35.23 -2.30 -1.16
N LEU B 404 36.02 -3.28 -1.54
CA LEU B 404 36.73 -4.09 -0.55
C LEU B 404 38.11 -3.49 -0.28
N THR B 405 38.62 -3.75 0.91
CA THR B 405 39.97 -3.34 1.22
C THR B 405 40.82 -4.55 1.60
N PRO B 406 42.14 -4.55 1.29
CA PRO B 406 42.98 -3.52 0.68
C PRO B 406 42.50 -3.07 -0.68
N SER B 407 42.77 -1.82 -1.03
CA SER B 407 42.35 -1.32 -2.32
C SER B 407 43.38 -0.33 -2.85
N PHE B 408 43.42 -0.20 -4.17
CA PHE B 408 44.08 0.95 -4.77
C PHE B 408 43.10 2.12 -4.77
N GLU B 409 43.64 3.32 -4.60
CA GLU B 409 42.84 4.51 -4.42
C GLU B 409 43.51 5.65 -5.17
N TYR B 410 42.70 6.62 -5.56
CA TYR B 410 43.20 7.83 -6.17
C TYR B 410 43.70 8.77 -5.09
N GLN B 411 44.67 9.60 -5.46
CA GLN B 411 45.20 10.62 -4.58
C GLN B 411 45.40 11.87 -5.39
N PRO B 412 45.43 13.04 -4.75
CA PRO B 412 45.64 14.28 -5.49
C PRO B 412 47.01 14.35 -6.13
N ASP B 413 47.07 15.08 -7.25
CA ASP B 413 48.35 15.33 -7.90
C ASP B 413 49.32 15.98 -6.92
N PRO B 414 50.58 15.56 -6.91
CA PRO B 414 51.52 16.07 -5.89
C PRO B 414 51.77 17.56 -5.99
N TRP B 415 51.74 18.12 -7.20
CA TRP B 415 52.00 19.55 -7.30
C TRP B 415 50.86 20.41 -6.78
N ASN B 416 49.66 19.84 -6.59
CA ASN B 416 48.57 20.59 -5.98
C ASN B 416 48.62 20.63 -4.46
N THR B 417 49.49 19.84 -3.83
CA THR B 417 49.57 19.80 -2.38
C THR B 417 50.99 19.94 -1.83
N HIS B 418 52.05 19.69 -2.61
CA HIS B 418 53.41 19.72 -2.09
C HIS B 418 53.84 21.13 -1.73
N VAL B 419 54.28 21.33 -0.50
CA VAL B 419 54.86 22.61 -0.11
C VAL B 419 56.38 22.54 -0.29
N TRP B 420 56.93 23.46 -1.10
CA TRP B 420 58.28 23.37 -1.62
C TRP B 420 59.33 23.83 -0.61
N LYS B 421 60.59 23.50 -0.90
CA LYS B 421 61.70 23.68 0.03
C LYS B 421 62.84 24.54 -0.52
N LEU B 422 63.16 24.42 -1.82
CA LEU B 422 64.38 25.03 -2.36
C LEU B 422 64.19 26.53 -2.62
N VAL B 423 65.33 27.22 -2.81
CA VAL B 423 65.48 28.68 -2.70
C VAL B 423 64.60 29.30 -1.60
N ARG C 3 -30.86 -26.61 10.07
CA ARG C 3 -29.86 -26.44 11.11
C ARG C 3 -30.42 -25.67 12.31
N PHE C 4 -29.54 -25.21 13.18
CA PHE C 4 -29.92 -24.57 14.43
C PHE C 4 -29.01 -23.36 14.67
N LEU C 5 -29.55 -22.35 15.35
CA LEU C 5 -28.78 -21.19 15.76
C LEU C 5 -29.19 -20.83 17.17
N LYS C 6 -28.24 -20.42 18.00
CA LYS C 6 -28.54 -20.14 19.39
C LYS C 6 -28.39 -18.66 19.70
N VAL C 7 -29.27 -18.18 20.56
CA VAL C 7 -29.20 -16.84 21.11
C VAL C 7 -29.19 -17.00 22.62
N LYS C 8 -28.52 -16.08 23.29
CA LYS C 8 -28.27 -16.12 24.72
C LYS C 8 -28.79 -14.84 25.33
N ASN C 9 -29.30 -14.93 26.54
CA ASN C 9 -29.54 -13.76 27.37
C ASN C 9 -28.44 -13.68 28.41
N TRP C 10 -27.65 -12.61 28.39
CA TRP C 10 -26.49 -12.46 29.24
C TRP C 10 -26.82 -11.97 30.64
N GLU C 11 -28.09 -11.67 30.88
CA GLU C 11 -28.60 -11.37 32.22
C GLU C 11 -29.17 -12.58 32.93
N THR C 12 -29.74 -13.54 32.19
CA THR C 12 -30.39 -14.72 32.73
C THR C 12 -29.73 -16.03 32.34
N GLU C 13 -28.79 -16.02 31.38
CA GLU C 13 -28.10 -17.21 30.91
C GLU C 13 -29.05 -18.10 30.10
N VAL C 14 -30.32 -17.71 29.97
CA VAL C 14 -31.27 -18.47 29.16
C VAL C 14 -30.83 -18.49 27.71
N VAL C 15 -30.85 -19.68 27.11
CA VAL C 15 -30.44 -19.89 25.73
C VAL C 15 -31.61 -20.50 24.97
N LEU C 16 -31.90 -19.94 23.79
CA LEU C 16 -32.98 -20.41 22.93
C LEU C 16 -32.40 -20.84 21.59
N THR C 17 -33.18 -21.61 20.84
CA THR C 17 -32.71 -22.20 19.60
C THR C 17 -33.63 -21.84 18.45
N ASP C 18 -33.03 -21.35 17.37
CA ASP C 18 -33.78 -20.75 16.28
C ASP C 18 -33.67 -21.63 15.05
N THR C 19 -34.73 -22.38 14.77
CA THR C 19 -34.86 -23.07 13.49
C THR C 19 -35.66 -22.26 12.47
N LEU C 20 -36.43 -21.27 12.92
CA LEU C 20 -37.31 -20.55 12.02
C LEU C 20 -36.55 -19.79 10.95
N HIS C 21 -35.28 -19.43 11.21
CA HIS C 21 -34.50 -18.66 10.26
C HIS C 21 -34.29 -19.40 8.95
N LEU C 22 -34.53 -20.72 8.93
CA LEU C 22 -34.42 -21.49 7.69
C LEU C 22 -35.52 -21.15 6.69
N LYS C 23 -36.65 -20.63 7.15
CA LYS C 23 -37.74 -20.27 6.27
C LYS C 23 -37.68 -18.82 5.80
N SER C 24 -36.59 -18.09 6.08
CA SER C 24 -36.47 -16.70 5.66
C SER C 24 -36.15 -16.64 4.17
N THR C 25 -36.41 -15.47 3.58
CA THR C 25 -36.31 -15.42 2.12
C THR C 25 -35.54 -14.21 1.60
N LEU C 26 -36.04 -12.98 1.77
CA LEU C 26 -35.37 -11.83 1.15
C LEU C 26 -34.04 -11.56 1.86
N GLU C 27 -33.19 -10.80 1.17
CA GLU C 27 -31.91 -10.37 1.73
C GLU C 27 -32.12 -9.55 3.00
N THR C 28 -31.12 -9.63 3.90
CA THR C 28 -31.05 -8.71 5.03
C THR C 28 -30.36 -7.41 4.67
N GLY C 29 -29.60 -7.39 3.57
CA GLY C 29 -28.66 -6.34 3.30
C GLY C 29 -27.25 -6.64 3.79
N CYS C 30 -27.11 -7.43 4.85
CA CYS C 30 -25.79 -7.84 5.29
C CYS C 30 -25.17 -8.82 4.29
N THR C 31 -23.85 -8.97 4.36
CA THR C 31 -23.13 -9.99 3.63
C THR C 31 -22.30 -10.82 4.60
N GLU C 32 -21.59 -11.81 4.08
CA GLU C 32 -20.74 -12.62 4.95
C GLU C 32 -19.66 -11.76 5.62
N TYR C 33 -19.25 -10.66 4.98
CA TYR C 33 -18.13 -9.86 5.43
C TYR C 33 -18.49 -8.43 5.85
N ILE C 34 -19.73 -7.99 5.70
CA ILE C 34 -20.16 -6.69 6.20
C ILE C 34 -21.46 -6.87 6.95
N CYS C 35 -21.63 -6.15 8.05
CA CYS C 35 -22.92 -6.09 8.75
C CYS C 35 -23.52 -4.71 8.57
N MET C 36 -24.82 -4.69 8.21
CA MET C 36 -25.54 -3.44 7.96
C MET C 36 -26.70 -3.24 8.92
N GLY C 37 -26.65 -3.90 10.08
CA GLY C 37 -27.70 -3.86 11.08
C GLY C 37 -28.19 -2.50 11.56
N SER C 38 -27.50 -1.42 11.17
CA SER C 38 -27.90 -0.07 11.57
C SER C 38 -28.24 0.81 10.38
N ILE C 39 -28.20 0.28 9.15
CA ILE C 39 -28.75 0.99 8.00
C ILE C 39 -30.27 0.96 8.06
N MET C 40 -30.90 2.12 7.84
CA MET C 40 -32.35 2.20 7.99
C MET C 40 -33.09 1.45 6.89
N HIS C 41 -32.68 1.59 5.64
CA HIS C 41 -33.23 0.81 4.53
C HIS C 41 -32.08 0.20 3.74
N PRO C 42 -31.74 -1.08 3.96
CA PRO C 42 -30.75 -1.68 3.06
C PRO C 42 -31.36 -2.05 1.70
N VAL C 52 -44.22 -4.06 -10.80
CA VAL C 52 -45.09 -5.15 -10.37
C VAL C 52 -44.53 -6.49 -10.83
N ALA C 53 -44.93 -7.55 -10.15
CA ALA C 53 -44.41 -8.88 -10.40
C ALA C 53 -45.11 -9.52 -11.60
N THR C 54 -44.34 -10.26 -12.39
CA THR C 54 -44.88 -10.92 -13.57
C THR C 54 -45.68 -12.15 -13.18
N LYS C 55 -46.40 -12.69 -14.18
CA LYS C 55 -47.12 -13.95 -14.03
C LYS C 55 -46.26 -15.00 -13.36
N ASP C 56 -45.08 -15.26 -13.92
CA ASP C 56 -44.24 -16.38 -13.49
C ASP C 56 -43.47 -16.08 -12.20
N GLN C 57 -43.27 -14.81 -11.86
CA GLN C 57 -42.75 -14.51 -10.54
C GLN C 57 -43.76 -14.84 -9.43
N LEU C 58 -45.05 -14.83 -9.76
CA LEU C 58 -46.13 -14.80 -8.76
C LEU C 58 -46.50 -16.18 -8.24
N PHE C 59 -46.68 -17.17 -9.14
CA PHE C 59 -47.06 -18.53 -8.77
C PHE C 59 -46.33 -18.99 -7.51
N PRO C 60 -44.97 -19.02 -7.50
CA PRO C 60 -44.30 -19.56 -6.30
C PRO C 60 -44.55 -18.75 -5.06
N LEU C 61 -44.69 -17.42 -5.19
CA LEU C 61 -45.00 -16.61 -4.02
C LEU C 61 -46.39 -16.93 -3.50
N ALA C 62 -47.36 -17.06 -4.41
CA ALA C 62 -48.69 -17.49 -3.99
C ALA C 62 -48.64 -18.87 -3.35
N LYS C 63 -48.10 -19.86 -4.07
CA LYS C 63 -48.01 -21.21 -3.52
C LYS C 63 -47.37 -21.20 -2.15
N GLU C 64 -46.29 -20.43 -1.99
CA GLU C 64 -45.59 -20.30 -0.72
C GLU C 64 -46.55 -19.91 0.40
N PHE C 65 -47.32 -18.84 0.19
CA PHE C 65 -48.22 -18.35 1.22
C PHE C 65 -49.35 -19.35 1.50
N ILE C 66 -49.98 -19.87 0.44
CA ILE C 66 -51.11 -20.77 0.64
C ILE C 66 -50.69 -22.00 1.44
N ASP C 67 -49.59 -22.64 1.02
CA ASP C 67 -48.99 -23.71 1.82
C ASP C 67 -48.89 -23.31 3.28
N GLN C 68 -48.28 -22.15 3.53
CA GLN C 68 -48.09 -21.69 4.90
C GLN C 68 -49.43 -21.58 5.61
N TYR C 69 -50.43 -21.02 4.95
CA TYR C 69 -51.75 -20.86 5.55
C TYR C 69 -52.37 -22.21 5.88
N TYR C 70 -52.39 -23.12 4.91
CA TYR C 70 -53.05 -24.39 5.19
C TYR C 70 -52.28 -25.20 6.22
N SER C 71 -50.97 -25.04 6.30
CA SER C 71 -50.22 -25.69 7.38
C SER C 71 -50.62 -25.15 8.74
N SER C 72 -50.74 -23.83 8.85
CA SER C 72 -51.14 -23.20 10.11
C SER C 72 -52.47 -23.72 10.64
N ILE C 73 -53.38 -24.10 9.76
CA ILE C 73 -54.69 -24.57 10.19
C ILE C 73 -54.79 -26.10 10.14
N LYS C 74 -53.66 -26.79 10.08
CA LYS C 74 -53.61 -28.25 10.06
C LYS C 74 -54.54 -28.81 8.99
N ARG C 75 -54.32 -28.34 7.75
CA ARG C 75 -55.03 -28.81 6.56
C ARG C 75 -54.09 -28.96 5.38
N PHE C 76 -52.79 -29.17 5.66
CA PHE C 76 -51.81 -29.23 4.58
C PHE C 76 -51.99 -30.50 3.77
N GLY C 77 -51.85 -30.36 2.46
CA GLY C 77 -52.08 -31.49 1.56
C GLY C 77 -53.52 -31.93 1.45
N SER C 78 -54.45 -31.24 2.11
CA SER C 78 -55.84 -31.66 2.15
C SER C 78 -56.55 -31.35 0.83
N LYS C 79 -57.78 -31.85 0.73
CA LYS C 79 -58.62 -31.55 -0.41
C LYS C 79 -58.80 -30.04 -0.59
N ALA C 80 -59.23 -29.35 0.47
CA ALA C 80 -59.38 -27.89 0.38
C ALA C 80 -58.09 -27.20 -0.03
N HIS C 81 -56.95 -27.75 0.39
CA HIS C 81 -55.68 -27.11 0.10
C HIS C 81 -55.29 -27.29 -1.36
N MET C 82 -55.46 -28.50 -1.90
CA MET C 82 -55.13 -28.75 -3.29
C MET C 82 -56.03 -27.95 -4.24
N GLU C 83 -57.29 -27.75 -3.86
CA GLU C 83 -58.20 -27.02 -4.73
C GLU C 83 -57.91 -25.54 -4.72
N ARG C 84 -57.65 -24.97 -3.54
CA ARG C 84 -57.31 -23.54 -3.48
C ARG C 84 -56.06 -23.26 -4.30
N LEU C 85 -55.05 -24.13 -4.16
CA LEU C 85 -53.81 -23.99 -4.92
C LEU C 85 -54.08 -23.95 -6.42
N GLU C 86 -54.83 -24.94 -6.91
CA GLU C 86 -55.23 -24.96 -8.31
C GLU C 86 -56.10 -23.75 -8.66
N GLU C 87 -57.03 -23.40 -7.77
CA GLU C 87 -57.83 -22.20 -7.97
C GLU C 87 -56.97 -20.96 -8.13
N VAL C 88 -55.90 -20.83 -7.33
CA VAL C 88 -55.09 -19.62 -7.36
C VAL C 88 -54.36 -19.48 -8.69
N ASN C 89 -53.76 -20.57 -9.16
CA ASN C 89 -52.98 -20.48 -10.38
C ASN C 89 -53.85 -20.25 -11.60
N LYS C 90 -55.11 -20.67 -11.55
CA LYS C 90 -56.05 -20.31 -12.60
C LYS C 90 -56.17 -18.80 -12.70
N GLU C 91 -56.38 -18.14 -11.56
CA GLU C 91 -56.53 -16.69 -11.56
C GLU C 91 -55.27 -16.01 -12.07
N ILE C 92 -54.10 -16.55 -11.73
CA ILE C 92 -52.89 -15.91 -12.21
C ILE C 92 -52.74 -16.11 -13.72
N ASP C 93 -53.19 -17.24 -14.24
CA ASP C 93 -53.19 -17.44 -15.69
C ASP C 93 -54.15 -16.49 -16.37
N THR C 94 -55.43 -16.51 -15.97
CA THR C 94 -56.42 -15.66 -16.60
C THR C 94 -56.10 -14.18 -16.39
N THR C 95 -55.92 -13.77 -15.14
CA THR C 95 -55.94 -12.35 -14.78
C THR C 95 -54.58 -11.78 -14.43
N SER C 96 -53.53 -12.59 -14.39
CA SER C 96 -52.18 -12.17 -14.01
C SER C 96 -52.09 -11.75 -12.56
N THR C 97 -53.10 -12.05 -11.74
CA THR C 97 -53.08 -11.82 -10.31
C THR C 97 -54.17 -12.70 -9.71
N TYR C 98 -54.37 -12.59 -8.39
CA TYR C 98 -55.36 -13.41 -7.72
C TYR C 98 -55.89 -12.65 -6.51
N GLN C 99 -56.95 -13.20 -5.93
CA GLN C 99 -57.62 -12.59 -4.80
C GLN C 99 -57.46 -13.45 -3.56
N LEU C 100 -57.17 -12.81 -2.46
CA LEU C 100 -57.11 -13.53 -1.19
C LEU C 100 -58.53 -13.78 -0.71
N LYS C 101 -58.74 -14.92 -0.08
CA LYS C 101 -59.97 -15.13 0.65
C LYS C 101 -59.94 -14.28 1.92
N ASP C 102 -61.09 -14.14 2.56
CA ASP C 102 -61.14 -13.24 3.69
C ASP C 102 -60.33 -13.80 4.85
N THR C 103 -60.39 -15.12 5.04
CA THR C 103 -59.58 -15.73 6.08
C THR C 103 -58.10 -15.61 5.78
N GLU C 104 -57.72 -15.78 4.51
CA GLU C 104 -56.32 -15.63 4.13
C GLU C 104 -55.84 -14.22 4.44
N LEU C 105 -56.70 -13.22 4.19
CA LEU C 105 -56.31 -11.84 4.42
C LEU C 105 -56.06 -11.56 5.90
N ILE C 106 -56.93 -12.07 6.77
CA ILE C 106 -56.77 -11.87 8.20
C ILE C 106 -55.48 -12.54 8.70
N TYR C 107 -55.25 -13.78 8.26
CA TYR C 107 -54.04 -14.50 8.65
C TYR C 107 -52.81 -13.76 8.13
N GLY C 108 -52.86 -13.32 6.87
CA GLY C 108 -51.76 -12.58 6.31
C GLY C 108 -51.48 -11.30 7.09
N ALA C 109 -52.52 -10.53 7.37
CA ALA C 109 -52.29 -9.27 8.07
C ALA C 109 -51.71 -9.53 9.45
N LYS C 110 -52.23 -10.55 10.14
CA LYS C 110 -51.75 -10.83 11.48
C LYS C 110 -50.31 -11.31 11.45
N HIS C 111 -49.92 -12.06 10.43
CA HIS C 111 -48.56 -12.58 10.44
C HIS C 111 -47.56 -11.54 10.01
N ALA C 112 -47.95 -10.57 9.19
CA ALA C 112 -47.05 -9.48 8.90
C ALA C 112 -46.70 -8.70 10.15
N TRP C 113 -47.66 -8.51 11.04
CA TRP C 113 -47.33 -7.89 12.32
C TRP C 113 -46.40 -8.80 13.10
N ARG C 114 -46.71 -10.10 13.11
CA ARG C 114 -45.94 -11.06 13.88
C ARG C 114 -44.52 -11.13 13.40
N ASN C 115 -44.32 -10.88 12.11
CA ASN C 115 -43.04 -10.96 11.46
C ASN C 115 -42.28 -9.65 11.45
N ALA C 116 -42.85 -8.55 11.98
CA ALA C 116 -42.20 -7.24 11.91
C ALA C 116 -41.11 -7.14 12.97
N SER C 117 -39.85 -7.30 12.55
CA SER C 117 -38.76 -7.49 13.50
CA SER C 117 -38.74 -7.48 13.48
C SER C 117 -38.44 -6.23 14.30
N ARG C 118 -38.83 -5.05 13.84
CA ARG C 118 -38.59 -3.82 14.59
C ARG C 118 -39.66 -3.49 15.60
N CYS C 119 -40.71 -4.33 15.74
CA CYS C 119 -41.86 -4.00 16.59
C CYS C 119 -41.71 -4.67 17.95
N VAL C 120 -41.63 -3.88 19.00
CA VAL C 120 -41.54 -4.43 20.35
C VAL C 120 -42.89 -4.84 20.90
N GLY C 121 -43.97 -4.49 20.20
CA GLY C 121 -45.29 -4.74 20.75
C GLY C 121 -46.00 -5.98 20.21
N ARG C 122 -45.25 -6.89 19.58
CA ARG C 122 -45.86 -8.03 18.91
C ARG C 122 -46.44 -9.09 19.84
N ILE C 123 -46.37 -8.93 21.16
CA ILE C 123 -47.04 -9.92 21.99
C ILE C 123 -48.55 -9.86 21.75
N GLN C 124 -49.04 -8.77 21.18
CA GLN C 124 -50.44 -8.53 20.92
C GLN C 124 -50.86 -8.96 19.52
N TRP C 125 -49.97 -9.63 18.77
CA TRP C 125 -50.18 -9.77 17.33
C TRP C 125 -51.46 -10.52 17.00
N SER C 126 -51.79 -11.56 17.75
CA SER C 126 -52.94 -12.35 17.31
C SER C 126 -54.27 -11.65 17.57
N LYS C 127 -54.28 -10.56 18.33
CA LYS C 127 -55.47 -9.80 18.68
C LYS C 127 -55.68 -8.58 17.76
N LEU C 128 -55.55 -8.72 16.45
CA LEU C 128 -55.63 -7.58 15.52
C LEU C 128 -56.98 -7.58 14.80
N GLN C 129 -57.68 -6.45 14.85
CA GLN C 129 -58.93 -6.32 14.14
C GLN C 129 -58.65 -5.94 12.69
N VAL C 130 -59.04 -6.81 11.75
CA VAL C 130 -58.73 -6.63 10.34
C VAL C 130 -59.98 -6.08 9.63
N PHE C 131 -59.85 -4.92 9.01
CA PHE C 131 -60.94 -4.30 8.27
C PHE C 131 -60.69 -4.43 6.78
N ASP C 132 -61.56 -5.17 6.08
CA ASP C 132 -61.42 -5.43 4.66
C ASP C 132 -62.09 -4.31 3.88
N ALA C 133 -61.30 -3.48 3.21
CA ALA C 133 -61.81 -2.42 2.35
C ALA C 133 -61.41 -2.63 0.91
N ARG C 134 -61.24 -3.89 0.51
CA ARG C 134 -60.91 -4.21 -0.87
C ARG C 134 -62.03 -3.90 -1.87
N ASP C 135 -63.22 -3.46 -1.42
CA ASP C 135 -64.28 -3.04 -2.34
C ASP C 135 -64.32 -1.53 -2.55
N CYS C 136 -63.40 -0.79 -1.93
CA CYS C 136 -63.34 0.66 -2.09
C CYS C 136 -62.92 1.02 -3.52
N THR C 137 -63.48 2.12 -4.04
CA THR C 137 -63.12 2.58 -5.38
C THR C 137 -62.75 4.06 -5.45
N THR C 138 -63.08 4.87 -4.46
CA THR C 138 -62.88 6.32 -4.50
C THR C 138 -62.27 6.82 -3.19
N ALA C 139 -61.74 8.05 -3.25
CA ALA C 139 -61.17 8.69 -2.07
C ALA C 139 -62.20 8.84 -0.97
N HIS C 140 -63.43 9.23 -1.34
CA HIS C 140 -64.51 9.36 -0.37
C HIS C 140 -64.78 8.03 0.33
N GLY C 141 -64.79 6.93 -0.43
CA GLY C 141 -64.86 5.62 0.19
C GLY C 141 -63.73 5.42 1.20
N MET C 142 -62.49 5.70 0.79
CA MET C 142 -61.34 5.57 1.69
C MET C 142 -61.54 6.40 2.95
N PHE C 143 -61.99 7.66 2.80
CA PHE C 143 -62.22 8.50 3.98
C PHE C 143 -63.17 7.83 4.96
N ASN C 144 -64.25 7.24 4.45
CA ASN C 144 -65.25 6.63 5.31
C ASN C 144 -64.67 5.44 6.06
N TYR C 145 -63.91 4.60 5.35
CA TYR C 145 -63.23 3.48 5.99
C TYR C 145 -62.25 3.95 7.07
N ILE C 146 -61.50 5.02 6.80
CA ILE C 146 -60.48 5.48 7.75
C ILE C 146 -61.14 6.05 8.99
N CYS C 147 -62.23 6.82 8.81
CA CYS C 147 -62.99 7.35 9.94
C CYS C 147 -63.46 6.22 10.85
N ASN C 148 -64.04 5.19 10.27
CA ASN C 148 -64.53 4.06 11.05
C ASN C 148 -63.37 3.34 11.74
N HIS C 149 -62.25 3.20 11.03
CA HIS C 149 -61.03 2.70 11.67
C HIS C 149 -60.69 3.54 12.90
N VAL C 150 -60.56 4.86 12.72
CA VAL C 150 -60.17 5.70 13.85
C VAL C 150 -61.13 5.52 15.01
N LYS C 151 -62.43 5.49 14.72
CA LYS C 151 -63.43 5.44 15.78
C LYS C 151 -63.39 4.10 16.52
N TYR C 152 -63.29 3.00 15.78
CA TYR C 152 -63.15 1.70 16.42
C TYR C 152 -61.86 1.61 17.23
N ALA C 153 -60.73 1.98 16.63
CA ALA C 153 -59.44 1.88 17.32
C ALA C 153 -59.38 2.72 18.58
N THR C 154 -59.86 3.97 18.51
CA THR C 154 -59.75 4.88 19.65
C THR C 154 -60.57 4.38 20.84
N ASN C 155 -61.83 3.97 20.59
CA ASN C 155 -62.69 3.33 21.60
C ASN C 155 -62.76 4.15 22.91
N LYS C 156 -62.90 5.47 22.79
CA LYS C 156 -62.99 6.36 23.95
C LYS C 156 -61.74 6.28 24.83
N GLY C 157 -60.60 5.89 24.28
CA GLY C 157 -59.36 5.83 25.01
C GLY C 157 -58.90 4.44 25.39
N ASN C 158 -59.78 3.44 25.29
CA ASN C 158 -59.38 2.06 25.54
C ASN C 158 -58.96 1.45 24.20
N LEU C 159 -57.71 1.75 23.80
CA LEU C 159 -57.30 1.56 22.41
C LEU C 159 -57.25 0.10 22.02
N ARG C 160 -57.53 -0.16 20.74
CA ARG C 160 -57.62 -1.50 20.18
C ARG C 160 -56.85 -1.50 18.87
N SER C 161 -56.04 -2.52 18.64
CA SER C 161 -55.26 -2.55 17.41
CA SER C 161 -55.26 -2.56 17.42
C SER C 161 -56.15 -2.95 16.25
N ALA C 162 -55.93 -2.32 15.10
CA ALA C 162 -56.72 -2.60 13.92
C ALA C 162 -55.94 -2.18 12.70
N ILE C 163 -56.31 -2.78 11.57
CA ILE C 163 -55.77 -2.44 10.26
C ILE C 163 -56.91 -2.42 9.26
N THR C 164 -56.81 -1.54 8.27
CA THR C 164 -57.75 -1.49 7.16
C THR C 164 -56.99 -1.65 5.86
N ILE C 165 -57.40 -2.61 5.05
CA ILE C 165 -56.67 -3.01 3.85
C ILE C 165 -57.48 -2.61 2.61
N PHE C 166 -56.88 -1.77 1.78
CA PHE C 166 -57.51 -1.25 0.57
C PHE C 166 -57.11 -2.12 -0.62
N PRO C 167 -57.67 -1.89 -1.81
CA PRO C 167 -57.38 -2.80 -2.93
C PRO C 167 -55.89 -2.93 -3.19
N GLN C 168 -55.46 -4.18 -3.42
CA GLN C 168 -54.06 -4.45 -3.70
C GLN C 168 -53.64 -3.72 -4.96
N ARG C 169 -52.34 -3.78 -5.24
CA ARG C 169 -51.81 -3.21 -6.46
C ARG C 169 -52.26 -4.07 -7.65
N THR C 170 -52.31 -3.45 -8.84
CA THR C 170 -52.56 -4.22 -10.06
C THR C 170 -51.43 -4.04 -11.03
N ASP C 171 -51.50 -3.01 -11.87
CA ASP C 171 -50.46 -2.74 -12.85
C ASP C 171 -49.48 -1.69 -12.38
N GLY C 172 -49.57 -1.29 -11.11
CA GLY C 172 -48.80 -0.18 -10.59
C GLY C 172 -49.33 1.18 -10.98
N LYS C 173 -50.25 1.25 -11.95
CA LYS C 173 -50.78 2.51 -12.41
C LYS C 173 -52.12 2.86 -11.76
N HIS C 174 -52.66 2.01 -10.91
CA HIS C 174 -53.93 2.26 -10.22
C HIS C 174 -53.79 1.96 -8.72
N ASP C 175 -52.78 2.54 -8.11
CA ASP C 175 -52.51 2.26 -6.71
C ASP C 175 -53.41 3.11 -5.83
N PHE C 176 -53.80 2.51 -4.70
CA PHE C 176 -54.37 3.24 -3.58
C PHE C 176 -53.23 3.63 -2.62
N ARG C 177 -53.25 4.87 -2.16
CA ARG C 177 -52.25 5.34 -1.22
C ARG C 177 -52.89 6.28 -0.20
N VAL C 178 -52.53 6.12 1.07
CA VAL C 178 -52.64 7.21 2.03
C VAL C 178 -51.36 8.01 1.96
N TRP C 179 -51.46 9.27 1.52
CA TRP C 179 -50.26 10.08 1.44
C TRP C 179 -49.74 10.45 2.83
N ASN C 180 -50.61 10.65 3.81
CA ASN C 180 -50.17 10.85 5.18
C ASN C 180 -49.30 9.69 5.64
N SER C 181 -48.37 10.00 6.54
CA SER C 181 -47.54 8.93 7.11
C SER C 181 -48.21 8.32 8.34
N GLN C 182 -48.86 9.14 9.16
CA GLN C 182 -49.84 8.60 10.11
C GLN C 182 -51.20 9.21 9.82
N LEU C 183 -52.27 8.55 10.30
CA LEU C 183 -53.61 9.09 10.08
C LEU C 183 -53.81 10.38 10.88
N ILE C 184 -53.20 10.48 12.05
CA ILE C 184 -53.22 11.70 12.84
C ILE C 184 -51.77 12.16 13.06
N ARG C 185 -51.43 13.32 12.51
CA ARG C 185 -50.15 14.01 12.70
C ARG C 185 -50.41 15.49 12.83
N TYR C 186 -49.51 16.20 13.51
CA TYR C 186 -49.65 17.65 13.59
C TYR C 186 -48.90 18.33 12.45
N ALA C 187 -49.43 19.45 12.00
CA ALA C 187 -48.84 20.21 10.91
C ALA C 187 -47.50 20.80 11.32
N GLY C 188 -46.74 21.23 10.31
CA GLY C 188 -45.49 21.95 10.55
C GLY C 188 -45.34 23.09 9.56
N TYR C 189 -45.10 24.30 10.06
CA TYR C 189 -44.94 25.48 9.22
C TYR C 189 -43.56 26.10 9.47
N LYS C 190 -42.68 26.01 8.49
CA LYS C 190 -41.43 26.75 8.55
C LYS C 190 -41.72 28.25 8.40
N GLN C 191 -40.96 29.06 9.11
CA GLN C 191 -41.15 30.50 9.12
C GLN C 191 -40.11 31.19 8.25
N PRO C 192 -40.38 32.42 7.81
CA PRO C 192 -39.35 33.17 7.06
C PRO C 192 -38.04 33.32 7.82
N ASP C 193 -38.06 33.23 9.15
CA ASP C 193 -36.91 33.45 10.00
C ASP C 193 -36.13 32.18 10.27
N GLY C 194 -36.52 31.07 9.66
CA GLY C 194 -35.87 29.81 9.84
C GLY C 194 -36.49 28.93 10.91
N SER C 195 -37.27 29.50 11.82
CA SER C 195 -37.88 28.68 12.86
C SER C 195 -38.98 27.80 12.26
N THR C 196 -39.64 27.04 13.13
CA THR C 196 -40.70 26.13 12.69
C THR C 196 -41.85 26.21 13.67
N LEU C 197 -43.07 26.22 13.16
CA LEU C 197 -44.24 26.17 14.01
C LEU C 197 -44.83 24.77 13.91
N GLY C 198 -45.12 24.18 15.06
CA GLY C 198 -45.68 22.84 15.06
C GLY C 198 -44.64 21.75 14.97
N ASP C 199 -44.95 20.69 14.23
CA ASP C 199 -44.09 19.52 14.23
C ASP C 199 -43.12 19.61 13.06
N PRO C 200 -41.83 19.83 13.31
CA PRO C 200 -40.85 19.90 12.21
C PRO C 200 -40.84 18.68 11.31
N ALA C 201 -41.31 17.53 11.80
CA ALA C 201 -41.23 16.30 11.02
C ALA C 201 -42.16 16.32 9.81
N ASN C 202 -43.14 17.20 9.80
CA ASN C 202 -44.22 17.09 8.83
C ASN C 202 -44.25 18.30 7.90
N VAL C 203 -43.16 19.05 7.85
CA VAL C 203 -43.18 20.32 7.11
C VAL C 203 -43.44 20.06 5.63
N GLN C 204 -42.78 19.06 5.06
CA GLN C 204 -42.95 18.80 3.64
C GLN C 204 -44.39 18.39 3.33
N PHE C 205 -44.95 17.53 4.19
CA PHE C 205 -46.31 17.08 3.96
C PHE C 205 -47.30 18.23 4.16
N THR C 206 -47.10 19.03 5.22
CA THR C 206 -47.91 20.24 5.43
C THR C 206 -47.90 21.12 4.17
N GLU C 207 -46.73 21.30 3.56
CA GLU C 207 -46.65 22.10 2.34
C GLU C 207 -47.51 21.50 1.24
N ILE C 208 -47.42 20.18 1.05
CA ILE C 208 -48.17 19.54 -0.03
C ILE C 208 -49.67 19.77 0.16
N CYS C 209 -50.16 19.56 1.38
CA CYS C 209 -51.58 19.81 1.69
C CYS C 209 -51.98 21.23 1.33
N ILE C 210 -51.15 22.21 1.72
CA ILE C 210 -51.50 23.60 1.46
C ILE C 210 -51.62 23.84 -0.03
N GLN C 211 -50.68 23.31 -0.79
CA GLN C 211 -50.70 23.48 -2.24
C GLN C 211 -51.91 22.79 -2.88
N GLN C 212 -52.44 21.75 -2.24
CA GLN C 212 -53.65 21.10 -2.72
C GLN C 212 -54.92 21.82 -2.28
N GLY C 213 -54.81 22.88 -1.49
CA GLY C 213 -56.00 23.62 -1.13
C GLY C 213 -56.22 23.79 0.35
N TRP C 214 -55.56 22.98 1.18
CA TRP C 214 -55.81 23.04 2.61
C TRP C 214 -55.54 24.45 3.15
N LYS C 215 -56.51 24.99 3.90
CA LYS C 215 -56.41 26.28 4.58
C LYS C 215 -55.93 26.02 6.01
N PRO C 216 -54.67 26.27 6.31
CA PRO C 216 -54.12 25.85 7.60
C PRO C 216 -54.41 26.87 8.68
N PRO C 217 -54.80 26.43 9.86
CA PRO C 217 -54.93 27.38 10.99
C PRO C 217 -53.62 28.04 11.41
N ARG C 218 -52.47 27.53 10.97
CA ARG C 218 -51.17 28.01 11.40
C ARG C 218 -51.12 28.16 12.92
N GLY C 219 -51.10 27.01 13.56
CA GLY C 219 -50.95 26.92 15.00
C GLY C 219 -49.97 25.82 15.38
N ARG C 220 -49.86 25.53 16.68
CA ARG C 220 -48.89 24.56 17.15
C ARG C 220 -49.37 23.12 16.99
N PHE C 221 -50.67 22.88 17.02
CA PHE C 221 -51.19 21.51 17.05
C PHE C 221 -52.36 21.34 16.10
N ASP C 222 -52.18 21.73 14.85
CA ASP C 222 -53.19 21.49 13.83
C ASP C 222 -53.16 20.04 13.40
N VAL C 223 -54.29 19.34 13.50
CA VAL C 223 -54.33 18.00 12.96
C VAL C 223 -54.34 18.10 11.44
N LEU C 224 -53.39 17.42 10.79
CA LEU C 224 -53.32 17.57 9.35
C LEU C 224 -54.55 16.95 8.71
N PRO C 225 -54.89 17.36 7.49
CA PRO C 225 -55.97 16.68 6.77
C PRO C 225 -55.47 15.39 6.16
N LEU C 226 -56.42 14.50 5.89
CA LEU C 226 -56.12 13.28 5.17
C LEU C 226 -56.02 13.60 3.69
N LEU C 227 -55.11 12.91 3.01
CA LEU C 227 -54.82 13.11 1.59
C LEU C 227 -54.85 11.72 0.99
N LEU C 228 -55.93 11.41 0.27
CA LEU C 228 -56.25 10.03 -0.07
C LEU C 228 -56.24 9.82 -1.58
N GLN C 229 -55.51 8.80 -2.02
CA GLN C 229 -55.38 8.43 -3.43
C GLN C 229 -56.09 7.11 -3.64
N ALA C 230 -57.00 7.08 -4.61
CA ALA C 230 -57.77 5.88 -4.94
C ALA C 230 -57.62 5.59 -6.44
N ASN C 231 -57.28 4.34 -6.77
CA ASN C 231 -57.23 3.86 -8.15
C ASN C 231 -56.29 4.69 -9.03
N GLY C 232 -55.18 5.16 -8.47
CA GLY C 232 -54.20 5.91 -9.23
C GLY C 232 -54.62 7.31 -9.59
N ASN C 233 -55.74 7.80 -9.06
CA ASN C 233 -56.18 9.15 -9.32
C ASN C 233 -55.48 10.14 -8.39
N ASP C 234 -55.57 11.43 -8.71
CA ASP C 234 -54.97 12.43 -7.85
C ASP C 234 -55.54 12.29 -6.44
N PRO C 235 -54.74 12.54 -5.41
CA PRO C 235 -55.26 12.42 -4.05
C PRO C 235 -56.18 13.57 -3.72
N GLU C 236 -57.07 13.34 -2.75
CA GLU C 236 -58.05 14.34 -2.35
C GLU C 236 -57.95 14.64 -0.86
N LEU C 237 -58.29 15.87 -0.49
CA LEU C 237 -58.26 16.34 0.90
C LEU C 237 -59.58 16.07 1.60
N PHE C 238 -59.49 15.74 2.89
CA PHE C 238 -60.62 15.44 3.77
C PHE C 238 -60.23 15.80 5.19
N GLN C 239 -61.15 16.43 5.93
CA GLN C 239 -60.90 16.81 7.32
C GLN C 239 -61.45 15.74 8.24
N ILE C 240 -60.58 15.11 9.02
CA ILE C 240 -61.06 14.16 10.04
C ILE C 240 -61.99 14.89 11.00
N PRO C 241 -63.17 14.38 11.31
CA PRO C 241 -64.04 15.07 12.26
C PRO C 241 -63.34 15.23 13.60
N PRO C 242 -63.23 16.46 14.10
CA PRO C 242 -62.45 16.70 15.32
C PRO C 242 -62.85 15.83 16.49
N GLU C 243 -64.10 15.38 16.54
CA GLU C 243 -64.57 14.58 17.68
C GLU C 243 -64.00 13.16 17.65
N LEU C 244 -63.39 12.74 16.55
CA LEU C 244 -62.76 11.43 16.46
C LEU C 244 -61.27 11.45 16.81
N VAL C 245 -60.70 12.60 17.13
CA VAL C 245 -59.28 12.75 17.36
C VAL C 245 -59.08 12.90 18.86
N LEU C 246 -58.75 11.80 19.54
CA LEU C 246 -58.53 11.86 20.98
C LEU C 246 -57.15 12.42 21.25
N GLU C 247 -57.09 13.46 22.07
CA GLU C 247 -55.85 14.16 22.39
C GLU C 247 -55.64 14.21 23.90
N VAL C 248 -54.37 14.26 24.32
CA VAL C 248 -54.00 14.22 25.73
C VAL C 248 -53.18 15.45 26.11
N PRO C 249 -53.69 16.33 26.97
CA PRO C 249 -52.88 17.46 27.43
C PRO C 249 -51.80 16.96 28.35
N ILE C 250 -50.55 17.37 28.10
CA ILE C 250 -49.40 16.83 28.83
C ILE C 250 -49.11 17.71 30.04
N ARG C 251 -49.21 17.12 31.22
CA ARG C 251 -48.88 17.80 32.46
C ARG C 251 -48.01 16.86 33.29
N HIS C 252 -47.32 17.45 34.26
CA HIS C 252 -46.39 16.67 35.06
C HIS C 252 -46.93 16.48 36.47
N PRO C 253 -46.76 15.30 37.08
CA PRO C 253 -47.34 15.07 38.42
C PRO C 253 -46.76 15.96 39.48
N LYS C 254 -45.50 16.38 39.35
CA LYS C 254 -44.87 17.22 40.35
C LYS C 254 -44.71 18.65 39.86
N PHE C 255 -44.19 18.85 38.66
CA PHE C 255 -43.86 20.20 38.19
C PHE C 255 -45.14 20.93 37.80
N GLU C 256 -45.61 21.80 38.70
CA GLU C 256 -46.84 22.53 38.46
C GLU C 256 -46.77 23.32 37.17
N TRP C 257 -45.59 23.81 36.80
CA TRP C 257 -45.39 24.68 35.65
C TRP C 257 -45.39 23.93 34.33
N PHE C 258 -45.44 22.60 34.35
CA PHE C 258 -45.27 21.86 33.11
C PHE C 258 -46.43 22.12 32.17
N LYS C 259 -47.66 22.16 32.71
CA LYS C 259 -48.83 22.37 31.89
C LYS C 259 -48.75 23.66 31.09
N ASP C 260 -47.98 24.63 31.58
CA ASP C 260 -47.82 25.92 30.91
C ASP C 260 -46.96 25.82 29.65
N LEU C 261 -46.35 24.68 29.39
CA LEU C 261 -45.66 24.53 28.11
C LEU C 261 -46.64 24.38 26.95
N GLY C 262 -47.93 24.16 27.24
CA GLY C 262 -48.97 24.08 26.24
C GLY C 262 -48.95 22.84 25.37
N LEU C 263 -48.48 21.72 25.89
CA LEU C 263 -48.21 20.55 25.08
C LEU C 263 -49.31 19.52 25.17
N LYS C 264 -49.53 18.83 24.06
CA LYS C 264 -50.48 17.74 24.02
C LYS C 264 -50.04 16.81 22.90
N TRP C 265 -50.47 15.55 23.00
CA TRP C 265 -50.30 14.62 21.90
C TRP C 265 -51.63 13.92 21.61
N TYR C 266 -51.73 13.37 20.41
CA TYR C 266 -52.86 12.53 20.07
C TYR C 266 -52.66 11.12 20.60
N GLY C 267 -53.78 10.45 20.89
CA GLY C 267 -53.72 9.16 21.56
C GLY C 267 -53.46 7.97 20.65
N LEU C 268 -53.73 8.10 19.35
CA LEU C 268 -53.81 6.94 18.45
C LEU C 268 -52.65 6.97 17.46
N PRO C 269 -51.61 6.15 17.65
CA PRO C 269 -50.57 6.06 16.64
C PRO C 269 -51.04 5.11 15.53
N ALA C 270 -51.04 5.59 14.29
CA ALA C 270 -51.71 4.90 13.20
C ALA C 270 -50.88 5.09 11.93
N VAL C 271 -49.91 4.20 11.69
CA VAL C 271 -48.99 4.38 10.58
C VAL C 271 -49.69 3.95 9.29
N SER C 272 -49.46 4.72 8.23
CA SER C 272 -50.30 4.62 7.05
C SER C 272 -49.50 4.71 5.76
N ASN C 273 -48.17 4.69 5.80
CA ASN C 273 -47.38 4.83 4.58
C ASN C 273 -46.59 3.58 4.22
N MET C 274 -46.84 2.46 4.89
CA MET C 274 -46.12 1.23 4.63
C MET C 274 -46.91 0.36 3.66
N LEU C 275 -46.36 -0.79 3.34
CA LEU C 275 -46.92 -1.64 2.29
C LEU C 275 -47.03 -3.05 2.82
N LEU C 276 -48.25 -3.60 2.80
CA LEU C 276 -48.49 -4.95 3.27
C LEU C 276 -48.35 -5.90 2.12
N GLU C 277 -47.54 -6.94 2.30
CA GLU C 277 -47.26 -7.92 1.25
C GLU C 277 -47.67 -9.29 1.74
N ILE C 278 -48.57 -9.92 1.01
CA ILE C 278 -49.08 -11.25 1.34
C ILE C 278 -49.11 -12.06 0.06
N GLY C 279 -48.36 -13.18 0.05
CA GLY C 279 -48.39 -14.10 -1.07
C GLY C 279 -48.08 -13.47 -2.41
N GLY C 280 -47.20 -12.47 -2.43
CA GLY C 280 -46.88 -11.78 -3.65
C GLY C 280 -47.75 -10.59 -3.95
N LEU C 281 -48.89 -10.46 -3.28
CA LEU C 281 -49.75 -9.32 -3.51
C LEU C 281 -49.29 -8.15 -2.67
N GLU C 282 -49.35 -6.96 -3.24
CA GLU C 282 -48.93 -5.73 -2.57
C GLU C 282 -50.14 -4.85 -2.28
N PHE C 283 -50.37 -4.56 -1.01
CA PHE C 283 -51.43 -3.67 -0.55
C PHE C 283 -50.78 -2.35 -0.13
N SER C 284 -50.67 -1.41 -1.08
CA SER C 284 -49.93 -0.18 -0.86
C SER C 284 -50.64 0.81 0.06
N ALA C 285 -51.90 0.58 0.41
CA ALA C 285 -52.59 1.41 1.41
C ALA C 285 -53.21 0.48 2.44
N CYS C 286 -52.68 0.52 3.66
CA CYS C 286 -53.05 -0.46 4.67
C CYS C 286 -52.93 0.10 6.07
N PRO C 287 -53.38 1.32 6.34
CA PRO C 287 -53.08 1.94 7.63
C PRO C 287 -53.36 1.00 8.78
N PHE C 288 -52.47 0.99 9.78
CA PHE C 288 -52.65 0.17 10.97
C PHE C 288 -52.28 0.98 12.20
N SER C 289 -52.81 0.53 13.34
CA SER C 289 -52.73 1.34 14.53
C SER C 289 -52.73 0.42 15.73
N GLY C 290 -52.20 0.93 16.85
CA GLY C 290 -52.23 0.22 18.12
C GLY C 290 -52.30 1.20 19.27
N TRP C 291 -51.30 1.20 20.14
CA TRP C 291 -51.20 2.27 21.13
C TRP C 291 -49.72 2.58 21.35
N TYR C 292 -49.47 3.71 22.00
CA TYR C 292 -48.10 4.21 22.14
C TYR C 292 -47.34 3.54 23.28
N MET C 293 -46.06 3.32 23.02
CA MET C 293 -45.06 3.32 24.08
C MET C 293 -44.69 4.77 24.41
N GLY C 294 -44.59 5.08 25.70
CA GLY C 294 -44.38 6.47 26.11
C GLY C 294 -43.17 7.13 25.45
N THR C 295 -42.07 6.39 25.31
CA THR C 295 -40.84 6.95 24.77
C THR C 295 -40.96 7.37 23.32
N GLU C 296 -41.97 6.88 22.59
CA GLU C 296 -42.13 7.33 21.21
C GLU C 296 -42.58 8.78 21.16
N ILE C 297 -43.35 9.22 22.16
CA ILE C 297 -43.73 10.63 22.30
C ILE C 297 -42.69 11.39 23.10
N GLY C 298 -42.32 10.86 24.26
CA GLY C 298 -41.54 11.63 25.22
C GLY C 298 -40.07 11.78 24.87
N VAL C 299 -39.51 10.82 24.15
CA VAL C 299 -38.10 10.86 23.76
C VAL C 299 -37.94 11.36 22.33
N ARG C 300 -38.63 10.74 21.38
CA ARG C 300 -38.39 11.03 19.98
C ARG C 300 -39.16 12.27 19.51
N ASP C 301 -40.46 12.34 19.83
CA ASP C 301 -41.31 13.44 19.36
C ASP C 301 -40.92 14.77 20.00
N TYR C 302 -40.62 14.76 21.30
CA TYR C 302 -40.41 15.98 22.06
C TYR C 302 -38.96 16.36 22.25
N CYS C 303 -38.02 15.45 21.99
CA CYS C 303 -36.62 15.70 22.35
C CYS C 303 -35.63 15.56 21.20
N ASP C 304 -35.94 14.83 20.13
CA ASP C 304 -35.08 14.84 18.95
C ASP C 304 -34.80 16.28 18.52
N ASN C 305 -33.54 16.56 18.18
CA ASN C 305 -33.17 17.92 17.78
C ASN C 305 -34.01 18.39 16.60
N SER C 306 -34.26 17.50 15.64
CA SER C 306 -35.05 17.80 14.46
C SER C 306 -36.56 17.70 14.70
N ARG C 307 -37.00 17.57 15.96
CA ARG C 307 -38.43 17.53 16.29
C ARG C 307 -38.81 18.71 17.17
N TYR C 308 -39.69 18.47 18.16
CA TYR C 308 -40.24 19.59 18.93
C TYR C 308 -39.18 20.27 19.79
N ASN C 309 -38.12 19.54 20.17
CA ASN C 309 -36.89 20.09 20.78
C ASN C 309 -37.16 20.93 22.04
N ILE C 310 -37.96 20.38 22.96
CA ILE C 310 -38.37 21.09 24.17
C ILE C 310 -37.48 20.73 25.36
N LEU C 311 -36.37 20.02 25.13
CA LEU C 311 -35.42 19.75 26.20
C LEU C 311 -34.89 21.03 26.81
N GLU C 312 -34.48 21.98 25.96
CA GLU C 312 -33.86 23.19 26.48
C GLU C 312 -34.83 23.94 27.37
N GLU C 313 -36.11 24.00 27.00
CA GLU C 313 -37.05 24.76 27.82
C GLU C 313 -37.35 24.01 29.11
N VAL C 314 -37.45 22.67 29.04
CA VAL C 314 -37.73 21.92 30.26
C VAL C 314 -36.57 22.03 31.24
N ALA C 315 -35.34 21.88 30.74
CA ALA C 315 -34.17 22.02 31.60
C ALA C 315 -34.13 23.41 32.22
N LYS C 316 -34.36 24.44 31.41
CA LYS C 316 -34.49 25.82 31.88
C LYS C 316 -35.42 25.92 33.08
N LYS C 317 -36.71 25.62 32.88
CA LYS C 317 -37.67 25.69 33.97
C LYS C 317 -37.29 24.79 35.14
N MET C 318 -36.49 23.72 34.91
CA MET C 318 -36.02 22.87 35.99
C MET C 318 -34.84 23.45 36.73
N ASN C 319 -34.18 24.47 36.15
CA ASN C 319 -33.06 25.19 36.74
C ASN C 319 -31.74 24.39 36.71
N LEU C 320 -31.57 23.60 35.66
CA LEU C 320 -30.39 22.77 35.52
C LEU C 320 -29.21 23.60 35.03
N ASP C 321 -28.01 23.13 35.37
CA ASP C 321 -26.78 23.75 34.91
C ASP C 321 -26.54 23.28 33.49
N MET C 322 -26.80 24.15 32.53
CA MET C 322 -26.72 23.81 31.12
C MET C 322 -25.42 24.27 30.49
N ARG C 323 -24.46 24.73 31.30
CA ARG C 323 -23.18 25.18 30.77
C ARG C 323 -22.30 24.01 30.32
N LYS C 324 -22.34 22.88 31.01
CA LYS C 324 -21.51 21.73 30.72
C LYS C 324 -22.39 20.51 30.43
N THR C 325 -21.96 19.69 29.46
CA THR C 325 -22.69 18.45 29.18
C THR C 325 -22.73 17.55 30.40
N SER C 326 -21.61 17.45 31.12
CA SER C 326 -21.46 16.50 32.21
C SER C 326 -22.40 16.78 33.38
N SER C 327 -23.14 17.88 33.38
CA SER C 327 -24.25 17.97 34.31
C SER C 327 -25.33 16.94 34.01
N LEU C 328 -25.33 16.38 32.80
CA LEU C 328 -26.39 15.48 32.31
C LEU C 328 -27.75 16.15 32.41
N TRP C 329 -27.76 17.46 32.19
CA TRP C 329 -29.02 18.20 32.16
C TRP C 329 -29.95 17.63 31.07
N LYS C 330 -29.42 17.36 29.87
CA LYS C 330 -30.20 16.74 28.81
C LYS C 330 -30.82 15.43 29.27
N ASP C 331 -30.01 14.57 29.89
CA ASP C 331 -30.53 13.31 30.42
C ASP C 331 -31.61 13.55 31.46
N GLN C 332 -31.33 14.46 32.39
CA GLN C 332 -32.25 14.69 33.49
C GLN C 332 -33.61 15.18 33.00
N ALA C 333 -33.60 16.08 32.01
CA ALA C 333 -34.85 16.64 31.50
C ALA C 333 -35.63 15.61 30.71
N LEU C 334 -34.93 14.74 29.99
CA LEU C 334 -35.58 13.73 29.18
C LEU C 334 -36.43 12.81 30.03
N VAL C 335 -35.95 12.44 31.21
CA VAL C 335 -36.72 11.55 32.08
C VAL C 335 -38.01 12.24 32.49
N GLU C 336 -37.90 13.50 32.89
CA GLU C 336 -39.07 14.22 33.38
C GLU C 336 -40.15 14.36 32.32
N ILE C 337 -39.77 14.69 31.07
CA ILE C 337 -40.75 14.76 29.99
C ILE C 337 -41.45 13.43 29.84
N ASN C 338 -40.69 12.34 29.92
CA ASN C 338 -41.25 11.00 29.73
C ASN C 338 -42.15 10.58 30.89
N ILE C 339 -41.89 11.09 32.10
CA ILE C 339 -42.79 10.86 33.22
C ILE C 339 -44.10 11.58 32.97
N ALA C 340 -44.01 12.82 32.47
CA ALA C 340 -45.19 13.64 32.19
C ALA C 340 -46.09 12.98 31.17
N VAL C 341 -45.50 12.32 30.18
CA VAL C 341 -46.28 11.65 29.15
C VAL C 341 -47.07 10.48 29.73
N LEU C 342 -46.40 9.60 30.47
CA LEU C 342 -47.10 8.45 31.04
C LEU C 342 -48.16 8.90 32.04
N TYR C 343 -47.84 9.86 32.88
CA TYR C 343 -48.82 10.35 33.84
C TYR C 343 -50.03 10.96 33.15
N SER C 344 -49.78 11.69 32.06
CA SER C 344 -50.85 12.40 31.40
C SER C 344 -51.82 11.42 30.75
N PHE C 345 -51.29 10.43 30.04
CA PHE C 345 -52.13 9.44 29.39
C PHE C 345 -52.86 8.58 30.41
N GLN C 346 -52.18 8.18 31.47
CA GLN C 346 -52.81 7.35 32.50
C GLN C 346 -53.95 8.09 33.19
N SER C 347 -53.81 9.40 33.38
CA SER C 347 -54.83 10.17 34.08
C SER C 347 -56.09 10.30 33.23
N ASP C 348 -55.95 10.63 31.95
CA ASP C 348 -57.06 10.67 31.02
C ASP C 348 -57.49 9.28 30.54
N LYS C 349 -57.05 8.20 31.18
CA LYS C 349 -57.44 6.83 30.82
C LYS C 349 -57.36 6.57 29.32
N VAL C 350 -56.23 6.98 28.73
CA VAL C 350 -55.88 6.62 27.37
C VAL C 350 -54.75 5.60 27.42
N THR C 351 -54.92 4.49 26.73
CA THR C 351 -53.96 3.39 26.76
C THR C 351 -52.56 3.88 26.43
N ILE C 352 -51.59 3.41 27.20
CA ILE C 352 -50.17 3.67 26.91
C ILE C 352 -49.36 2.64 27.67
N VAL C 353 -48.15 2.38 27.19
CA VAL C 353 -47.24 1.41 27.80
C VAL C 353 -45.87 2.06 27.96
N ASP C 354 -45.30 1.94 29.16
CA ASP C 354 -43.96 2.44 29.40
C ASP C 354 -42.93 1.46 28.87
N HIS C 355 -41.71 1.95 28.64
CA HIS C 355 -40.72 1.13 27.94
C HIS C 355 -40.28 -0.06 28.77
N HIS C 356 -40.38 0.02 30.10
CA HIS C 356 -40.05 -1.13 30.94
C HIS C 356 -41.05 -2.26 30.77
N SER C 357 -42.34 -1.95 30.86
CA SER C 357 -43.36 -2.98 30.67
CA SER C 357 -43.36 -2.98 30.67
C SER C 357 -43.29 -3.56 29.27
N ALA C 358 -43.18 -2.69 28.26
CA ALA C 358 -43.12 -3.13 26.87
C ALA C 358 -41.92 -4.04 26.62
N THR C 359 -40.78 -3.75 27.21
CA THR C 359 -39.65 -4.63 26.89
C THR C 359 -39.76 -5.95 27.64
N GLU C 360 -40.20 -5.91 28.90
CA GLU C 360 -40.47 -7.18 29.59
C GLU C 360 -41.49 -8.01 28.83
N SER C 361 -42.53 -7.38 28.30
CA SER C 361 -43.54 -8.16 27.58
C SER C 361 -42.94 -8.79 26.33
N PHE C 362 -42.13 -8.03 25.59
CA PHE C 362 -41.49 -8.60 24.40
C PHE C 362 -40.62 -9.81 24.74
N ILE C 363 -39.90 -9.77 25.86
CA ILE C 363 -39.03 -10.92 26.19
C ILE C 363 -39.88 -12.17 26.38
N LYS C 364 -40.93 -12.07 27.20
CA LYS C 364 -41.90 -13.16 27.32
C LYS C 364 -42.44 -13.56 25.95
N HIS C 365 -42.84 -12.59 25.12
CA HIS C 365 -43.30 -12.90 23.79
C HIS C 365 -42.25 -13.68 23.01
N MET C 366 -41.00 -13.23 23.06
CA MET C 366 -39.92 -13.88 22.31
C MET C 366 -39.72 -15.32 22.76
N GLU C 367 -39.63 -15.53 24.07
CA GLU C 367 -39.44 -16.89 24.55
C GLU C 367 -40.56 -17.80 24.07
N ASN C 368 -41.81 -17.32 24.16
CA ASN C 368 -42.95 -18.10 23.73
C ASN C 368 -42.85 -18.44 22.24
N GLU C 369 -42.48 -17.45 21.42
CA GLU C 369 -42.35 -17.70 19.99
C GLU C 369 -41.23 -18.68 19.66
N TYR C 370 -40.13 -18.67 20.40
CA TYR C 370 -39.13 -19.71 20.15
C TYR C 370 -39.72 -21.07 20.48
N ARG C 371 -40.41 -21.18 21.62
CA ARG C 371 -40.99 -22.44 22.06
C ARG C 371 -41.99 -22.99 21.03
N CYS C 372 -42.92 -22.17 20.58
CA CYS C 372 -44.01 -22.69 19.74
CA CYS C 372 -44.00 -22.69 19.75
C CYS C 372 -43.78 -22.50 18.25
N ARG C 373 -42.98 -21.51 17.85
CA ARG C 373 -42.72 -21.26 16.43
C ARG C 373 -41.30 -21.60 15.98
N GLY C 374 -40.35 -21.77 16.90
CA GLY C 374 -39.00 -22.08 16.49
C GLY C 374 -38.14 -20.87 16.17
N GLY C 375 -38.56 -19.69 16.60
CA GLY C 375 -37.75 -18.50 16.41
C GLY C 375 -38.62 -17.26 16.47
N CYS C 376 -37.94 -16.13 16.52
CA CYS C 376 -38.64 -14.86 16.48
C CYS C 376 -37.73 -13.77 15.95
N PRO C 377 -37.85 -13.39 14.69
CA PRO C 377 -36.93 -12.39 14.13
C PRO C 377 -37.07 -11.06 14.85
N ALA C 378 -35.94 -10.47 15.21
CA ALA C 378 -35.97 -9.28 16.06
C ALA C 378 -34.80 -8.39 15.70
N ASP C 379 -35.05 -7.08 15.73
CA ASP C 379 -34.06 -6.07 15.33
C ASP C 379 -33.65 -5.31 16.59
N TRP C 380 -32.53 -5.75 17.20
CA TRP C 380 -32.07 -5.21 18.48
C TRP C 380 -31.94 -3.68 18.42
N VAL C 381 -31.41 -3.15 17.32
CA VAL C 381 -31.27 -1.72 17.12
C VAL C 381 -32.58 -0.97 17.32
N TRP C 382 -33.70 -1.62 17.00
CA TRP C 382 -35.01 -1.00 17.14
C TRP C 382 -35.76 -1.44 18.39
N ILE C 383 -35.61 -2.70 18.79
CA ILE C 383 -36.28 -3.19 20.01
C ILE C 383 -35.85 -2.39 21.23
N VAL C 384 -34.56 -2.06 21.34
CA VAL C 384 -34.08 -1.39 22.56
C VAL C 384 -34.66 0.03 22.63
N PRO C 385 -35.26 0.45 23.73
CA PRO C 385 -35.84 1.79 23.78
C PRO C 385 -34.79 2.86 23.62
N PRO C 386 -35.16 4.05 23.14
CA PRO C 386 -34.15 5.07 22.87
C PRO C 386 -33.69 5.82 24.11
N MET C 387 -34.02 5.29 25.29
CA MET C 387 -33.51 5.83 26.53
C MET C 387 -33.45 4.68 27.52
N SER C 388 -32.48 4.78 28.46
CA SER C 388 -32.32 3.81 29.54
C SER C 388 -32.16 2.40 29.02
N GLY C 389 -31.58 2.27 27.83
CA GLY C 389 -31.38 1.00 27.17
C GLY C 389 -30.97 -0.17 28.04
N SER C 390 -29.86 -0.05 28.81
CA SER C 390 -29.30 -1.23 29.48
C SER C 390 -30.09 -1.67 30.71
N ILE C 391 -30.99 -0.84 31.23
CA ILE C 391 -31.79 -1.23 32.38
C ILE C 391 -33.15 -1.77 31.96
N THR C 392 -33.32 -2.08 30.68
CA THR C 392 -34.43 -2.89 30.23
C THR C 392 -33.89 -4.26 29.83
N PRO C 393 -34.73 -5.31 29.88
CA PRO C 393 -34.19 -6.66 29.65
C PRO C 393 -33.83 -6.94 28.20
N VAL C 394 -34.38 -6.23 27.23
CA VAL C 394 -34.01 -6.54 25.84
C VAL C 394 -32.54 -6.23 25.58
N PHE C 395 -31.98 -5.25 26.30
CA PHE C 395 -30.59 -4.84 26.02
C PHE C 395 -29.64 -6.03 26.09
N HIS C 396 -29.83 -6.88 27.10
CA HIS C 396 -28.96 -8.03 27.33
C HIS C 396 -29.40 -9.26 26.59
N GLN C 397 -30.37 -9.13 25.69
CA GLN C 397 -30.97 -10.25 25.00
C GLN C 397 -30.39 -10.32 23.59
N GLU C 398 -29.66 -11.38 23.29
CA GLU C 398 -29.25 -11.62 21.91
C GLU C 398 -30.47 -11.89 21.05
N MET C 399 -30.41 -11.39 19.80
CA MET C 399 -31.50 -11.49 18.85
C MET C 399 -30.97 -11.77 17.46
N LEU C 400 -31.74 -12.54 16.71
CA LEU C 400 -31.45 -12.87 15.32
C LEU C 400 -32.45 -12.15 14.43
N ASN C 401 -31.96 -11.50 13.37
CA ASN C 401 -32.79 -10.72 12.47
C ASN C 401 -32.87 -11.38 11.11
N TYR C 402 -34.08 -11.51 10.57
CA TYR C 402 -34.31 -12.10 9.25
C TYR C 402 -35.73 -11.75 8.81
N ARG C 403 -35.99 -11.91 7.54
CA ARG C 403 -37.19 -11.37 6.92
C ARG C 403 -38.11 -12.51 6.50
N LEU C 404 -39.22 -12.65 7.21
CA LEU C 404 -40.28 -13.58 6.88
C LEU C 404 -41.39 -12.85 6.14
N THR C 405 -42.07 -13.57 5.23
CA THR C 405 -43.26 -13.01 4.64
CA THR C 405 -43.27 -13.03 4.60
C THR C 405 -44.50 -13.79 5.10
N PRO C 406 -45.69 -13.15 5.17
CA PRO C 406 -46.04 -11.76 4.88
C PRO C 406 -45.26 -10.80 5.74
N SER C 407 -45.15 -9.56 5.27
CA SER C 407 -44.36 -8.57 5.95
C SER C 407 -44.87 -7.20 5.59
N PHE C 408 -44.64 -6.25 6.49
CA PHE C 408 -44.77 -4.84 6.20
C PHE C 408 -43.46 -4.35 5.60
N GLU C 409 -43.57 -3.34 4.75
CA GLU C 409 -42.47 -2.94 3.89
C GLU C 409 -42.56 -1.45 3.62
N TYR C 410 -41.40 -0.83 3.47
CA TYR C 410 -41.32 0.57 3.13
C TYR C 410 -41.59 0.76 1.65
N GLN C 411 -42.15 1.92 1.32
CA GLN C 411 -42.40 2.27 -0.06
C GLN C 411 -42.05 3.74 -0.23
N PRO C 412 -41.71 4.15 -1.44
CA PRO C 412 -41.42 5.57 -1.68
C PRO C 412 -42.60 6.45 -1.33
N ASP C 413 -42.29 7.69 -0.94
CA ASP C 413 -43.33 8.70 -0.75
C ASP C 413 -44.15 8.87 -2.03
N PRO C 414 -45.46 9.04 -1.91
CA PRO C 414 -46.30 9.06 -3.12
C PRO C 414 -46.02 10.23 -4.03
N TRP C 415 -45.52 11.34 -3.49
CA TRP C 415 -45.29 12.51 -4.33
C TRP C 415 -44.01 12.43 -5.13
N ASN C 416 -43.10 11.52 -4.78
CA ASN C 416 -41.89 11.37 -5.59
C ASN C 416 -42.11 10.50 -6.83
N THR C 417 -43.30 9.92 -6.97
CA THR C 417 -43.57 8.99 -8.07
C THR C 417 -44.93 9.14 -8.73
N HIS C 418 -45.90 9.84 -8.12
CA HIS C 418 -47.23 10.00 -8.73
C HIS C 418 -47.14 10.77 -10.04
N VAL C 419 -47.78 10.25 -11.08
CA VAL C 419 -47.97 10.96 -12.34
C VAL C 419 -49.29 11.73 -12.25
N TRP C 420 -49.20 13.05 -12.14
CA TRP C 420 -50.38 13.87 -11.87
C TRP C 420 -51.30 13.95 -13.08
N LYS C 421 -52.60 14.06 -12.82
CA LYS C 421 -53.64 14.03 -13.83
C LYS C 421 -54.19 15.42 -14.17
N LEU C 422 -54.57 16.20 -13.14
CA LEU C 422 -55.40 17.39 -13.31
C LEU C 422 -54.67 18.50 -14.07
N VAL C 423 -55.46 19.45 -14.59
CA VAL C 423 -55.09 20.44 -15.62
C VAL C 423 -54.14 19.88 -16.71
N ARG D 3 -18.30 -3.68 -2.19
CA ARG D 3 -17.91 -2.74 -3.25
C ARG D 3 -18.69 -1.41 -3.24
N PHE D 4 -18.17 -0.42 -2.51
CA PHE D 4 -18.71 0.94 -2.33
C PHE D 4 -20.07 0.98 -1.65
N LEU D 5 -20.09 1.39 -0.38
CA LEU D 5 -21.32 1.51 0.39
C LEU D 5 -21.41 2.89 1.00
N LYS D 6 -22.63 3.36 1.25
CA LYS D 6 -22.85 4.69 1.79
C LYS D 6 -23.50 4.56 3.16
N VAL D 7 -23.16 5.48 4.05
CA VAL D 7 -23.77 5.56 5.37
C VAL D 7 -24.25 6.98 5.54
N LYS D 8 -25.41 7.14 6.16
CA LYS D 8 -26.05 8.43 6.25
C LYS D 8 -26.35 8.73 7.69
N ASN D 9 -26.29 10.01 8.04
CA ASN D 9 -26.66 10.49 9.36
C ASN D 9 -28.00 11.21 9.26
N TRP D 10 -29.03 10.66 9.92
CA TRP D 10 -30.38 11.19 9.71
C TRP D 10 -30.65 12.48 10.48
N GLU D 11 -29.74 12.92 11.33
CA GLU D 11 -29.86 14.21 12.00
C GLU D 11 -29.24 15.35 11.20
N THR D 12 -28.35 15.04 10.26
CA THR D 12 -27.63 16.05 9.50
C THR D 12 -27.64 15.78 8.02
N GLU D 13 -27.96 14.56 7.59
CA GLU D 13 -27.96 14.11 6.21
C GLU D 13 -26.56 14.04 5.63
N VAL D 14 -25.51 14.15 6.44
CA VAL D 14 -24.19 13.87 5.92
C VAL D 14 -24.14 12.41 5.50
N VAL D 15 -23.67 12.17 4.28
CA VAL D 15 -23.46 10.83 3.74
C VAL D 15 -21.96 10.61 3.59
N LEU D 16 -21.50 9.42 3.99
CA LEU D 16 -20.11 9.01 3.81
C LEU D 16 -20.07 7.76 2.94
N THR D 17 -19.00 7.61 2.17
CA THR D 17 -18.83 6.50 1.23
C THR D 17 -17.69 5.62 1.71
N ASP D 18 -17.96 4.32 1.81
CA ASP D 18 -17.05 3.36 2.43
C ASP D 18 -16.46 2.44 1.37
N THR D 19 -15.14 2.52 1.18
CA THR D 19 -14.39 1.56 0.38
C THR D 19 -13.53 0.65 1.23
N LEU D 20 -13.21 1.06 2.45
CA LEU D 20 -12.28 0.30 3.28
C LEU D 20 -12.78 -1.11 3.52
N HIS D 21 -14.11 -1.31 3.47
CA HIS D 21 -14.65 -2.65 3.73
C HIS D 21 -14.17 -3.67 2.71
N LEU D 22 -13.63 -3.24 1.57
CA LEU D 22 -13.06 -4.20 0.63
C LEU D 22 -11.89 -4.95 1.23
N LYS D 23 -11.21 -4.37 2.23
CA LYS D 23 -10.07 -4.99 2.90
C LYS D 23 -10.49 -5.96 4.00
N SER D 24 -11.78 -6.12 4.27
CA SER D 24 -12.22 -6.97 5.37
C SER D 24 -11.70 -8.39 5.18
N THR D 25 -11.36 -9.03 6.28
CA THR D 25 -10.74 -10.34 6.20
C THR D 25 -11.58 -11.47 6.77
N LEU D 26 -12.35 -11.22 7.82
CA LEU D 26 -13.03 -12.28 8.54
C LEU D 26 -14.54 -12.05 8.53
N GLU D 27 -15.27 -13.15 8.46
CA GLU D 27 -16.73 -13.13 8.49
C GLU D 27 -17.23 -12.44 9.76
N THR D 28 -18.29 -11.64 9.61
CA THR D 28 -18.95 -11.03 10.76
C THR D 28 -19.93 -11.96 11.42
N GLY D 29 -20.30 -13.05 10.75
CA GLY D 29 -21.34 -13.91 11.21
C GLY D 29 -22.64 -13.74 10.44
N CYS D 30 -22.82 -12.61 9.77
CA CYS D 30 -24.04 -12.35 9.02
C CYS D 30 -24.03 -13.10 7.68
N THR D 31 -25.21 -13.19 7.08
CA THR D 31 -25.35 -13.62 5.70
C THR D 31 -26.37 -12.72 5.02
N GLU D 32 -26.57 -12.93 3.72
CA GLU D 32 -27.66 -12.26 3.04
C GLU D 32 -28.99 -12.51 3.72
N TYR D 33 -29.11 -13.62 4.47
CA TYR D 33 -30.40 -14.05 4.99
C TYR D 33 -30.60 -13.83 6.49
N ILE D 34 -29.55 -13.74 7.29
CA ILE D 34 -29.70 -13.61 8.73
C ILE D 34 -28.62 -12.67 9.24
N CYS D 35 -29.03 -11.65 9.99
CA CYS D 35 -28.10 -10.69 10.59
C CYS D 35 -27.87 -11.06 12.03
N MET D 36 -26.59 -11.08 12.43
CA MET D 36 -26.22 -11.49 13.77
C MET D 36 -25.56 -10.36 14.55
N GLY D 37 -25.88 -9.10 14.20
CA GLY D 37 -25.22 -7.94 14.77
C GLY D 37 -25.46 -7.70 16.26
N SER D 38 -26.29 -8.50 16.91
CA SER D 38 -26.48 -8.41 18.35
C SER D 38 -26.01 -9.65 19.07
N ILE D 39 -25.47 -10.62 18.35
CA ILE D 39 -24.76 -11.73 18.99
C ILE D 39 -23.42 -11.25 19.52
N MET D 40 -23.12 -11.62 20.78
CA MET D 40 -21.89 -11.15 21.43
C MET D 40 -20.64 -11.66 20.72
N HIS D 41 -20.60 -12.95 20.36
CA HIS D 41 -19.50 -13.56 19.61
C HIS D 41 -20.08 -14.31 18.42
N PRO D 42 -20.37 -13.61 17.32
CA PRO D 42 -21.10 -14.28 16.23
C PRO D 42 -20.25 -15.28 15.47
N SER D 43 -18.99 -14.95 15.20
CA SER D 43 -18.14 -15.74 14.33
C SER D 43 -17.00 -16.39 15.13
N GLN D 44 -16.62 -17.58 14.69
CA GLN D 44 -15.43 -18.26 15.18
C GLN D 44 -14.32 -18.27 14.13
N HIS D 45 -14.52 -17.58 13.01
CA HIS D 45 -13.53 -17.39 11.96
C HIS D 45 -12.22 -16.87 12.52
N ALA D 46 -11.27 -17.77 12.78
CA ALA D 46 -9.89 -17.42 13.08
C ALA D 46 -9.05 -17.51 11.81
N ARG D 47 -7.79 -17.12 11.90
CA ARG D 47 -6.95 -16.99 10.72
C ARG D 47 -5.89 -18.08 10.60
N ARG D 48 -5.92 -19.10 11.46
CA ARG D 48 -4.94 -20.19 11.43
C ARG D 48 -5.42 -21.36 12.27
N PRO D 49 -5.02 -22.60 11.96
CA PRO D 49 -5.48 -23.76 12.75
C PRO D 49 -5.06 -23.66 14.22
N GLU D 50 -5.62 -24.59 15.01
CA GLU D 50 -5.56 -24.61 16.48
C GLU D 50 -4.22 -24.17 17.05
N ASP D 51 -3.19 -25.02 16.90
CA ASP D 51 -1.86 -24.74 17.40
C ASP D 51 -0.93 -24.46 16.20
N VAL D 52 0.33 -24.88 16.30
CA VAL D 52 1.39 -24.50 15.38
C VAL D 52 0.98 -24.77 13.93
N ALA D 53 0.84 -23.71 13.14
CA ALA D 53 0.45 -23.83 11.75
C ALA D 53 1.64 -24.26 10.91
N THR D 54 1.33 -24.70 9.69
CA THR D 54 2.37 -24.93 8.69
C THR D 54 2.88 -23.59 8.15
N LYS D 55 3.91 -23.67 7.30
CA LYS D 55 4.50 -22.47 6.74
C LYS D 55 3.54 -21.75 5.79
N ASP D 56 2.86 -22.51 4.93
CA ASP D 56 1.89 -21.93 4.01
C ASP D 56 0.65 -21.42 4.73
N GLN D 57 0.42 -21.81 5.97
CA GLN D 57 -0.64 -21.21 6.76
C GLN D 57 -0.19 -19.92 7.46
N LEU D 58 1.05 -19.86 7.95
CA LEU D 58 1.43 -18.66 8.70
C LEU D 58 1.99 -17.56 7.80
N PHE D 59 2.74 -17.92 6.76
CA PHE D 59 3.43 -16.91 5.99
C PHE D 59 2.49 -15.97 5.22
N PRO D 60 1.42 -16.43 4.56
CA PRO D 60 0.53 -15.47 3.89
C PRO D 60 -0.03 -14.41 4.81
N LEU D 61 -0.29 -14.74 6.06
CA LEU D 61 -0.77 -13.74 7.01
C LEU D 61 0.34 -12.75 7.35
N ALA D 62 1.57 -13.23 7.51
CA ALA D 62 2.71 -12.35 7.75
C ALA D 62 2.96 -11.45 6.56
N LYS D 63 2.94 -12.02 5.35
CA LYS D 63 3.15 -11.22 4.15
C LYS D 63 2.14 -10.09 4.08
N GLU D 64 0.87 -10.41 4.35
CA GLU D 64 -0.19 -9.41 4.39
C GLU D 64 0.17 -8.25 5.32
N PHE D 65 0.52 -8.56 6.57
CA PHE D 65 0.79 -7.50 7.53
C PHE D 65 2.01 -6.68 7.14
N ILE D 66 3.08 -7.35 6.73
CA ILE D 66 4.31 -6.62 6.39
C ILE D 66 4.07 -5.74 5.17
N ASP D 67 3.35 -6.26 4.17
CA ASP D 67 2.95 -5.44 3.02
C ASP D 67 2.18 -4.21 3.49
N GLN D 68 1.19 -4.41 4.37
CA GLN D 68 0.40 -3.31 4.91
C GLN D 68 1.27 -2.29 5.65
N TYR D 69 2.22 -2.75 6.47
CA TYR D 69 3.05 -1.81 7.23
C TYR D 69 3.98 -1.02 6.32
N TYR D 70 4.62 -1.70 5.36
CA TYR D 70 5.51 -0.96 4.47
C TYR D 70 4.72 -0.08 3.51
N SER D 71 3.47 -0.44 3.21
CA SER D 71 2.62 0.46 2.44
C SER D 71 2.22 1.66 3.29
N SER D 72 2.00 1.43 4.59
CA SER D 72 1.75 2.53 5.50
C SER D 72 2.83 3.60 5.38
N ILE D 73 4.11 3.19 5.28
CA ILE D 73 5.21 4.16 5.27
C ILE D 73 5.74 4.43 3.86
N LYS D 74 4.87 4.34 2.86
CA LYS D 74 5.21 4.62 1.45
C LYS D 74 6.52 3.97 1.03
N ARG D 75 6.71 2.71 1.41
CA ARG D 75 7.90 1.97 1.03
C ARG D 75 7.54 0.59 0.50
N PHE D 76 6.39 0.45 -0.16
CA PHE D 76 5.99 -0.83 -0.71
C PHE D 76 6.96 -1.28 -1.79
N GLY D 77 7.52 -2.48 -1.62
CA GLY D 77 8.47 -3.02 -2.58
C GLY D 77 9.90 -2.55 -2.45
N SER D 78 10.21 -1.79 -1.40
CA SER D 78 11.53 -1.21 -1.23
C SER D 78 12.54 -2.29 -0.87
N LYS D 79 13.77 -1.86 -0.58
CA LYS D 79 14.80 -2.79 -0.16
C LYS D 79 14.46 -3.40 1.20
N ALA D 80 14.08 -2.57 2.17
CA ALA D 80 13.78 -3.10 3.49
C ALA D 80 12.57 -4.04 3.45
N HIS D 81 11.56 -3.68 2.66
CA HIS D 81 10.36 -4.51 2.58
C HIS D 81 10.69 -5.87 1.98
N MET D 82 11.44 -5.90 0.87
CA MET D 82 11.80 -7.16 0.23
C MET D 82 12.63 -8.03 1.17
N GLU D 83 13.67 -7.45 1.79
CA GLU D 83 14.50 -8.21 2.74
C GLU D 83 13.68 -8.74 3.91
N ARG D 84 12.73 -7.94 4.39
CA ARG D 84 11.93 -8.37 5.54
C ARG D 84 11.12 -9.62 5.21
N LEU D 85 10.58 -9.70 4.00
CA LEU D 85 9.82 -10.88 3.62
C LEU D 85 10.69 -12.14 3.65
N GLU D 86 11.91 -12.05 3.09
CA GLU D 86 12.84 -13.17 3.18
C GLU D 86 13.19 -13.46 4.62
N GLU D 87 13.29 -12.41 5.44
CA GLU D 87 13.62 -12.59 6.85
C GLU D 87 12.51 -13.37 7.56
N VAL D 88 11.25 -12.96 7.37
CA VAL D 88 10.15 -13.72 7.97
C VAL D 88 10.08 -15.11 7.37
N ASN D 89 10.31 -15.21 6.06
CA ASN D 89 10.31 -16.51 5.38
C ASN D 89 11.22 -17.51 6.09
N LYS D 90 12.52 -17.19 6.23
CA LYS D 90 13.45 -18.14 6.82
C LYS D 90 13.28 -18.23 8.32
N GLU D 91 12.72 -17.20 8.95
CA GLU D 91 12.35 -17.31 10.36
C GLU D 91 11.29 -18.39 10.56
N ILE D 92 10.23 -18.35 9.75
CA ILE D 92 9.23 -19.42 9.80
C ILE D 92 9.88 -20.75 9.45
N ASP D 93 10.66 -20.77 8.36
CA ASP D 93 11.41 -21.96 7.98
C ASP D 93 12.12 -22.59 9.18
N THR D 94 12.72 -21.77 10.05
CA THR D 94 13.57 -22.31 11.09
C THR D 94 12.90 -22.41 12.45
N THR D 95 11.85 -21.63 12.74
CA THR D 95 11.23 -21.65 14.05
C THR D 95 9.71 -21.85 14.03
N SER D 96 9.11 -22.05 12.86
CA SER D 96 7.66 -22.16 12.72
C SER D 96 6.94 -20.87 13.09
N THR D 97 7.67 -19.84 13.49
CA THR D 97 7.08 -18.55 13.85
C THR D 97 7.96 -17.44 13.31
N TYR D 98 7.67 -16.19 13.68
CA TYR D 98 8.57 -15.08 13.38
C TYR D 98 8.34 -13.98 14.42
N GLN D 99 9.25 -13.01 14.46
CA GLN D 99 9.26 -12.00 15.51
C GLN D 99 9.11 -10.62 14.90
N LEU D 100 8.33 -9.76 15.57
CA LEU D 100 8.06 -8.42 15.04
C LEU D 100 9.13 -7.43 15.45
N LYS D 101 9.57 -6.63 14.48
CA LYS D 101 10.32 -5.40 14.79
C LYS D 101 9.52 -4.53 15.76
N ASP D 102 10.23 -3.61 16.42
CA ASP D 102 9.59 -2.73 17.40
C ASP D 102 8.66 -1.74 16.73
N THR D 103 9.08 -1.20 15.58
CA THR D 103 8.20 -0.32 14.80
C THR D 103 6.96 -1.07 14.34
N GLU D 104 7.14 -2.30 13.86
CA GLU D 104 6.00 -3.11 13.43
C GLU D 104 5.07 -3.40 14.60
N LEU D 105 5.64 -3.64 15.79
CA LEU D 105 4.77 -3.90 16.94
C LEU D 105 3.93 -2.68 17.27
N ILE D 106 4.55 -1.50 17.27
CA ILE D 106 3.80 -0.31 17.67
C ILE D 106 2.70 -0.02 16.65
N TYR D 107 3.03 -0.13 15.36
CA TYR D 107 2.04 0.04 14.31
C TYR D 107 0.87 -0.93 14.48
N GLY D 108 1.18 -2.20 14.75
CA GLY D 108 0.13 -3.21 14.88
C GLY D 108 -0.76 -2.97 16.08
N ALA D 109 -0.17 -2.63 17.22
CA ALA D 109 -1.01 -2.37 18.39
C ALA D 109 -1.92 -1.18 18.14
N LYS D 110 -1.37 -0.10 17.61
CA LYS D 110 -2.17 1.09 17.36
C LYS D 110 -3.29 0.80 16.36
N HIS D 111 -3.02 -0.07 15.39
CA HIS D 111 -4.02 -0.31 14.38
C HIS D 111 -5.09 -1.29 14.85
N ALA D 112 -4.73 -2.22 15.77
CA ALA D 112 -5.77 -3.02 16.40
C ALA D 112 -6.77 -2.14 17.14
N TRP D 113 -6.28 -1.13 17.86
CA TRP D 113 -7.20 -0.20 18.51
C TRP D 113 -7.99 0.58 17.47
N ARG D 114 -7.31 1.05 16.42
CA ARG D 114 -7.98 1.76 15.36
C ARG D 114 -9.11 0.93 14.76
N ASN D 115 -8.89 -0.38 14.64
CA ASN D 115 -9.84 -1.27 14.00
C ASN D 115 -10.92 -1.78 14.93
N ALA D 116 -10.93 -1.38 16.21
CA ALA D 116 -11.81 -2.01 17.19
C ALA D 116 -13.21 -1.42 17.04
N SER D 117 -14.08 -2.15 16.32
CA SER D 117 -15.32 -1.56 15.87
CA SER D 117 -15.35 -1.61 15.87
C SER D 117 -16.23 -1.19 17.04
N ARG D 118 -16.08 -1.85 18.19
CA ARG D 118 -16.95 -1.62 19.32
C ARG D 118 -16.54 -0.44 20.19
N CYS D 119 -15.42 0.22 19.88
CA CYS D 119 -14.80 1.15 20.81
C CYS D 119 -15.14 2.59 20.45
N VAL D 120 -15.80 3.28 21.37
CA VAL D 120 -16.18 4.66 21.11
C VAL D 120 -15.01 5.63 21.29
N GLY D 121 -13.93 5.21 21.94
CA GLY D 121 -12.82 6.09 22.24
C GLY D 121 -11.78 6.24 21.13
N ARG D 122 -12.00 5.65 19.97
CA ARG D 122 -10.92 5.47 19.01
C ARG D 122 -10.35 6.75 18.40
N ILE D 123 -10.86 7.94 18.73
CA ILE D 123 -10.26 9.14 18.15
C ILE D 123 -8.82 9.30 18.65
N GLN D 124 -8.46 8.58 19.72
CA GLN D 124 -7.16 8.66 20.36
C GLN D 124 -6.18 7.60 19.86
N TRP D 125 -6.55 6.80 18.85
CA TRP D 125 -5.86 5.54 18.57
C TRP D 125 -4.36 5.72 18.36
N SER D 126 -3.95 6.79 17.68
CA SER D 126 -2.54 6.97 17.39
C SER D 126 -1.74 7.49 18.59
N LYS D 127 -2.42 7.95 19.65
CA LYS D 127 -1.77 8.38 20.88
C LYS D 127 -1.86 7.25 21.92
N LEU D 128 -1.05 6.22 21.70
CA LEU D 128 -1.03 5.02 22.53
C LEU D 128 0.41 4.71 22.91
N GLN D 129 0.64 4.44 24.19
CA GLN D 129 1.97 4.07 24.66
C GLN D 129 2.06 2.56 24.67
N VAL D 130 2.99 2.02 23.89
CA VAL D 130 3.25 0.58 23.81
C VAL D 130 4.47 0.26 24.66
N PHE D 131 4.31 -0.65 25.61
CA PHE D 131 5.40 -1.22 26.38
C PHE D 131 5.66 -2.62 25.86
N ASP D 132 6.87 -2.84 25.32
CA ASP D 132 7.31 -4.13 24.81
C ASP D 132 7.79 -4.97 26.00
N ALA D 133 7.07 -6.04 26.32
CA ALA D 133 7.47 -6.93 27.41
C ALA D 133 7.75 -8.34 26.89
N ARG D 134 8.20 -8.43 25.64
CA ARG D 134 8.36 -9.74 25.02
C ARG D 134 9.56 -10.51 25.55
N ASP D 135 10.41 -9.86 26.35
CA ASP D 135 11.55 -10.49 27.01
C ASP D 135 11.15 -11.13 28.32
N CYS D 136 9.91 -10.95 28.74
CA CYS D 136 9.46 -11.48 30.02
C CYS D 136 9.51 -13.00 30.00
N THR D 137 9.76 -13.59 31.17
CA THR D 137 9.84 -15.05 31.27
C THR D 137 9.13 -15.64 32.48
N THR D 138 8.74 -14.86 33.48
CA THR D 138 8.13 -15.44 34.66
C THR D 138 6.96 -14.59 35.14
N ALA D 139 6.10 -15.21 35.95
CA ALA D 139 5.00 -14.48 36.55
C ALA D 139 5.50 -13.23 37.26
N HIS D 140 6.63 -13.35 37.98
CA HIS D 140 7.23 -12.20 38.66
C HIS D 140 7.58 -11.09 37.67
N GLY D 141 8.25 -11.44 36.58
CA GLY D 141 8.47 -10.46 35.53
C GLY D 141 7.17 -9.86 35.03
N MET D 142 6.15 -10.69 34.80
CA MET D 142 4.86 -10.16 34.34
C MET D 142 4.30 -9.15 35.34
N PHE D 143 4.40 -9.44 36.63
CA PHE D 143 3.85 -8.55 37.64
C PHE D 143 4.59 -7.22 37.67
N ASN D 144 5.90 -7.24 37.43
CA ASN D 144 6.68 -6.00 37.43
C ASN D 144 6.33 -5.14 36.23
N TYR D 145 6.12 -5.77 35.07
CA TYR D 145 5.65 -5.02 33.91
C TYR D 145 4.27 -4.40 34.16
N ILE D 146 3.36 -5.13 34.83
CA ILE D 146 2.00 -4.65 35.04
C ILE D 146 1.98 -3.50 36.03
N CYS D 147 2.80 -3.58 37.08
CA CYS D 147 2.88 -2.48 38.02
C CYS D 147 3.36 -1.21 37.34
N ASN D 148 4.39 -1.33 36.49
CA ASN D 148 4.89 -0.16 35.78
C ASN D 148 3.85 0.38 34.82
N HIS D 149 3.19 -0.52 34.08
CA HIS D 149 2.05 -0.13 33.26
C HIS D 149 1.03 0.65 34.08
N VAL D 150 0.55 0.05 35.17
CA VAL D 150 -0.49 0.70 35.96
C VAL D 150 -0.04 2.09 36.42
N LYS D 151 1.22 2.21 36.87
CA LYS D 151 1.69 3.49 37.41
C LYS D 151 1.82 4.54 36.32
N TYR D 152 2.39 4.17 35.18
CA TYR D 152 2.46 5.09 34.05
C TYR D 152 1.08 5.55 33.61
N ALA D 153 0.16 4.60 33.46
CA ALA D 153 -1.14 4.90 32.87
C ALA D 153 -2.03 5.67 33.82
N THR D 154 -1.84 5.46 35.13
CA THR D 154 -2.59 6.24 36.10
C THR D 154 -2.12 7.68 36.11
N ASN D 155 -0.80 7.89 36.14
CA ASN D 155 -0.19 9.22 36.07
C ASN D 155 -0.90 10.21 37.01
N LYS D 156 -1.21 9.76 38.22
CA LYS D 156 -1.78 10.61 39.25
C LYS D 156 -3.12 11.19 38.85
N GLY D 157 -3.90 10.45 38.05
CA GLY D 157 -5.23 10.84 37.64
C GLY D 157 -5.31 11.35 36.21
N ASN D 158 -4.23 11.95 35.69
CA ASN D 158 -4.18 12.41 34.31
C ASN D 158 -3.86 11.21 33.42
N LEU D 159 -4.89 10.38 33.19
CA LEU D 159 -4.68 9.04 32.65
C LEU D 159 -4.13 9.08 31.22
N ARG D 160 -3.36 8.03 30.89
CA ARG D 160 -2.71 7.89 29.60
C ARG D 160 -2.96 6.48 29.07
N SER D 161 -3.26 6.38 27.78
CA SER D 161 -3.50 5.09 27.16
C SER D 161 -2.20 4.29 27.04
N ALA D 162 -2.29 2.99 27.33
CA ALA D 162 -1.10 2.15 27.27
C ALA D 162 -1.52 0.72 27.05
N ILE D 163 -0.62 -0.03 26.42
CA ILE D 163 -0.73 -1.47 26.26
C ILE D 163 0.65 -2.07 26.54
N THR D 164 0.67 -3.17 27.30
CA THR D 164 1.89 -3.90 27.58
C THR D 164 1.78 -5.25 26.88
N ILE D 165 2.80 -5.62 26.09
CA ILE D 165 2.68 -6.79 25.22
C ILE D 165 3.68 -7.87 25.63
N PHE D 166 3.16 -8.97 26.14
CA PHE D 166 3.91 -10.12 26.62
C PHE D 166 4.17 -11.08 25.48
N PRO D 167 5.04 -12.09 25.67
CA PRO D 167 5.49 -12.89 24.53
C PRO D 167 4.34 -13.57 23.80
N GLN D 168 4.48 -13.68 22.49
CA GLN D 168 3.44 -14.26 21.68
C GLN D 168 3.30 -15.75 21.94
N ARG D 169 2.12 -16.27 21.60
CA ARG D 169 1.85 -17.68 21.75
C ARG D 169 2.71 -18.48 20.78
N THR D 170 3.19 -19.64 21.23
CA THR D 170 4.05 -20.44 20.36
C THR D 170 3.36 -21.76 20.01
N ASP D 171 3.45 -22.75 20.88
CA ASP D 171 2.79 -24.03 20.63
C ASP D 171 1.44 -24.16 21.32
N GLY D 172 1.01 -23.13 22.05
CA GLY D 172 -0.22 -23.20 22.81
C GLY D 172 -0.08 -23.76 24.21
N LYS D 173 0.99 -24.51 24.47
CA LYS D 173 1.28 -25.01 25.81
C LYS D 173 2.13 -24.06 26.62
N HIS D 174 2.63 -22.99 26.00
CA HIS D 174 3.52 -22.04 26.67
C HIS D 174 2.90 -20.65 26.62
N ASP D 175 1.60 -20.57 26.92
CA ASP D 175 0.89 -19.31 26.82
C ASP D 175 1.19 -18.43 28.02
N PHE D 176 1.38 -17.13 27.75
CA PHE D 176 1.28 -16.11 28.76
C PHE D 176 -0.17 -15.66 28.89
N ARG D 177 -0.69 -15.64 30.12
CA ARG D 177 -2.06 -15.20 30.34
C ARG D 177 -2.17 -14.34 31.59
N VAL D 178 -2.86 -13.22 31.49
CA VAL D 178 -3.42 -12.55 32.65
C VAL D 178 -4.80 -13.17 32.88
N TRP D 179 -4.98 -13.83 34.02
CA TRP D 179 -6.23 -14.53 34.27
C TRP D 179 -7.34 -13.57 34.68
N ASN D 180 -6.97 -12.43 35.25
CA ASN D 180 -7.94 -11.40 35.55
C ASN D 180 -8.53 -10.87 34.27
N SER D 181 -9.81 -10.50 34.33
CA SER D 181 -10.44 -9.91 33.15
C SER D 181 -10.04 -8.45 33.01
N GLN D 182 -9.92 -7.73 34.12
CA GLN D 182 -9.23 -6.46 34.16
C GLN D 182 -8.13 -6.49 35.21
N LEU D 183 -7.13 -5.62 35.06
CA LEU D 183 -6.07 -5.57 36.07
C LEU D 183 -6.61 -5.17 37.42
N ILE D 184 -7.63 -4.32 37.46
CA ILE D 184 -8.23 -3.89 38.71
C ILE D 184 -9.73 -4.16 38.65
N ARG D 185 -10.22 -5.07 39.49
CA ARG D 185 -11.63 -5.35 39.65
C ARG D 185 -11.90 -5.71 41.10
N TYR D 186 -13.16 -5.53 41.51
CA TYR D 186 -13.58 -5.85 42.88
C TYR D 186 -14.05 -7.29 42.96
N ALA D 187 -13.81 -7.90 44.11
CA ALA D 187 -14.18 -9.29 44.35
C ALA D 187 -15.67 -9.42 44.57
N GLY D 188 -16.18 -10.62 44.31
CA GLY D 188 -17.56 -10.95 44.61
C GLY D 188 -17.68 -12.23 45.40
N TYR D 189 -18.49 -12.20 46.46
CA TYR D 189 -18.55 -13.29 47.42
C TYR D 189 -19.97 -13.86 47.51
N LYS D 190 -20.10 -15.17 47.33
CA LYS D 190 -21.38 -15.84 47.53
C LYS D 190 -21.70 -15.90 49.02
N GLN D 191 -22.90 -15.44 49.37
CA GLN D 191 -23.30 -15.24 50.76
C GLN D 191 -23.97 -16.49 51.32
N PRO D 192 -24.07 -16.58 52.66
CA PRO D 192 -24.82 -17.70 53.25
C PRO D 192 -26.28 -17.71 52.83
N ASP D 193 -26.92 -16.54 52.76
CA ASP D 193 -28.33 -16.43 52.41
C ASP D 193 -28.60 -16.59 50.92
N GLY D 194 -27.61 -17.08 50.14
CA GLY D 194 -27.76 -17.28 48.73
C GLY D 194 -27.46 -16.08 47.85
N SER D 195 -27.53 -14.87 48.41
CA SER D 195 -27.20 -13.66 47.66
C SER D 195 -25.69 -13.42 47.59
N THR D 196 -25.27 -12.20 47.29
CA THR D 196 -23.89 -11.97 46.87
C THR D 196 -23.37 -10.62 47.39
N LEU D 197 -22.09 -10.60 47.77
CA LEU D 197 -21.44 -9.40 48.28
C LEU D 197 -20.28 -9.01 47.37
N GLY D 198 -20.12 -7.70 47.15
CA GLY D 198 -19.14 -7.17 46.20
C GLY D 198 -19.64 -7.08 44.77
N ASP D 199 -18.81 -7.53 43.83
CA ASP D 199 -19.16 -7.45 42.42
C ASP D 199 -19.54 -8.85 41.93
N PRO D 200 -20.81 -9.09 41.58
CA PRO D 200 -21.23 -10.45 41.18
C PRO D 200 -20.58 -10.95 39.91
N ALA D 201 -20.13 -10.06 39.03
CA ALA D 201 -19.41 -10.49 37.83
C ALA D 201 -18.19 -11.33 38.16
N ASN D 202 -17.59 -11.10 39.32
CA ASN D 202 -16.29 -11.63 39.62
C ASN D 202 -16.34 -12.76 40.63
N VAL D 203 -17.52 -13.34 40.85
CA VAL D 203 -17.67 -14.39 41.85
C VAL D 203 -16.80 -15.60 41.51
N GLN D 204 -16.87 -16.06 40.26
CA GLN D 204 -16.11 -17.24 39.89
C GLN D 204 -14.62 -16.98 40.01
N PHE D 205 -14.14 -15.87 39.47
CA PHE D 205 -12.73 -15.55 39.57
C PHE D 205 -12.31 -15.38 41.04
N THR D 206 -13.13 -14.70 41.85
CA THR D 206 -12.80 -14.55 43.25
C THR D 206 -12.60 -15.91 43.91
N GLU D 207 -13.47 -16.86 43.64
CA GLU D 207 -13.33 -18.16 44.29
C GLU D 207 -12.10 -18.91 43.78
N ILE D 208 -11.71 -18.68 42.51
CA ILE D 208 -10.46 -19.23 42.01
C ILE D 208 -9.29 -18.65 42.78
N CYS D 209 -9.33 -17.34 43.06
CA CYS D 209 -8.28 -16.72 43.85
C CYS D 209 -8.21 -17.30 45.25
N ILE D 210 -9.37 -17.37 45.93
CA ILE D 210 -9.43 -17.93 47.29
C ILE D 210 -8.91 -19.36 47.27
N GLN D 211 -9.25 -20.11 46.23
CA GLN D 211 -8.72 -21.45 46.04
C GLN D 211 -7.20 -21.45 46.11
N GLN D 212 -6.57 -20.65 45.28
CA GLN D 212 -5.12 -20.59 45.22
C GLN D 212 -4.51 -20.00 46.45
N GLY D 213 -5.26 -19.71 47.50
CA GLY D 213 -4.68 -19.26 48.75
C GLY D 213 -4.90 -17.80 49.08
N TRP D 214 -5.70 -17.10 48.30
CA TRP D 214 -6.01 -15.71 48.62
C TRP D 214 -6.92 -15.66 49.84
N LYS D 215 -6.68 -14.67 50.71
CA LYS D 215 -7.39 -14.48 51.97
C LYS D 215 -8.29 -13.26 51.84
N PRO D 216 -9.52 -13.41 51.40
CA PRO D 216 -10.36 -12.26 51.15
C PRO D 216 -10.63 -11.48 52.42
N PRO D 217 -10.42 -10.16 52.41
CA PRO D 217 -10.95 -9.34 53.50
C PRO D 217 -12.48 -9.30 53.53
N ARG D 218 -13.14 -9.65 52.43
CA ARG D 218 -14.57 -9.93 52.37
C ARG D 218 -15.43 -8.70 52.61
N GLY D 219 -15.26 -7.69 51.77
CA GLY D 219 -16.10 -6.51 51.77
C GLY D 219 -16.71 -6.23 50.42
N ARG D 220 -17.13 -5.01 50.19
CA ARG D 220 -17.75 -4.68 48.90
C ARG D 220 -16.69 -4.42 47.84
N PHE D 221 -15.74 -3.54 48.14
CA PHE D 221 -14.75 -3.11 47.18
C PHE D 221 -13.36 -3.63 47.59
N ASP D 222 -13.20 -4.94 47.47
CA ASP D 222 -11.93 -5.61 47.71
C ASP D 222 -11.20 -5.74 46.39
N VAL D 223 -10.09 -5.00 46.22
CA VAL D 223 -9.30 -5.15 45.00
C VAL D 223 -8.79 -6.58 44.95
N LEU D 224 -9.02 -7.23 43.82
CA LEU D 224 -8.63 -8.61 43.61
C LEU D 224 -7.13 -8.70 43.38
N PRO D 225 -6.51 -9.84 43.68
CA PRO D 225 -5.10 -10.02 43.34
C PRO D 225 -4.95 -10.24 41.85
N LEU D 226 -3.72 -10.10 41.39
CA LEU D 226 -3.36 -10.52 40.04
C LEU D 226 -3.04 -12.01 40.03
N LEU D 227 -3.49 -12.70 38.99
CA LEU D 227 -3.25 -14.12 38.77
C LEU D 227 -2.52 -14.23 37.45
N LEU D 228 -1.22 -14.46 37.48
CA LEU D 228 -0.37 -14.32 36.31
C LEU D 228 0.22 -15.66 35.89
N GLN D 229 0.19 -15.92 34.59
CA GLN D 229 0.66 -17.17 33.99
C GLN D 229 1.67 -16.86 32.89
N ALA D 230 2.87 -17.43 33.01
CA ALA D 230 3.97 -17.19 32.09
C ALA D 230 4.45 -18.51 31.53
N ASN D 231 4.59 -18.57 30.21
CA ASN D 231 5.18 -19.73 29.54
C ASN D 231 4.48 -21.03 29.90
N GLY D 232 3.18 -20.97 30.16
CA GLY D 232 2.35 -22.13 30.35
C GLY D 232 2.26 -22.64 31.76
N ASN D 233 3.05 -22.10 32.69
CA ASN D 233 3.07 -22.64 34.04
C ASN D 233 1.78 -22.28 34.78
N ASP D 234 1.59 -22.94 35.91
CA ASP D 234 0.43 -22.63 36.74
C ASP D 234 0.49 -21.15 37.13
N PRO D 235 -0.65 -20.49 37.29
CA PRO D 235 -0.63 -19.05 37.61
C PRO D 235 -0.20 -18.82 39.05
N GLU D 236 0.13 -17.55 39.34
CA GLU D 236 0.62 -17.15 40.64
C GLU D 236 -0.08 -15.87 41.09
N LEU D 237 -0.31 -15.76 42.40
CA LEU D 237 -0.98 -14.59 42.97
C LEU D 237 0.01 -13.47 43.29
N PHE D 238 -0.44 -12.22 43.12
CA PHE D 238 0.32 -11.01 43.44
C PHE D 238 -0.63 -9.91 43.88
N GLN D 239 -0.36 -9.30 45.04
CA GLN D 239 -1.15 -8.17 45.48
C GLN D 239 -0.61 -6.90 44.84
N ILE D 240 -1.45 -6.17 44.11
CA ILE D 240 -1.04 -4.90 43.51
C ILE D 240 -0.79 -3.89 44.63
N PRO D 241 0.36 -3.24 44.68
CA PRO D 241 0.59 -2.26 45.75
C PRO D 241 -0.51 -1.21 45.77
N PRO D 242 -1.25 -1.12 46.89
CA PRO D 242 -2.36 -0.17 47.03
C PRO D 242 -2.12 1.20 46.42
N GLU D 243 -0.95 1.77 46.70
CA GLU D 243 -0.62 3.11 46.24
C GLU D 243 -0.69 3.22 44.73
N LEU D 244 -0.68 2.12 44.02
CA LEU D 244 -0.83 2.17 42.57
C LEU D 244 -2.29 2.15 42.11
N VAL D 245 -3.24 1.89 43.01
CA VAL D 245 -4.64 1.70 42.62
C VAL D 245 -5.39 2.98 42.98
N LEU D 246 -5.57 3.85 42.01
CA LEU D 246 -6.28 5.11 42.27
C LEU D 246 -7.77 4.85 42.36
N GLU D 247 -8.43 5.45 43.34
CA GLU D 247 -9.85 5.20 43.62
C GLU D 247 -10.58 6.51 43.87
N VAL D 248 -11.80 6.59 43.36
CA VAL D 248 -12.65 7.78 43.44
C VAL D 248 -13.86 7.43 44.31
N PRO D 249 -14.03 8.05 45.47
CA PRO D 249 -15.28 7.87 46.22
C PRO D 249 -16.40 8.65 45.55
N ILE D 250 -17.59 8.04 45.47
CA ILE D 250 -18.72 8.62 44.74
C ILE D 250 -19.56 9.43 45.70
N ARG D 251 -19.59 10.74 45.49
CA ARG D 251 -20.54 11.64 46.12
C ARG D 251 -21.35 12.37 45.05
N HIS D 252 -22.47 13.02 45.50
CA HIS D 252 -23.37 13.69 44.58
C HIS D 252 -23.34 15.20 44.82
N PRO D 253 -23.28 16.00 43.75
CA PRO D 253 -23.18 17.46 43.92
C PRO D 253 -24.35 18.09 44.64
N LYS D 254 -25.47 17.38 44.78
CA LYS D 254 -26.66 17.95 45.40
C LYS D 254 -27.10 17.16 46.61
N PHE D 255 -27.18 15.83 46.48
CA PHE D 255 -27.65 14.97 47.57
C PHE D 255 -26.48 14.73 48.52
N GLU D 256 -26.46 15.48 49.62
CA GLU D 256 -25.41 15.25 50.61
C GLU D 256 -25.49 13.87 51.24
N TRP D 257 -26.61 13.17 51.07
CA TRP D 257 -26.74 11.81 51.60
C TRP D 257 -26.12 10.77 50.69
N PHE D 258 -25.65 11.18 49.52
CA PHE D 258 -25.16 10.20 48.55
C PHE D 258 -23.85 9.57 49.01
N LYS D 259 -22.89 10.38 49.45
CA LYS D 259 -21.61 9.84 49.88
C LYS D 259 -21.78 8.80 50.97
N ASP D 260 -22.89 8.84 51.70
CA ASP D 260 -23.14 7.91 52.80
C ASP D 260 -23.55 6.53 52.32
N LEU D 261 -23.77 6.34 51.01
CA LEU D 261 -23.95 4.99 50.46
C LEU D 261 -22.65 4.19 50.44
N GLY D 262 -21.53 4.82 50.77
CA GLY D 262 -20.26 4.13 50.86
C GLY D 262 -19.85 3.47 49.57
N LEU D 263 -19.89 4.21 48.47
CA LEU D 263 -19.54 3.69 47.17
C LEU D 263 -18.26 4.36 46.67
N LYS D 264 -17.48 3.60 45.92
CA LYS D 264 -16.28 4.10 45.25
C LYS D 264 -16.05 3.24 44.03
N TRP D 265 -15.18 3.73 43.15
CA TRP D 265 -14.75 2.95 42.01
C TRP D 265 -13.32 3.34 41.71
N TYR D 266 -12.66 2.56 40.87
CA TYR D 266 -11.27 2.80 40.51
C TYR D 266 -11.21 3.58 39.20
N GLY D 267 -10.13 4.34 39.04
CA GLY D 267 -9.99 5.25 37.92
C GLY D 267 -9.49 4.61 36.66
N LEU D 268 -8.82 3.45 36.75
CA LEU D 268 -8.16 2.87 35.59
C LEU D 268 -8.93 1.68 35.06
N PRO D 269 -9.61 1.79 33.90
CA PRO D 269 -10.11 0.58 33.24
C PRO D 269 -9.00 -0.01 32.37
N ALA D 270 -8.71 -1.30 32.58
CA ALA D 270 -7.53 -1.91 31.97
C ALA D 270 -7.87 -3.35 31.62
N VAL D 271 -8.19 -3.61 30.36
CA VAL D 271 -8.75 -4.91 29.98
C VAL D 271 -7.59 -5.86 29.72
N SER D 272 -7.65 -7.06 30.32
CA SER D 272 -6.47 -7.92 30.38
C SER D 272 -6.72 -9.34 29.91
N ASN D 273 -7.88 -9.63 29.33
CA ASN D 273 -8.17 -10.99 28.87
C ASN D 273 -8.37 -11.08 27.36
N MET D 274 -8.13 -10.02 26.61
CA MET D 274 -8.29 -10.13 25.18
C MET D 274 -6.98 -10.50 24.53
N LEU D 275 -7.02 -10.71 23.22
CA LEU D 275 -5.94 -11.30 22.46
C LEU D 275 -5.63 -10.36 21.30
N LEU D 276 -4.36 -9.99 21.16
CA LEU D 276 -3.95 -9.07 20.12
C LEU D 276 -3.38 -9.87 18.97
N GLU D 277 -3.94 -9.67 17.77
CA GLU D 277 -3.57 -10.48 16.60
C GLU D 277 -2.90 -9.58 15.58
N ILE D 278 -1.64 -9.90 15.24
CA ILE D 278 -0.87 -9.14 14.25
C ILE D 278 -0.12 -10.11 13.34
N GLY D 279 -0.27 -9.92 12.02
CA GLY D 279 0.24 -10.76 10.97
C GLY D 279 0.32 -12.23 11.27
N GLY D 280 -0.75 -12.82 11.81
CA GLY D 280 -0.76 -14.22 12.15
C GLY D 280 -0.18 -14.56 13.51
N LEU D 281 0.41 -13.59 14.21
CA LEU D 281 0.91 -13.81 15.55
C LEU D 281 -0.17 -13.47 16.57
N GLU D 282 -0.21 -14.23 17.66
CA GLU D 282 -1.23 -14.08 18.68
C GLU D 282 -0.56 -13.74 20.01
N PHE D 283 -0.82 -12.54 20.52
CA PHE D 283 -0.37 -12.10 21.83
C PHE D 283 -1.51 -12.30 22.83
N SER D 284 -1.47 -13.43 23.55
CA SER D 284 -2.50 -13.86 24.50
C SER D 284 -2.54 -13.03 25.77
N ALA D 285 -1.56 -12.16 26.00
CA ALA D 285 -1.55 -11.31 27.17
C ALA D 285 -1.05 -9.96 26.73
N CYS D 286 -1.89 -8.97 26.82
CA CYS D 286 -1.65 -7.67 26.22
C CYS D 286 -2.56 -6.67 26.92
N PRO D 287 -2.51 -6.59 28.25
CA PRO D 287 -3.42 -5.70 28.97
C PRO D 287 -3.32 -4.27 28.46
N PHE D 288 -4.48 -3.67 28.19
CA PHE D 288 -4.52 -2.31 27.66
C PHE D 288 -5.51 -1.47 28.47
N SER D 289 -5.25 -0.18 28.52
CA SER D 289 -5.93 0.67 29.49
C SER D 289 -6.16 2.03 28.86
N GLY D 290 -7.23 2.70 29.30
CA GLY D 290 -7.49 4.05 28.90
C GLY D 290 -8.13 4.80 30.05
N TRP D 291 -9.25 5.48 29.79
CA TRP D 291 -10.01 6.12 30.85
C TRP D 291 -11.49 5.82 30.64
N TYR D 292 -12.25 5.86 31.73
CA TYR D 292 -13.66 5.48 31.68
C TYR D 292 -14.51 6.52 30.95
N MET D 293 -15.50 6.02 30.22
CA MET D 293 -16.72 6.77 30.00
C MET D 293 -17.60 6.56 31.21
N GLY D 294 -18.25 7.63 31.67
CA GLY D 294 -18.98 7.56 32.94
C GLY D 294 -20.05 6.47 32.97
N THR D 295 -20.71 6.22 31.84
CA THR D 295 -21.81 5.26 31.83
C THR D 295 -21.33 3.84 32.11
N GLU D 296 -20.10 3.52 31.70
CA GLU D 296 -19.53 2.21 32.01
C GLU D 296 -19.58 1.92 33.50
N ILE D 297 -19.20 2.89 34.32
CA ILE D 297 -19.31 2.73 35.77
C ILE D 297 -20.77 2.84 36.21
N GLY D 298 -21.38 4.01 35.97
CA GLY D 298 -22.64 4.34 36.60
C GLY D 298 -23.86 3.69 35.97
N VAL D 299 -23.78 3.34 34.70
CA VAL D 299 -24.91 2.64 34.11
C VAL D 299 -24.73 1.14 34.30
N ARG D 300 -23.65 0.58 33.72
CA ARG D 300 -23.50 -0.87 33.69
C ARG D 300 -22.99 -1.43 35.02
N ASP D 301 -21.88 -0.89 35.54
CA ASP D 301 -21.24 -1.48 36.72
C ASP D 301 -22.15 -1.38 37.96
N TYR D 302 -22.95 -0.32 38.07
CA TYR D 302 -23.74 -0.09 39.27
C TYR D 302 -25.18 -0.52 39.16
N CYS D 303 -25.74 -0.55 37.94
CA CYS D 303 -27.18 -0.75 37.76
C CYS D 303 -27.56 -2.05 37.06
N ASP D 304 -26.66 -2.68 36.30
CA ASP D 304 -26.88 -4.02 35.76
C ASP D 304 -27.46 -4.91 36.85
N ASN D 305 -28.33 -5.87 36.48
CA ASN D 305 -28.99 -6.68 37.51
C ASN D 305 -28.05 -7.70 38.11
N SER D 306 -27.23 -8.38 37.29
CA SER D 306 -26.23 -9.31 37.79
C SER D 306 -24.92 -8.62 38.15
N ARG D 307 -24.98 -7.32 38.44
CA ARG D 307 -23.85 -6.56 38.98
C ARG D 307 -24.26 -5.93 40.30
N TYR D 308 -23.95 -4.65 40.52
CA TYR D 308 -24.11 -4.08 41.85
C TYR D 308 -25.56 -3.81 42.20
N ASN D 309 -26.40 -3.47 41.22
CA ASN D 309 -27.85 -3.46 41.39
C ASN D 309 -28.31 -2.50 42.50
N ILE D 310 -27.70 -1.31 42.56
CA ILE D 310 -27.97 -0.36 43.64
C ILE D 310 -29.16 0.53 43.36
N LEU D 311 -29.86 0.35 42.21
CA LEU D 311 -30.91 1.28 41.78
C LEU D 311 -31.97 1.48 42.86
N GLU D 312 -32.49 0.38 43.43
CA GLU D 312 -33.53 0.50 44.45
C GLU D 312 -33.06 1.35 45.62
N GLU D 313 -31.81 1.16 46.06
CA GLU D 313 -31.32 1.90 47.21
C GLU D 313 -31.32 3.40 46.94
N VAL D 314 -30.79 3.80 45.78
CA VAL D 314 -30.82 5.20 45.40
C VAL D 314 -32.25 5.69 45.23
N ALA D 315 -33.17 4.81 44.82
CA ALA D 315 -34.56 5.21 44.69
C ALA D 315 -35.18 5.55 46.05
N LYS D 316 -35.00 4.67 47.04
CA LYS D 316 -35.61 4.90 48.36
C LYS D 316 -35.11 6.20 48.96
N LYS D 317 -33.78 6.41 48.95
CA LYS D 317 -33.20 7.64 49.45
C LYS D 317 -33.69 8.87 48.67
N MET D 318 -34.10 8.69 47.41
CA MET D 318 -34.66 9.78 46.61
C MET D 318 -36.16 9.99 46.82
N ASN D 319 -36.84 9.08 47.55
CA ASN D 319 -38.28 9.18 47.80
C ASN D 319 -39.08 9.10 46.49
N LEU D 320 -38.76 8.10 45.68
CA LEU D 320 -39.44 7.88 44.41
C LEU D 320 -40.51 6.82 44.56
N ASP D 321 -41.58 6.97 43.79
CA ASP D 321 -42.67 6.01 43.78
C ASP D 321 -42.17 4.73 43.11
N MET D 322 -41.90 3.70 43.91
CA MET D 322 -41.49 2.41 43.38
C MET D 322 -42.65 1.44 43.19
N ARG D 323 -43.89 1.94 43.20
CA ARG D 323 -45.06 1.07 43.05
C ARG D 323 -45.09 0.40 41.68
N LYS D 324 -44.84 1.16 40.61
CA LYS D 324 -44.92 0.63 39.25
C LYS D 324 -43.85 1.27 38.38
N THR D 325 -43.57 0.60 37.24
CA THR D 325 -42.49 1.08 36.39
C THR D 325 -42.80 2.42 35.75
N SER D 326 -44.07 2.82 35.68
CA SER D 326 -44.48 3.99 34.92
C SER D 326 -44.05 5.29 35.57
N SER D 327 -43.67 5.28 36.85
CA SER D 327 -43.05 6.47 37.40
C SER D 327 -41.65 6.69 36.84
N LEU D 328 -41.08 5.69 36.18
CA LEU D 328 -39.71 5.76 35.66
C LEU D 328 -38.71 5.99 36.79
N TRP D 329 -38.97 5.38 37.96
CA TRP D 329 -38.06 5.55 39.08
C TRP D 329 -36.67 4.97 38.77
N LYS D 330 -36.60 3.86 38.03
CA LYS D 330 -35.32 3.38 37.58
C LYS D 330 -34.59 4.45 36.76
N ASP D 331 -35.30 5.06 35.80
CA ASP D 331 -34.69 6.05 34.93
C ASP D 331 -34.23 7.28 35.71
N GLN D 332 -34.93 7.63 36.78
CA GLN D 332 -34.55 8.83 37.51
C GLN D 332 -33.30 8.60 38.34
N ALA D 333 -33.30 7.53 39.15
CA ALA D 333 -32.11 7.21 39.92
C ALA D 333 -30.92 6.99 39.00
N LEU D 334 -31.16 6.35 37.86
CA LEU D 334 -30.06 6.04 36.95
C LEU D 334 -29.36 7.31 36.52
N VAL D 335 -30.12 8.39 36.28
CA VAL D 335 -29.47 9.64 35.89
C VAL D 335 -28.66 10.22 37.06
N GLU D 336 -29.28 10.28 38.24
CA GLU D 336 -28.60 10.85 39.39
C GLU D 336 -27.28 10.14 39.67
N ILE D 337 -27.30 8.80 39.64
CA ILE D 337 -26.09 8.03 39.89
C ILE D 337 -24.99 8.44 38.91
N ASN D 338 -25.34 8.64 37.64
CA ASN D 338 -24.36 9.00 36.63
C ASN D 338 -23.91 10.44 36.77
N ILE D 339 -24.77 11.33 37.25
CA ILE D 339 -24.29 12.68 37.56
C ILE D 339 -23.22 12.60 38.65
N ALA D 340 -23.40 11.70 39.62
CA ALA D 340 -22.47 11.63 40.75
C ALA D 340 -21.11 11.07 40.33
N VAL D 341 -21.12 10.01 39.53
CA VAL D 341 -19.87 9.42 39.06
C VAL D 341 -19.07 10.47 38.28
N LEU D 342 -19.74 11.20 37.39
CA LEU D 342 -19.06 12.28 36.67
C LEU D 342 -18.52 13.34 37.64
N TYR D 343 -19.34 13.75 38.59
CA TYR D 343 -18.94 14.80 39.51
C TYR D 343 -17.74 14.36 40.36
N SER D 344 -17.73 13.12 40.82
CA SER D 344 -16.67 12.70 41.72
C SER D 344 -15.33 12.61 41.00
N PHE D 345 -15.31 11.94 39.84
CA PHE D 345 -14.08 11.83 39.07
C PHE D 345 -13.50 13.19 38.70
N GLN D 346 -14.36 14.12 38.26
CA GLN D 346 -13.84 15.44 37.89
C GLN D 346 -13.35 16.20 39.10
N SER D 347 -13.98 15.97 40.26
CA SER D 347 -13.58 16.63 41.49
C SER D 347 -12.17 16.23 41.88
N ASP D 348 -11.81 14.95 41.68
CA ASP D 348 -10.47 14.48 41.98
C ASP D 348 -9.52 14.57 40.78
N LYS D 349 -9.90 15.36 39.76
CA LYS D 349 -9.07 15.58 38.58
C LYS D 349 -8.58 14.27 37.96
N VAL D 350 -9.38 13.21 38.12
CA VAL D 350 -9.17 11.93 37.44
C VAL D 350 -9.90 11.98 36.11
N THR D 351 -9.20 11.64 35.02
CA THR D 351 -9.79 11.73 33.69
C THR D 351 -11.08 10.93 33.63
N ILE D 352 -12.04 11.44 32.87
CA ILE D 352 -13.33 10.79 32.62
C ILE D 352 -14.02 11.59 31.54
N VAL D 353 -14.85 10.92 30.74
CA VAL D 353 -15.57 11.55 29.63
C VAL D 353 -17.05 11.19 29.75
N ASP D 354 -17.92 12.17 29.56
CA ASP D 354 -19.33 11.82 29.56
C ASP D 354 -19.73 11.24 28.20
N HIS D 355 -20.91 10.62 28.17
CA HIS D 355 -21.33 9.98 26.93
C HIS D 355 -21.71 10.99 25.84
N HIS D 356 -22.09 12.22 26.21
CA HIS D 356 -22.34 13.23 25.17
C HIS D 356 -21.04 13.65 24.49
N SER D 357 -20.00 13.90 25.28
CA SER D 357 -18.72 14.30 24.69
C SER D 357 -18.04 13.14 23.96
N ALA D 358 -18.06 11.94 24.55
CA ALA D 358 -17.44 10.77 23.90
C ALA D 358 -18.08 10.47 22.55
N THR D 359 -19.43 10.55 22.48
CA THR D 359 -20.10 10.20 21.24
C THR D 359 -19.91 11.27 20.18
N GLU D 360 -19.92 12.55 20.57
CA GLU D 360 -19.62 13.60 19.59
C GLU D 360 -18.21 13.44 19.02
N SER D 361 -17.22 13.17 19.88
CA SER D 361 -15.87 12.93 19.40
CA SER D 361 -15.87 12.94 19.38
C SER D 361 -15.84 11.77 18.41
N PHE D 362 -16.65 10.74 18.66
CA PHE D 362 -16.60 9.59 17.77
C PHE D 362 -17.15 9.93 16.38
N ILE D 363 -18.18 10.78 16.32
CA ILE D 363 -18.69 11.24 15.04
C ILE D 363 -17.61 12.01 14.29
N LYS D 364 -16.93 12.92 14.98
CA LYS D 364 -15.75 13.56 14.41
C LYS D 364 -14.72 12.53 13.95
N HIS D 365 -14.45 11.52 14.78
CA HIS D 365 -13.46 10.51 14.40
C HIS D 365 -13.91 9.78 13.13
N MET D 366 -15.20 9.40 13.07
CA MET D 366 -15.78 8.79 11.88
C MET D 366 -15.53 9.66 10.64
N GLU D 367 -15.88 10.95 10.71
CA GLU D 367 -15.62 11.87 9.60
CA GLU D 367 -15.61 11.87 9.61
C GLU D 367 -14.18 11.70 9.10
N ASN D 368 -13.23 11.86 10.03
CA ASN D 368 -11.80 11.77 9.72
C ASN D 368 -11.46 10.49 8.99
N GLU D 369 -11.87 9.35 9.53
CA GLU D 369 -11.52 8.07 8.94
C GLU D 369 -12.07 7.93 7.53
N TYR D 370 -13.31 8.40 7.29
CA TYR D 370 -13.86 8.36 5.94
C TYR D 370 -13.12 9.33 5.03
N ARG D 371 -12.65 10.46 5.57
CA ARG D 371 -11.93 11.45 4.76
C ARG D 371 -10.61 10.88 4.23
N CYS D 372 -9.85 10.17 5.05
CA CYS D 372 -8.51 9.75 4.64
C CYS D 372 -8.35 8.26 4.42
N ARG D 373 -9.12 7.42 5.10
CA ARG D 373 -8.97 5.97 4.98
C ARG D 373 -10.07 5.31 4.13
N GLY D 374 -11.13 6.02 3.77
CA GLY D 374 -12.19 5.42 2.97
C GLY D 374 -13.20 4.61 3.75
N GLY D 375 -13.33 4.83 5.04
CA GLY D 375 -14.28 4.10 5.86
C GLY D 375 -13.78 3.92 7.27
N CYS D 376 -14.66 3.38 8.12
CA CYS D 376 -14.38 3.18 9.54
C CYS D 376 -15.31 2.15 10.17
N PRO D 377 -14.80 0.98 10.57
CA PRO D 377 -15.69 -0.04 11.15
C PRO D 377 -16.25 0.41 12.49
N ALA D 378 -17.56 0.25 12.66
CA ALA D 378 -18.26 0.70 13.85
C ALA D 378 -19.45 -0.20 14.09
N ASP D 379 -19.66 -0.56 15.35
CA ASP D 379 -20.70 -1.48 15.75
C ASP D 379 -21.77 -0.68 16.50
N TRP D 380 -22.86 -0.33 15.79
CA TRP D 380 -23.87 0.55 16.36
C TRP D 380 -24.35 0.07 17.73
N VAL D 381 -24.53 -1.24 17.88
CA VAL D 381 -25.04 -1.85 19.11
C VAL D 381 -24.16 -1.52 20.32
N TRP D 382 -22.85 -1.37 20.12
CA TRP D 382 -21.92 -1.08 21.21
C TRP D 382 -21.55 0.39 21.32
N ILE D 383 -21.54 1.12 20.22
CA ILE D 383 -21.20 2.54 20.22
C ILE D 383 -22.27 3.37 20.92
N VAL D 384 -23.55 3.02 20.76
CA VAL D 384 -24.62 3.81 21.37
C VAL D 384 -24.60 3.59 22.86
N PRO D 385 -24.51 4.66 23.67
CA PRO D 385 -24.35 4.48 25.10
C PRO D 385 -25.58 3.84 25.71
N PRO D 386 -25.43 3.14 26.83
CA PRO D 386 -26.57 2.43 27.42
C PRO D 386 -27.57 3.30 28.16
N MET D 387 -27.51 4.62 28.01
CA MET D 387 -28.56 5.48 28.53
C MET D 387 -28.64 6.70 27.63
N SER D 388 -29.87 7.20 27.43
CA SER D 388 -30.13 8.38 26.60
C SER D 388 -29.63 8.18 25.17
N GLY D 389 -29.77 6.97 24.66
CA GLY D 389 -29.31 6.70 23.31
C GLY D 389 -29.67 7.74 22.26
N SER D 390 -30.98 8.00 22.08
CA SER D 390 -31.38 8.85 20.96
C SER D 390 -30.96 10.30 21.11
N ILE D 391 -30.67 10.79 22.31
CA ILE D 391 -30.24 12.20 22.40
C ILE D 391 -28.71 12.32 22.31
N THR D 392 -28.05 11.31 21.75
CA THR D 392 -26.65 11.43 21.43
C THR D 392 -26.45 11.26 19.93
N PRO D 393 -25.39 11.85 19.36
CA PRO D 393 -25.30 11.91 17.89
C PRO D 393 -25.01 10.59 17.22
N VAL D 394 -24.63 9.56 17.97
CA VAL D 394 -24.35 8.30 17.32
C VAL D 394 -25.62 7.53 17.04
N PHE D 395 -26.68 7.77 17.84
CA PHE D 395 -27.94 7.05 17.64
C PHE D 395 -28.50 7.26 16.24
N HIS D 396 -28.40 8.47 15.71
CA HIS D 396 -28.90 8.75 14.39
C HIS D 396 -27.86 8.54 13.29
N GLN D 397 -26.72 7.92 13.61
CA GLN D 397 -25.65 7.72 12.64
C GLN D 397 -25.65 6.27 12.15
N GLU D 398 -25.84 6.08 10.85
CA GLU D 398 -25.67 4.76 10.26
C GLU D 398 -24.20 4.33 10.34
N MET D 399 -23.96 3.03 10.50
CA MET D 399 -22.61 2.51 10.61
C MET D 399 -22.48 1.20 9.85
N LEU D 400 -21.31 0.99 9.26
CA LEU D 400 -20.90 -0.30 8.71
C LEU D 400 -19.97 -0.99 9.70
N ASN D 401 -20.18 -2.28 9.89
CA ASN D 401 -19.35 -3.09 10.76
C ASN D 401 -18.68 -4.15 9.92
N TYR D 402 -17.37 -4.29 10.10
CA TYR D 402 -16.56 -5.29 9.42
C TYR D 402 -15.23 -5.45 10.16
N ARG D 403 -14.53 -6.53 9.86
CA ARG D 403 -13.39 -6.97 10.65
C ARG D 403 -12.11 -6.72 9.87
N LEU D 404 -11.30 -5.80 10.39
CA LEU D 404 -9.97 -5.49 9.87
C LEU D 404 -8.91 -6.10 10.78
N THR D 405 -7.79 -6.53 10.16
CA THR D 405 -6.62 -6.99 10.90
C THR D 405 -5.48 -6.00 10.74
N PRO D 406 -4.67 -5.76 11.79
CA PRO D 406 -4.64 -6.30 13.16
C PRO D 406 -5.90 -6.04 13.99
N SER D 407 -6.16 -6.89 14.98
CA SER D 407 -7.36 -6.72 15.80
C SER D 407 -7.14 -7.30 17.20
N PHE D 408 -7.96 -6.79 18.13
CA PHE D 408 -8.19 -7.45 19.40
C PHE D 408 -9.25 -8.52 19.23
N GLU D 409 -9.04 -9.68 19.86
CA GLU D 409 -9.95 -10.81 19.76
C GLU D 409 -10.26 -11.31 21.15
N TYR D 410 -11.41 -11.97 21.27
CA TYR D 410 -11.75 -12.68 22.49
C TYR D 410 -11.03 -14.02 22.54
N GLN D 411 -10.90 -14.56 23.75
CA GLN D 411 -10.28 -15.85 23.94
C GLN D 411 -10.96 -16.53 25.13
N PRO D 412 -11.03 -17.85 25.14
CA PRO D 412 -11.68 -18.52 26.27
C PRO D 412 -10.90 -18.25 27.54
N ASP D 413 -11.61 -18.31 28.66
CA ASP D 413 -10.96 -18.10 29.95
C ASP D 413 -9.91 -19.18 30.18
N PRO D 414 -8.73 -18.82 30.70
CA PRO D 414 -7.65 -19.81 30.77
C PRO D 414 -8.00 -21.01 31.64
N TRP D 415 -8.86 -20.85 32.63
CA TRP D 415 -9.15 -21.98 33.51
C TRP D 415 -10.07 -23.02 32.87
N ASN D 416 -10.75 -22.71 31.76
CA ASN D 416 -11.48 -23.75 31.05
C ASN D 416 -10.56 -24.68 30.28
N THR D 417 -9.35 -24.22 29.97
CA THR D 417 -8.43 -24.92 29.08
C THR D 417 -7.11 -25.29 29.74
N HIS D 418 -6.87 -24.87 30.99
CA HIS D 418 -5.54 -24.98 31.58
C HIS D 418 -5.25 -26.39 32.07
N VAL D 419 -4.01 -26.83 31.89
CA VAL D 419 -3.54 -28.14 32.32
C VAL D 419 -2.60 -27.93 33.51
N TRP D 420 -3.07 -28.26 34.71
CA TRP D 420 -2.35 -27.97 35.95
C TRP D 420 -1.23 -28.97 36.21
N LYS D 421 -0.31 -28.61 37.10
CA LYS D 421 0.74 -29.54 37.55
C LYS D 421 1.32 -29.17 38.92
CHA HEM E . 15.40 3.22 -24.51
CHB HEM E . 16.41 5.41 -28.72
CHC HEM E . 11.85 7.26 -28.93
CHD HEM E . 11.01 5.39 -24.58
C1A HEM E . 16.03 3.52 -25.70
C2A HEM E . 17.17 2.84 -26.31
C3A HEM E . 17.44 3.44 -27.46
C4A HEM E . 16.50 4.53 -27.65
CMA HEM E . 18.59 3.05 -28.42
CAA HEM E . 17.93 1.62 -25.74
CBA HEM E . 17.26 0.38 -26.33
CGA HEM E . 18.10 -0.88 -26.26
O1A HEM E . 19.32 -0.79 -26.49
O2A HEM E . 17.54 -1.97 -25.98
C1B HEM E . 15.27 6.07 -29.15
C2B HEM E . 15.12 6.82 -30.39
C3B HEM E . 13.89 7.34 -30.44
C4B HEM E . 13.18 6.94 -29.23
CMB HEM E . 16.19 7.03 -31.49
CAB HEM E . 13.35 8.20 -31.62
CBB HEM E . 12.32 9.03 -31.49
C1C HEM E . 11.16 6.92 -27.80
C2C HEM E . 9.78 7.19 -27.43
C3C HEM E . 9.56 6.63 -26.23
C4C HEM E . 10.80 6.05 -25.77
CMC HEM E . 8.70 7.93 -28.29
CAC HEM E . 8.29 6.66 -25.37
CBC HEM E . 7.45 7.69 -25.36
C1D HEM E . 12.11 4.64 -24.21
C2D HEM E . 12.20 3.90 -22.96
C3D HEM E . 13.41 3.29 -22.92
C4D HEM E . 14.11 3.64 -24.16
CMD HEM E . 11.03 3.92 -21.95
CAD HEM E . 14.06 2.39 -21.84
CBD HEM E . 13.12 1.78 -20.81
CGD HEM E . 13.81 0.88 -19.82
O1D HEM E . 14.27 -0.20 -20.27
O2D HEM E . 13.85 1.21 -18.59
NA HEM E . 15.66 4.54 -26.55
NB HEM E . 14.08 6.17 -28.46
NC HEM E . 11.72 6.22 -26.76
ND HEM E . 13.28 4.48 -24.91
FE HEM E . 13.75 5.57 -26.53
N1 H4B F . 22.38 -0.99 -23.15
C2 H4B F . 21.39 -0.94 -24.08
N2 H4B F . 21.25 0.20 -24.82
N3 H4B F . 20.56 -2.00 -24.26
C4 H4B F . 20.71 -3.13 -23.51
O4 H4B F . 19.95 -4.11 -23.67
C4A H4B F . 21.72 -3.19 -22.57
C8A H4B F . 22.56 -2.10 -22.40
N5 H4B F . 21.88 -4.29 -21.81
N8 H4B F . 23.54 -2.11 -21.50
C6 H4B F . 22.57 -4.11 -20.55
C7 H4B F . 23.85 -3.29 -20.70
C9 H4B F . 22.88 -5.44 -19.90
O9 H4B F . 23.32 -6.38 -20.89
C10 H4B F . 23.93 -5.23 -18.81
C11 H4B F . 24.26 -6.53 -18.07
O10 H4B F . 23.48 -4.26 -17.86
C11 A1BUD G . 10.49 3.95 -28.79
C02 A1BUD G . 13.78 2.95 -30.37
C03 A1BUD G . 12.55 3.58 -30.18
C04 A1BUD G . 11.82 3.29 -29.03
C05 A1BUD G . 12.32 2.38 -28.11
C06 A1BUD G . 11.60 2.09 -26.96
C07 A1BUD G . 12.11 1.18 -26.04
C08 A1BUD G . 13.33 0.56 -26.26
C09 A1BUD G . 14.05 0.83 -27.42
C10 A1BUD G . 13.54 1.76 -28.35
C21 A1BUD G . 13.78 -0.46 -25.26
C22 A1BUD G . 13.92 -0.24 -23.89
C23 A1BUD G . 14.30 -1.28 -23.04
C24 A1BUD G . 14.52 -2.55 -23.56
C25 A1BUD G . 14.36 -2.78 -24.92
C26 A1BUD G . 13.97 -1.74 -25.76
C27 A1BUD G . 14.57 -4.16 -25.51
F12 A1BUD G . 11.42 0.89 -24.92
N01 A1BUD G . 14.23 2.05 -29.47
N02 A1BUD G . 14.50 3.23 -31.49
N28 A1BUD G . 13.49 -5.01 -25.02
C1 GOL H . 1.04 16.80 -29.85
O1 GOL H . 2.34 17.28 -29.52
C2 GOL H . 0.42 16.04 -28.68
O2 GOL H . -0.38 14.92 -29.09
C3 GOL H . -0.37 16.98 -27.79
O3 GOL H . 0.33 18.19 -27.68
C1 GOL I . -5.26 -1.85 5.88
O1 GOL I . -6.36 -2.18 6.70
C2 GOL I . -4.97 -0.34 5.86
O2 GOL I . -5.46 0.33 7.00
C3 GOL I . -5.52 0.27 4.58
O3 GOL I . -4.70 1.33 4.12
ZN ZN J . 24.80 3.00 -8.30
CHA HEM K . 42.34 -0.70 -14.73
CHB HEM K . 43.82 -4.05 -17.85
CHC HEM K . 47.20 -5.47 -14.60
CHD HEM K . 45.36 -2.49 -11.32
C1A HEM K . 42.52 -1.39 -15.90
C2A HEM K . 41.97 -1.06 -17.21
C3A HEM K . 42.38 -2.00 -18.07
C4A HEM K . 43.20 -2.94 -17.35
CMA HEM K . 42.03 -2.05 -19.58
CAA HEM K . 41.10 0.15 -17.58
CBA HEM K . 42.04 1.31 -17.88
CGA HEM K . 41.33 2.31 -18.74
O1A HEM K . 40.71 1.88 -19.73
O2A HEM K . 41.40 3.54 -18.48
C1B HEM K . 44.85 -4.69 -17.22
C2B HEM K . 45.58 -5.79 -17.82
C3B HEM K . 46.50 -6.20 -16.96
C4B HEM K . 46.40 -5.38 -15.75
CMB HEM K . 45.31 -6.36 -19.22
CAB HEM K . 47.47 -7.36 -17.30
CBB HEM K . 48.37 -7.83 -16.44
C1C HEM K . 47.05 -4.80 -13.40
C2C HEM K . 47.90 -4.87 -12.21
C3C HEM K . 47.37 -4.02 -11.30
C4C HEM K . 46.19 -3.41 -11.90
CMC HEM K . 49.18 -5.74 -12.05
CAC HEM K . 47.83 -3.72 -9.85
CBC HEM K . 48.72 -4.47 -9.18
C1D HEM K . 44.39 -1.77 -12.00
C2D HEM K . 43.61 -0.73 -11.39
C3D HEM K . 42.77 -0.24 -12.31
C4D HEM K . 43.01 -0.94 -13.55
CMD HEM K . 43.82 -0.38 -9.89
CAD HEM K . 41.71 0.87 -12.20
CBD HEM K . 42.21 2.06 -11.42
CGD HEM K . 41.07 3.01 -11.21
O1D HEM K . 41.06 4.00 -11.97
O2D HEM K . 40.20 2.78 -10.31
NA HEM K . 43.26 -2.54 -16.02
NB HEM K . 45.37 -4.46 -15.94
NC HEM K . 46.05 -3.90 -13.15
ND HEM K . 43.99 -1.89 -13.33
FE HEM K . 44.42 -3.42 -14.47
N1 H4B L . 36.25 3.07 -19.01
C2 H4B L . 37.59 2.92 -19.15
N2 H4B L . 38.07 1.66 -19.37
N3 H4B L . 38.42 3.98 -19.09
C4 H4B L . 37.92 5.22 -18.86
O4 H4B L . 38.67 6.23 -18.79
C4A H4B L . 36.57 5.39 -18.71
C8A H4B L . 35.74 4.30 -18.78
N5 H4B L . 36.06 6.63 -18.48
N8 H4B L . 34.40 4.44 -18.64
C6 H4B L . 34.74 6.72 -17.88
C7 H4B L . 33.76 5.74 -18.53
C9 H4B L . 34.21 8.15 -17.96
O9 H4B L . 34.68 8.71 -19.19
C10 H4B L . 32.69 8.24 -17.84
C11 H4B L . 32.21 9.69 -17.92
O10 H4B L . 32.20 7.69 -16.60
C11 A1BUD M . 48.55 -2.19 -14.38
C02 A1BUD M . 47.03 -2.04 -17.86
C03 A1BUD M . 47.81 -2.48 -16.77
C04 A1BUD M . 47.74 -1.77 -15.57
C05 A1BUD M . 46.92 -0.65 -15.50
C06 A1BUD M . 46.81 0.09 -14.33
C07 A1BUD M . 45.97 1.21 -14.26
C08 A1BUD M . 45.25 1.59 -15.39
C09 A1BUD M . 45.37 0.86 -16.56
C10 A1BUD M . 46.19 -0.26 -16.60
C21 A1BUD M . 44.37 2.80 -15.39
C22 A1BUD M . 43.57 3.13 -14.31
C23 A1BUD M . 42.81 4.29 -14.34
C24 A1BUD M . 42.84 5.11 -15.47
C25 A1BUD M . 43.63 4.78 -16.56
C26 A1BUD M . 44.41 3.62 -16.51
C27 A1BUD M . 43.65 5.70 -17.78
F12 A1BUD M . 45.90 1.90 -13.11
N01 A1BUD M . 46.27 -0.96 -17.75
N02 A1BUD M . 47.03 -2.65 -19.06
N28 A1BUD M . 45.01 6.25 -18.02
C1 GOL N . 36.62 -11.13 2.86
O1 GOL N . 36.90 -9.87 3.44
C2 GOL N . 37.88 -11.65 2.18
O2 GOL N . 38.49 -10.66 1.37
C3 GOL N . 37.57 -12.91 1.38
O3 GOL N . 38.57 -13.06 0.40
CHA HEM O . -42.45 -0.39 15.07
CHB HEM O . -44.51 -0.39 19.45
CHC HEM O . -48.60 -2.20 17.41
CHD HEM O . -46.30 -2.76 13.21
C1A HEM O . -42.69 -0.11 16.40
C2A HEM O . -41.87 0.72 17.28
C3A HEM O . -42.44 0.71 18.49
C4A HEM O . -43.63 -0.12 18.42
CMA HEM O . -41.92 1.48 19.73
CAA HEM O . -40.61 1.48 16.88
CBA HEM O . -41.07 2.77 16.18
CGA HEM O . -40.01 3.84 16.35
O1A HEM O . -39.41 3.92 17.44
O2A HEM O . -39.78 4.63 15.40
C1B HEM O . -45.79 -0.86 19.24
C2B HEM O . -46.79 -1.01 20.29
C3B HEM O . -47.90 -1.50 19.75
C4B HEM O . -47.66 -1.71 18.32
CMB HEM O . -46.62 -0.66 21.78
CAB HEM O . -49.16 -1.76 20.62
CBB HEM O . -50.32 -2.25 20.17
C1C HEM O . -48.38 -2.50 16.08
C2C HEM O . -49.36 -2.94 15.11
C3C HEM O . -48.69 -3.07 13.94
C4C HEM O . -47.29 -2.74 14.15
CMC HEM O . -50.86 -3.19 15.37
CAC HEM O . -49.21 -3.57 12.58
CBC HEM O . -50.18 -4.49 12.53
C1D HEM O . -45.05 -2.15 13.35
C2D HEM O . -44.04 -2.05 12.32
C3D HEM O . -42.99 -1.41 12.85
C4D HEM O . -43.29 -1.06 14.21
CMD HEM O . -44.24 -2.64 10.90
CAD HEM O . -41.63 -1.04 12.21
CBD HEM O . -41.73 -0.53 10.79
CGD HEM O . -40.33 -0.44 10.28
O1D HEM O . -39.81 0.70 10.34
O2D HEM O . -39.75 -1.48 9.82
NA HEM O . -43.73 -0.61 17.13
NB HEM O . -46.35 -1.32 18.04
NC HEM O . -47.15 -2.39 15.46
ND HEM O . -44.56 -1.54 14.50
FE HEM O . -45.32 -1.83 16.32
N1 H4B P . -34.87 2.57 16.99
C2 H4B P . -36.17 2.97 17.06
N2 H4B P . -37.02 2.36 17.93
N3 H4B P . -36.61 3.99 16.30
C4 H4B P . -35.78 4.61 15.43
O4 H4B P . -36.20 5.54 14.71
C4A H4B P . -34.46 4.21 15.33
C8A H4B P . -34.02 3.18 16.14
N5 H4B P . -33.62 4.82 14.47
N8 H4B P . -32.73 2.75 16.08
C6 H4B P . -32.41 4.08 14.09
C7 H4B P . -31.73 3.46 15.30
C9 H4B P . -31.40 4.97 13.38
O9 H4B P . -31.15 6.09 14.22
C10 H4B P . -30.09 4.23 13.09
C11 H4B P . -29.10 5.16 12.40
O10 H4B P . -30.31 3.10 12.25
C11 A1BUD Q . -48.71 0.36 14.90
C02 A1BUD Q . -46.86 2.07 17.74
C03 A1BUD Q . -47.84 1.35 17.06
C04 A1BUD Q . -47.69 1.11 15.70
C05 A1BUD Q . -46.57 1.60 15.05
C06 A1BUD Q . -46.39 1.39 13.68
C07 A1BUD Q . -45.24 1.87 13.05
C08 A1BUD Q . -44.30 2.59 13.78
C09 A1BUD Q . -44.50 2.81 15.13
C10 A1BUD Q . -45.63 2.32 15.77
C21 A1BUD Q . -43.09 3.19 13.18
C22 A1BUD Q . -42.21 2.58 12.30
C23 A1BUD Q . -41.13 3.31 11.81
C24 A1BUD Q . -40.93 4.64 12.19
C25 A1BUD Q . -41.83 5.26 13.06
C26 A1BUD Q . -42.90 4.52 13.54
C27 A1BUD Q . -41.66 6.69 13.50
F12 A1BUD Q . -45.07 1.66 11.72
N01 A1BUD Q . -45.81 2.54 17.09
N02 A1BUD Q . -46.94 2.33 19.08
N28 A1BUD Q . -41.90 7.63 12.37
C1 GOL R . -43.43 -18.89 8.42
O1 GOL R . -42.72 -20.00 7.93
C2 GOL R . -44.44 -19.41 9.43
O2 GOL R . -44.70 -18.45 10.42
C3 GOL R . -43.93 -20.68 10.09
O3 GOL R . -44.75 -20.95 11.21
C1 GOL S . -60.14 -10.48 15.17
O1 GOL S . -58.80 -10.80 15.55
C2 GOL S . -60.49 -11.23 13.89
O2 GOL S . -59.91 -12.51 13.95
C3 GOL S . -60.01 -10.48 12.66
O3 GOL S . -60.59 -9.20 12.55
ZN ZN T . -25.73 -7.98 10.16
CHA HEM U . -14.78 -1.15 23.92
CHB HEM U . -14.48 3.42 25.47
CHC HEM U . -9.57 3.17 25.08
CHD HEM U . -9.99 -1.09 22.95
C1A HEM U . -15.13 0.04 24.51
C2A HEM U . -16.35 0.37 25.19
C3A HEM U . -16.28 1.63 25.63
C4A HEM U . -14.99 2.16 25.23
CMA HEM U . -17.39 2.38 26.40
CAA HEM U . -17.56 -0.55 25.43
CBA HEM U . -17.33 -1.07 26.85
CGA HEM U . -18.43 -1.97 27.32
O1A HEM U . -19.59 -1.51 27.34
O2A HEM U . -18.12 -3.13 27.71
C1B HEM U . -13.12 3.72 25.53
C2B HEM U . -12.53 4.96 26.06
C3B HEM U . -11.21 4.89 25.93
C4B HEM U . -10.88 3.62 25.33
CMB HEM U . -13.27 6.18 26.66
CAB HEM U . -10.26 6.03 26.40
CBB HEM U . -9.03 6.16 25.90
C1C HEM U . -9.19 1.99 24.49
C2C HEM U . -7.85 1.51 24.21
C3C HEM U . -7.98 0.29 23.63
C4C HEM U . -9.39 0.02 23.49
CMC HEM U . -6.53 2.24 24.59
CAC HEM U . -6.89 -0.67 23.11
CBC HEM U . -5.63 -0.29 22.91
C1D HEM U . -11.31 -1.46 23.06
C2D HEM U . -11.83 -2.71 22.58
C3D HEM U . -13.15 -2.74 22.83
C4D HEM U . -13.50 -1.51 23.50
CMD HEM U . -10.90 -3.72 21.88
CAD HEM U . -14.22 -3.84 22.52
CBD HEM U . -13.63 -5.23 22.29
CGD HEM U . -14.70 -6.25 22.03
O1D HEM U . -15.36 -6.62 23.03
O2D HEM U . -14.88 -6.68 20.86
NA HEM U . -14.32 1.15 24.56
NB HEM U . -12.07 2.93 25.09
NC HEM U . -10.07 1.06 24.04
ND HEM U . -12.35 -0.73 23.61
FE HEM U . -12.24 1.20 24.07
N1 H4B V . -22.95 -2.35 24.40
C2 H4B V . -21.89 -2.08 25.20
N2 H4B V . -21.24 -0.88 25.11
N3 H4B V . -21.48 -2.98 26.10
C4 H4B V . -22.10 -4.19 26.23
O4 H4B V . -21.70 -5.03 27.07
C4A H4B V . -23.17 -4.48 25.42
C8A H4B V . -23.60 -3.53 24.49
N5 H4B V . -23.80 -5.67 25.51
N8 H4B V . -24.64 -3.80 23.68
C6 H4B V . -24.50 -6.13 24.33
C7 H4B V . -25.40 -5.04 23.78
C9 H4B V . -25.28 -7.40 24.61
O9 H4B V . -25.90 -7.28 25.90
C10 H4B V . -26.32 -7.62 23.50
C11 H4B V . -27.12 -8.90 23.69
O10 H4B V . -25.63 -7.70 22.24
C11 A1BUD W . -9.52 0.35 27.17
C02 A1BUD W . -12.68 1.80 28.69
C03 A1BUD W . -11.35 1.68 28.26
C04 A1BUD W . -10.94 0.52 27.65
C05 A1BUD W . -11.85 -0.52 27.46
C06 A1BUD W . -11.44 -1.68 26.83
C07 A1BUD W . -12.33 -2.72 26.63
C08 A1BUD W . -13.66 -2.60 27.06
C09 A1BUD W . -14.06 -1.43 27.71
C10 A1BUD W . -13.16 -0.39 27.91
C21 A1BUD W . -14.57 -3.77 26.89
C22 A1BUD W . -14.74 -4.49 25.71
C23 A1BUD W . -15.59 -5.60 25.70
C24 A1BUD W . -16.23 -6.01 26.86
C25 A1BUD W . -16.03 -5.31 28.04
C26 A1BUD W . -15.19 -4.21 28.05
C27 A1BUD W . -16.72 -5.73 29.31
F12 A1BUD W . -11.89 -3.84 26.02
N01 A1BUD W . -13.53 0.76 28.51
N02 A1BUD W . -13.11 2.93 29.30
N28 A1BUD W . -16.43 -7.15 29.57
C1 GOL X . 3.46 6.88 21.23
O1 GOL X . 2.31 7.10 20.41
C2 GOL X . 4.53 6.01 20.57
O2 GOL X . 4.58 6.18 19.18
C3 GOL X . 4.35 4.53 20.91
O3 GOL X . 4.49 4.29 22.29
#